data_2R5K
#
_entry.id   2R5K
#
_cell.length_a   115.710
_cell.length_b   159.970
_cell.length_c   158.440
_cell.angle_alpha   90.00
_cell.angle_beta   101.83
_cell.angle_gamma   90.00
#
_symmetry.space_group_name_H-M   'C 1 2 1'
#
_entity_poly.entity_id   1
_entity_poly.type   'polypeptide(L)'
_entity_poly.pdbx_seq_one_letter_code
;AVVATDAYVKRTNIFYHASSSRLLAVGHPYYSIKKVNKTVVPKVSGYQYRVFKVVLPDPNKFALPDSSLFDPTTQRLVWA
CTGLEVGRGQPLGVGVSGHPLLNKYDDVENSGGYGGNPGQDNRVNVGMDYKQTQLCMVGCAPPLGEHWGKGTQSSNTSVQ
NGDCPPLELITSVIQDGDMVDTGFGAMNFADLQTNKSDVPLDICGTVCKYPDYLQMAADPYGDRLFFYLRKEQMFARHFF
NRAGTVGEPVPDDLLVKGGNNRSSVASSIYVHTPSGSLVSSEAQLFNKPYWLQKAQGHNNGICWGNHLSVTVVDTTRSTN
MTLCASVSKSATYTNSDYKEYMRHVEEFDLQFIFQLCSITLSAEVMAYIHTMNPSVLEDWNGGSGGKQDPYKDMSFWEVN
LKEKFSSELDQFPLGRKFLLQSGY
;
_entity_poly.pdbx_strand_id   A,B,C,D,E
#
# COMPACT_ATOMS: atom_id res chain seq x y z
N ALA A 1 -2.44 -46.93 14.85
CA ALA A 1 -2.94 -45.75 14.08
C ALA A 1 -3.66 -44.79 15.02
N VAL A 2 -3.44 -43.48 14.83
CA VAL A 2 -4.12 -42.49 15.68
C VAL A 2 -5.53 -42.23 15.15
N VAL A 3 -6.51 -42.16 16.05
CA VAL A 3 -7.88 -41.91 15.61
C VAL A 3 -8.37 -40.53 16.02
N ALA A 4 -9.32 -40.00 15.26
CA ALA A 4 -9.88 -38.69 15.54
C ALA A 4 -10.67 -38.74 16.82
N THR A 5 -10.45 -37.75 17.68
CA THR A 5 -11.16 -37.68 18.94
C THR A 5 -12.66 -37.77 18.70
N ASP A 6 -13.13 -37.28 17.56
CA ASP A 6 -14.55 -37.32 17.24
C ASP A 6 -15.12 -38.74 17.25
N ALA A 7 -14.23 -39.73 17.35
CA ALA A 7 -14.66 -41.13 17.34
C ALA A 7 -14.87 -41.78 18.72
N TYR A 8 -14.26 -41.23 19.77
CA TYR A 8 -14.40 -41.80 21.11
C TYR A 8 -14.77 -40.80 22.21
N VAL A 9 -15.14 -39.59 21.81
CA VAL A 9 -15.53 -38.54 22.76
C VAL A 9 -16.92 -38.04 22.42
N LYS A 10 -17.91 -38.43 23.21
CA LYS A 10 -19.29 -37.98 22.96
C LYS A 10 -19.50 -36.55 23.40
N ARG A 11 -20.20 -35.79 22.56
CA ARG A 11 -20.48 -34.39 22.83
C ARG A 11 -21.89 -34.22 23.41
N THR A 12 -22.15 -33.07 24.01
CA THR A 12 -23.45 -32.77 24.60
C THR A 12 -23.90 -31.37 24.19
N ASN A 13 -24.93 -30.85 24.84
CA ASN A 13 -25.41 -29.50 24.55
C ASN A 13 -25.02 -28.55 25.67
N ILE A 14 -24.27 -29.07 26.64
CA ILE A 14 -23.86 -28.27 27.77
C ILE A 14 -22.70 -27.36 27.42
N PHE A 15 -22.96 -26.05 27.38
CA PHE A 15 -21.91 -25.09 27.09
C PHE A 15 -21.75 -24.13 28.26
N TYR A 16 -20.53 -23.72 28.52
CA TYR A 16 -20.26 -22.78 29.61
C TYR A 16 -19.40 -21.64 29.08
N HIS A 17 -19.41 -20.53 29.80
CA HIS A 17 -18.60 -19.38 29.43
C HIS A 17 -17.57 -19.15 30.53
N ALA A 18 -16.42 -18.65 30.13
CA ALA A 18 -15.37 -18.38 31.11
C ALA A 18 -14.47 -17.26 30.63
N SER A 19 -14.08 -16.40 31.55
CA SER A 19 -13.19 -15.30 31.22
C SER A 19 -12.26 -15.01 32.38
N SER A 20 -11.02 -14.67 32.05
CA SER A 20 -10.00 -14.36 33.05
C SER A 20 -10.15 -12.94 33.52
N SER A 21 -10.96 -12.17 32.80
CA SER A 21 -11.16 -10.75 33.07
C SER A 21 -9.83 -10.03 32.84
N ARG A 22 -9.75 -8.77 33.27
CA ARG A 22 -8.56 -7.95 33.06
C ARG A 22 -7.26 -8.50 33.60
N LEU A 23 -6.24 -8.49 32.76
CA LEU A 23 -4.91 -8.97 33.10
C LEU A 23 -3.93 -7.90 32.72
N LEU A 24 -3.12 -7.47 33.68
CA LEU A 24 -2.13 -6.43 33.42
C LEU A 24 -0.71 -6.85 33.68
N ALA A 25 0.19 -6.35 32.84
CA ALA A 25 1.60 -6.63 32.97
C ALA A 25 2.21 -5.25 32.87
N VAL A 26 3.06 -4.88 33.82
CA VAL A 26 3.69 -3.57 33.79
C VAL A 26 5.13 -3.62 34.23
N GLY A 27 6.04 -3.31 33.31
CA GLY A 27 7.44 -3.31 33.64
C GLY A 27 8.32 -2.47 32.72
N HIS A 28 9.58 -2.89 32.65
CA HIS A 28 10.56 -2.22 31.83
C HIS A 28 10.67 -2.99 30.51
N PRO A 29 10.63 -2.29 29.40
CA PRO A 29 10.70 -2.92 28.09
C PRO A 29 11.96 -3.69 27.73
N TYR A 30 13.10 -3.25 28.24
CA TYR A 30 14.37 -3.86 27.89
C TYR A 30 14.99 -4.86 28.86
N TYR A 31 14.91 -4.54 30.14
CA TYR A 31 15.49 -5.45 31.12
C TYR A 31 14.76 -5.30 32.42
N SER A 32 14.88 -6.30 33.29
CA SER A 32 14.24 -6.25 34.58
C SER A 32 15.04 -5.35 35.51
N ILE A 33 14.36 -4.71 36.44
CA ILE A 33 15.02 -3.81 37.39
C ILE A 33 15.03 -4.42 38.79
N LYS A 34 16.13 -5.04 39.16
CA LYS A 34 16.25 -5.64 40.48
C LYS A 34 17.12 -4.68 41.29
N LYS A 35 16.74 -4.39 42.54
CA LYS A 35 17.52 -3.46 43.36
C LYS A 35 18.82 -4.10 43.85
N VAL A 36 19.60 -4.62 42.90
CA VAL A 36 20.89 -5.26 43.17
C VAL A 36 20.66 -6.48 44.08
N ASN A 37 19.43 -6.99 44.10
CA ASN A 37 19.09 -8.14 44.94
C ASN A 37 18.01 -9.02 44.31
N LYS A 38 16.76 -8.66 44.60
CA LYS A 38 15.58 -9.37 44.09
C LYS A 38 14.98 -8.60 42.94
N THR A 39 14.18 -9.28 42.12
CA THR A 39 13.52 -8.65 40.97
C THR A 39 12.27 -7.89 41.41
N VAL A 40 12.23 -6.59 41.16
CA VAL A 40 11.06 -5.81 41.55
C VAL A 40 10.27 -5.46 40.30
N VAL A 41 10.89 -4.68 39.42
CA VAL A 41 10.27 -4.28 38.16
C VAL A 41 10.62 -5.34 37.13
N PRO A 42 9.64 -6.15 36.71
CA PRO A 42 9.89 -7.20 35.73
C PRO A 42 10.02 -6.67 34.32
N LYS A 43 10.59 -7.50 33.46
CA LYS A 43 10.74 -7.12 32.07
C LYS A 43 9.44 -7.42 31.35
N VAL A 44 8.84 -6.40 30.76
CA VAL A 44 7.59 -6.59 30.05
C VAL A 44 7.73 -5.90 28.70
N SER A 45 8.05 -6.67 27.68
CA SER A 45 8.22 -6.07 26.37
C SER A 45 7.09 -6.45 25.47
N GLY A 46 6.84 -5.64 24.45
CA GLY A 46 5.79 -5.96 23.53
C GLY A 46 6.22 -7.12 22.65
N TYR A 47 7.52 -7.27 22.46
CA TYR A 47 8.02 -8.34 21.62
C TYR A 47 8.28 -9.59 22.41
N GLN A 48 7.51 -9.75 23.48
CA GLN A 48 7.59 -10.91 24.36
C GLN A 48 6.47 -11.91 24.06
N TYR A 49 6.68 -13.16 24.43
CA TYR A 49 5.66 -14.18 24.21
C TYR A 49 4.78 -14.21 25.43
N ARG A 50 3.51 -14.52 25.22
CA ARG A 50 2.58 -14.62 26.31
C ARG A 50 1.96 -16.00 26.26
N VAL A 51 2.45 -16.89 27.11
CA VAL A 51 1.94 -18.25 27.14
C VAL A 51 1.08 -18.42 28.36
N PHE A 52 -0.25 -18.35 28.18
CA PHE A 52 -1.16 -18.52 29.30
C PHE A 52 -1.50 -19.98 29.56
N LYS A 53 -1.36 -20.40 30.81
CA LYS A 53 -1.71 -21.77 31.18
C LYS A 53 -3.07 -21.64 31.82
N VAL A 54 -4.12 -21.86 31.02
CA VAL A 54 -5.48 -21.74 31.53
C VAL A 54 -5.98 -23.01 32.20
N VAL A 55 -6.23 -22.91 33.50
CA VAL A 55 -6.71 -24.04 34.28
C VAL A 55 -8.22 -24.05 34.37
N LEU A 56 -8.79 -25.20 34.02
CA LEU A 56 -10.23 -25.39 34.03
C LEU A 56 -10.59 -26.28 35.20
N PRO A 57 -11.85 -26.22 35.65
CA PRO A 57 -12.31 -27.05 36.77
C PRO A 57 -12.58 -28.46 36.26
N ASP A 58 -12.16 -29.46 37.03
CA ASP A 58 -12.37 -30.86 36.65
C ASP A 58 -13.86 -31.20 36.73
N PRO A 59 -14.51 -31.39 35.58
CA PRO A 59 -15.94 -31.71 35.53
C PRO A 59 -16.36 -32.96 36.31
N ASN A 60 -15.41 -33.86 36.53
CA ASN A 60 -15.68 -35.09 37.27
C ASN A 60 -15.79 -34.84 38.80
N LYS A 61 -16.15 -33.62 39.17
CA LYS A 61 -16.31 -33.24 40.57
C LYS A 61 -17.43 -32.22 40.59
N PHE A 62 -17.31 -31.26 39.67
CA PHE A 62 -18.25 -30.16 39.44
C PHE A 62 -19.67 -30.61 39.79
N ALA A 63 -20.46 -29.65 40.29
CA ALA A 63 -21.88 -29.88 40.70
C ALA A 63 -22.89 -29.28 39.70
N LEU A 64 -23.44 -30.14 38.84
CA LEU A 64 -24.40 -29.71 37.83
C LEU A 64 -25.85 -29.57 38.36
N PRO A 65 -26.69 -28.84 37.60
CA PRO A 65 -28.11 -28.64 38.00
C PRO A 65 -28.86 -29.98 37.77
N ASP A 66 -28.22 -30.84 36.96
CA ASP A 66 -28.74 -32.16 36.61
C ASP A 66 -27.61 -33.08 37.07
N SER A 67 -27.90 -34.38 37.12
CA SER A 67 -26.87 -35.36 37.51
C SER A 67 -27.23 -36.79 37.02
N SER A 68 -28.29 -36.87 36.24
CA SER A 68 -28.76 -38.13 35.68
C SER A 68 -28.04 -38.34 34.31
N LEU A 69 -27.36 -37.28 33.87
CA LEU A 69 -26.60 -37.26 32.61
C LEU A 69 -25.69 -38.47 32.28
N PHE A 70 -25.33 -39.29 33.28
CA PHE A 70 -24.45 -40.44 33.00
C PHE A 70 -24.05 -41.34 34.15
N ASP A 71 -23.40 -42.45 33.80
CA ASP A 71 -22.92 -43.44 34.75
C ASP A 71 -21.46 -43.17 35.12
N PRO A 72 -21.22 -42.58 36.30
CA PRO A 72 -19.85 -42.30 36.73
C PRO A 72 -19.01 -43.55 36.88
N THR A 73 -19.61 -44.70 36.57
CA THR A 73 -18.92 -45.98 36.67
C THR A 73 -18.25 -46.41 35.37
N THR A 74 -18.83 -46.04 34.24
CA THR A 74 -18.27 -46.45 32.97
C THR A 74 -17.75 -45.33 32.10
N GLN A 75 -18.10 -44.08 32.42
CA GLN A 75 -17.64 -42.96 31.61
C GLN A 75 -17.09 -41.76 32.41
N ARG A 76 -16.29 -40.95 31.74
CA ARG A 76 -15.66 -39.78 32.35
C ARG A 76 -15.95 -38.50 31.58
N LEU A 77 -15.81 -37.35 32.25
CA LEU A 77 -16.07 -36.06 31.63
C LEU A 77 -14.80 -35.28 31.21
N VAL A 78 -14.92 -34.53 30.11
CA VAL A 78 -13.81 -33.75 29.58
C VAL A 78 -14.31 -32.45 28.99
N TRP A 79 -13.53 -31.39 29.13
CA TRP A 79 -13.89 -30.09 28.59
C TRP A 79 -13.34 -29.93 27.20
N ALA A 80 -14.17 -29.44 26.28
CA ALA A 80 -13.70 -29.24 24.92
C ALA A 80 -13.84 -27.78 24.59
N CYS A 81 -12.78 -27.22 24.00
CA CYS A 81 -12.77 -25.81 23.65
C CYS A 81 -13.62 -25.57 22.40
N THR A 82 -14.63 -24.71 22.53
CA THR A 82 -15.52 -24.41 21.42
C THR A 82 -15.13 -23.13 20.72
N GLY A 83 -14.67 -22.16 21.50
CA GLY A 83 -14.25 -20.89 20.94
C GLY A 83 -13.67 -19.96 21.99
N LEU A 84 -12.85 -19.01 21.55
CA LEU A 84 -12.24 -18.04 22.45
C LEU A 84 -12.06 -16.69 21.79
N GLU A 85 -11.77 -15.70 22.62
CA GLU A 85 -11.52 -14.34 22.16
C GLU A 85 -10.47 -13.73 23.09
N VAL A 86 -9.35 -13.33 22.51
CA VAL A 86 -8.26 -12.73 23.26
C VAL A 86 -8.42 -11.22 23.32
N GLY A 87 -9.03 -10.73 24.39
CA GLY A 87 -9.25 -9.29 24.53
C GLY A 87 -7.96 -8.52 24.66
N ARG A 88 -7.86 -7.38 23.99
CA ARG A 88 -6.64 -6.57 24.07
C ARG A 88 -6.92 -5.10 24.29
N GLY A 89 -6.47 -4.58 25.42
CA GLY A 89 -6.68 -3.18 25.72
C GLY A 89 -5.50 -2.36 25.27
N GLN A 90 -5.44 -1.09 25.67
CA GLN A 90 -4.36 -0.17 25.31
C GLN A 90 -4.42 0.12 23.83
N PRO A 91 -4.06 1.34 23.42
CA PRO A 91 -4.06 1.78 22.02
C PRO A 91 -2.98 1.12 21.15
N LEU A 92 -3.09 1.29 19.83
CA LEU A 92 -2.13 0.71 18.89
C LEU A 92 -0.87 1.55 18.88
N GLY A 93 0.26 0.94 18.57
CA GLY A 93 1.51 1.70 18.53
C GLY A 93 2.72 0.81 18.36
N VAL A 94 3.88 1.40 18.11
CA VAL A 94 5.10 0.61 17.93
C VAL A 94 6.10 0.87 19.06
N GLY A 95 6.93 -0.12 19.31
CA GLY A 95 7.92 0.02 20.37
C GLY A 95 9.36 0.13 19.92
N VAL A 96 10.01 1.17 20.41
CA VAL A 96 11.38 1.43 20.07
C VAL A 96 12.36 0.66 20.94
N SER A 97 13.37 0.08 20.30
CA SER A 97 14.40 -0.66 20.99
C SER A 97 15.71 -0.06 20.54
N GLY A 98 16.76 -0.25 21.31
CA GLY A 98 18.04 0.30 20.91
C GLY A 98 19.16 -0.27 21.74
N HIS A 99 20.31 0.36 21.64
CA HIS A 99 21.51 -0.05 22.37
C HIS A 99 22.46 1.13 22.42
N PRO A 100 22.91 1.51 23.61
CA PRO A 100 23.83 2.65 23.70
C PRO A 100 25.12 2.40 22.94
N LEU A 101 25.55 1.13 22.94
CA LEU A 101 26.80 0.73 22.30
C LEU A 101 26.63 -0.38 21.28
N LEU A 102 25.89 -0.10 20.22
CA LEU A 102 25.66 -1.08 19.19
C LEU A 102 26.88 -1.17 18.30
N ASN A 103 27.22 -2.39 17.90
CA ASN A 103 28.35 -2.60 17.03
C ASN A 103 27.97 -2.24 15.62
N LYS A 104 27.71 -0.96 15.34
CA LYS A 104 27.34 -0.48 14.01
C LYS A 104 28.44 0.43 13.47
N TYR A 105 29.36 -0.13 12.68
CA TYR A 105 30.47 0.65 12.16
C TYR A 105 30.10 1.64 11.06
N ASP A 106 30.11 1.20 9.80
CA ASP A 106 29.77 2.12 8.75
C ASP A 106 28.46 1.87 8.05
N ASP A 107 27.76 2.95 7.73
CA ASP A 107 26.50 2.88 7.02
C ASP A 107 26.86 2.56 5.56
N VAL A 108 26.41 1.41 5.06
CA VAL A 108 26.75 1.01 3.69
C VAL A 108 25.71 1.32 2.63
N GLU A 109 24.53 1.76 3.04
CA GLU A 109 23.45 2.07 2.10
C GLU A 109 23.89 3.09 1.06
N ASN A 110 24.55 4.13 1.53
CA ASN A 110 25.06 5.19 0.69
C ASN A 110 26.19 5.88 1.47
N SER A 111 27.43 5.52 1.16
CA SER A 111 28.54 6.14 1.85
C SER A 111 29.55 6.72 0.84
N GLY A 112 29.99 7.95 1.13
CA GLY A 112 30.91 8.65 0.24
C GLY A 112 32.16 7.92 -0.22
N GLY A 113 33.26 8.10 0.50
CA GLY A 113 34.51 7.46 0.12
C GLY A 113 35.01 6.42 1.10
N TYR A 114 36.08 5.74 0.69
CA TYR A 114 36.69 4.67 1.49
C TYR A 114 37.38 5.32 2.68
N GLY A 115 36.63 5.60 3.70
CA GLY A 115 37.10 6.20 4.93
C GLY A 115 38.28 5.44 5.46
N GLY A 116 38.69 5.78 6.67
CA GLY A 116 39.81 5.12 7.29
C GLY A 116 39.27 3.77 7.84
N ASN A 117 40.11 3.14 8.65
CA ASN A 117 39.80 1.85 9.26
C ASN A 117 39.54 2.05 10.73
N PRO A 118 38.56 1.32 11.25
CA PRO A 118 38.19 1.40 12.65
C PRO A 118 39.33 1.02 13.57
N GLY A 119 39.36 1.68 14.73
CA GLY A 119 40.41 1.41 15.71
C GLY A 119 39.88 0.42 16.72
N GLN A 120 39.66 0.87 17.95
CA GLN A 120 39.12 -0.03 18.96
C GLN A 120 37.87 0.64 19.51
N ASP A 121 36.77 -0.10 19.50
CA ASP A 121 35.50 0.41 20.01
C ASP A 121 34.92 1.62 19.25
N ASN A 122 34.02 1.33 18.31
CA ASN A 122 33.36 2.34 17.49
C ASN A 122 31.85 2.26 17.69
N ARG A 123 31.44 1.48 18.67
CA ARG A 123 30.04 1.32 18.96
C ARG A 123 29.33 2.66 19.07
N VAL A 124 28.07 2.70 18.64
CA VAL A 124 27.31 3.95 18.66
C VAL A 124 25.86 3.75 19.12
N ASN A 125 25.24 4.81 19.61
CA ASN A 125 23.88 4.73 20.09
C ASN A 125 22.94 4.57 18.92
N VAL A 126 22.27 3.43 18.85
CA VAL A 126 21.34 3.18 17.76
C VAL A 126 19.96 2.81 18.26
N GLY A 127 18.94 3.17 17.50
CA GLY A 127 17.58 2.82 17.89
C GLY A 127 16.70 2.52 16.70
N MET A 128 15.85 1.51 16.82
CA MET A 128 14.97 1.20 15.70
C MET A 128 13.70 0.55 16.18
N ASP A 129 12.84 0.21 15.23
CA ASP A 129 11.59 -0.47 15.55
C ASP A 129 11.66 -1.86 14.93
N TYR A 130 11.27 -2.86 15.72
CA TYR A 130 11.28 -4.24 15.30
C TYR A 130 10.23 -4.64 14.27
N LYS A 131 10.33 -5.90 13.85
CA LYS A 131 9.43 -6.50 12.90
C LYS A 131 8.10 -6.71 13.58
N GLN A 132 7.03 -6.30 12.91
CA GLN A 132 5.68 -6.45 13.46
C GLN A 132 5.26 -7.91 13.39
N THR A 133 4.62 -8.39 14.46
CA THR A 133 4.21 -9.79 14.53
C THR A 133 2.95 -9.98 15.36
N GLN A 134 1.97 -10.69 14.82
CA GLN A 134 0.73 -11.00 15.52
C GLN A 134 0.54 -12.49 15.34
N LEU A 135 0.33 -13.21 16.41
CA LEU A 135 0.12 -14.63 16.27
C LEU A 135 -0.63 -15.12 17.46
N CYS A 136 -1.27 -16.26 17.31
CA CYS A 136 -2.04 -16.82 18.40
C CYS A 136 -2.29 -18.29 18.15
N MET A 137 -2.04 -19.13 19.15
CA MET A 137 -2.31 -20.55 18.95
C MET A 137 -2.74 -21.28 20.22
N VAL A 138 -3.83 -22.02 20.12
CA VAL A 138 -4.38 -22.76 21.25
C VAL A 138 -4.02 -24.23 21.18
N GLY A 139 -3.95 -24.86 22.35
CA GLY A 139 -3.61 -26.28 22.42
C GLY A 139 -3.76 -26.78 23.84
N CYS A 140 -3.67 -28.09 24.04
CA CYS A 140 -3.80 -28.60 25.38
C CYS A 140 -2.41 -28.97 25.85
N ALA A 141 -1.42 -28.44 25.15
CA ALA A 141 -0.02 -28.67 25.47
C ALA A 141 0.76 -27.41 25.08
N PRO A 142 1.83 -27.11 25.80
CA PRO A 142 2.63 -25.91 25.48
C PRO A 142 3.16 -25.97 24.07
N PRO A 143 3.29 -24.80 23.42
CA PRO A 143 3.77 -24.63 22.05
C PRO A 143 5.25 -24.93 21.90
N LEU A 144 5.66 -25.28 20.69
CA LEU A 144 7.06 -25.58 20.46
C LEU A 144 7.71 -24.49 19.63
N GLY A 145 8.96 -24.17 19.95
CA GLY A 145 9.62 -23.14 19.19
C GLY A 145 10.97 -23.64 18.73
N GLU A 146 11.61 -22.84 17.89
CA GLU A 146 12.92 -23.15 17.36
C GLU A 146 13.78 -21.91 17.32
N HIS A 147 15.07 -22.12 17.53
CA HIS A 147 16.05 -21.05 17.49
C HIS A 147 17.40 -21.71 17.27
N TRP A 148 18.39 -20.91 16.91
CA TRP A 148 19.70 -21.46 16.67
C TRP A 148 20.60 -21.21 17.88
N GLY A 149 21.21 -22.28 18.38
CA GLY A 149 22.10 -22.16 19.52
C GLY A 149 23.47 -22.71 19.20
N LYS A 150 24.43 -22.52 20.10
CA LYS A 150 25.80 -23.01 19.87
C LYS A 150 25.82 -24.53 19.93
N GLY A 151 26.30 -25.14 18.86
CA GLY A 151 26.34 -26.59 18.80
C GLY A 151 27.49 -27.21 19.57
N THR A 152 27.69 -28.51 19.34
CA THR A 152 28.78 -29.23 19.98
C THR A 152 29.73 -29.78 18.91
N GLN A 153 30.97 -29.31 18.97
CA GLN A 153 32.02 -29.73 18.03
C GLN A 153 32.39 -31.19 18.26
N SER A 154 32.62 -31.95 17.19
CA SER A 154 33.00 -33.35 17.38
C SER A 154 34.50 -33.44 17.69
N SER A 155 35.06 -34.64 17.61
CA SER A 155 36.49 -34.83 17.91
C SER A 155 37.38 -34.30 16.78
N ASN A 156 37.18 -33.01 16.51
CA ASN A 156 37.89 -32.32 15.47
C ASN A 156 38.94 -31.33 15.93
N THR A 157 39.70 -30.81 14.95
CA THR A 157 40.74 -29.83 15.17
C THR A 157 40.32 -28.91 16.31
N SER A 158 41.21 -28.77 17.28
CA SER A 158 40.96 -27.92 18.44
C SER A 158 40.43 -26.54 17.97
N VAL A 159 39.20 -26.19 18.37
CA VAL A 159 38.60 -24.91 17.98
C VAL A 159 39.37 -23.68 18.48
N GLN A 160 40.35 -23.23 17.70
CA GLN A 160 41.13 -22.05 18.06
C GLN A 160 40.17 -20.96 18.54
N ASN A 161 40.49 -20.32 19.65
CA ASN A 161 39.65 -19.27 20.19
C ASN A 161 39.32 -18.31 19.05
N GLY A 162 38.03 -18.03 18.88
CA GLY A 162 37.60 -17.12 17.84
C GLY A 162 37.01 -17.77 16.60
N ASP A 163 37.11 -19.08 16.47
CA ASP A 163 36.53 -19.74 15.31
C ASP A 163 35.02 -19.60 15.34
N CYS A 164 34.38 -19.61 14.18
CA CYS A 164 32.93 -19.49 14.12
C CYS A 164 32.28 -20.67 14.83
N PRO A 165 31.40 -20.39 15.80
CA PRO A 165 30.73 -21.46 16.53
C PRO A 165 29.84 -22.31 15.61
N PRO A 166 29.57 -23.56 16.00
CA PRO A 166 28.73 -24.48 15.22
C PRO A 166 27.25 -24.28 15.50
N LEU A 167 26.46 -24.08 14.45
CA LEU A 167 25.03 -23.87 14.59
C LEU A 167 24.22 -25.16 14.76
N GLU A 168 23.25 -25.10 15.67
CA GLU A 168 22.38 -26.24 15.93
C GLU A 168 20.94 -25.77 16.09
N LEU A 169 20.02 -26.45 15.44
CA LEU A 169 18.62 -26.07 15.54
C LEU A 169 18.04 -26.67 16.83
N ILE A 170 17.85 -25.83 17.84
CA ILE A 170 17.33 -26.30 19.12
C ILE A 170 15.82 -26.16 19.21
N THR A 171 15.16 -27.23 19.63
CA THR A 171 13.70 -27.22 19.80
C THR A 171 13.40 -27.12 21.30
N SER A 172 12.41 -26.32 21.64
CA SER A 172 12.10 -26.11 23.05
C SER A 172 10.68 -25.68 23.25
N VAL A 173 10.28 -25.61 24.51
CA VAL A 173 8.94 -25.20 24.86
C VAL A 173 8.91 -23.70 25.06
N ILE A 174 8.18 -23.01 24.20
CA ILE A 174 8.06 -21.57 24.30
C ILE A 174 7.38 -21.17 25.60
N GLN A 175 8.13 -20.53 26.48
CA GLN A 175 7.61 -20.11 27.76
C GLN A 175 7.24 -18.64 27.78
N ASP A 176 6.39 -18.29 28.73
CA ASP A 176 5.94 -16.94 28.89
C ASP A 176 7.14 -16.04 29.17
N GLY A 177 7.18 -14.89 28.50
CA GLY A 177 8.28 -13.99 28.72
C GLY A 177 9.45 -14.25 27.80
N ASP A 178 9.27 -15.16 26.83
CA ASP A 178 10.34 -15.46 25.88
C ASP A 178 10.36 -14.37 24.82
N MET A 179 11.44 -14.29 24.05
CA MET A 179 11.52 -13.25 23.02
C MET A 179 11.15 -13.72 21.61
N VAL A 180 10.41 -12.87 20.91
CA VAL A 180 9.98 -13.15 19.55
C VAL A 180 11.05 -12.71 18.58
N ASP A 181 11.12 -13.39 17.45
CA ASP A 181 12.07 -13.02 16.42
C ASP A 181 11.74 -11.56 16.11
N THR A 182 12.75 -10.69 16.05
CA THR A 182 12.51 -9.27 15.80
C THR A 182 13.06 -8.75 14.48
N GLY A 183 13.74 -9.63 13.73
CA GLY A 183 14.32 -9.20 12.47
C GLY A 183 15.77 -9.61 12.33
N PHE A 184 16.38 -10.02 13.43
CA PHE A 184 17.76 -10.47 13.42
C PHE A 184 17.74 -11.99 13.54
N GLY A 185 16.60 -12.57 13.23
CA GLY A 185 16.46 -14.02 13.25
C GLY A 185 16.20 -14.62 14.62
N ALA A 186 15.91 -15.92 14.63
CA ALA A 186 15.65 -16.64 15.86
C ALA A 186 16.91 -17.35 16.29
N MET A 187 17.66 -16.73 17.19
CA MET A 187 18.88 -17.36 17.66
C MET A 187 19.18 -16.96 19.09
N ASN A 188 20.15 -17.64 19.71
CA ASN A 188 20.53 -17.32 21.08
C ASN A 188 21.70 -16.34 21.08
N PHE A 189 21.37 -15.07 20.92
CA PHE A 189 22.37 -14.02 20.87
C PHE A 189 23.34 -14.07 22.05
N ALA A 190 22.86 -14.43 23.23
CA ALA A 190 23.74 -14.50 24.39
C ALA A 190 24.93 -15.38 24.12
N ASP A 191 24.71 -16.50 23.43
CA ASP A 191 25.79 -17.44 23.15
C ASP A 191 26.50 -17.26 21.81
N LEU A 192 25.80 -16.76 20.79
CA LEU A 192 26.44 -16.59 19.49
C LEU A 192 27.05 -15.22 19.26
N GLN A 193 26.76 -14.27 20.14
CA GLN A 193 27.31 -12.93 19.97
C GLN A 193 27.98 -12.50 21.27
N THR A 194 29.24 -12.89 21.37
CA THR A 194 30.10 -12.64 22.52
C THR A 194 30.25 -11.19 22.93
N ASN A 195 30.33 -10.28 21.96
CA ASN A 195 30.52 -8.86 22.29
C ASN A 195 29.33 -8.21 23.00
N LYS A 196 28.23 -8.93 23.15
CA LYS A 196 27.07 -8.37 23.83
C LYS A 196 26.64 -7.02 23.26
N SER A 197 27.02 -6.70 22.01
CA SER A 197 26.64 -5.42 21.48
C SER A 197 26.24 -5.43 20.01
N ASP A 198 25.79 -6.58 19.52
CA ASP A 198 25.38 -6.72 18.12
C ASP A 198 23.90 -6.51 17.86
N VAL A 199 23.08 -6.49 18.91
CA VAL A 199 21.64 -6.27 18.77
C VAL A 199 21.09 -5.61 20.02
N PRO A 200 19.95 -4.91 19.92
CA PRO A 200 19.30 -4.21 21.03
C PRO A 200 19.32 -4.93 22.38
N LEU A 201 19.28 -4.13 23.45
CA LEU A 201 19.32 -4.64 24.82
C LEU A 201 18.25 -5.68 25.12
N ASP A 202 17.03 -5.47 24.63
CA ASP A 202 15.97 -6.43 24.94
C ASP A 202 16.16 -7.82 24.38
N ILE A 203 17.20 -8.05 23.57
CA ILE A 203 17.44 -9.39 23.06
C ILE A 203 18.90 -9.80 23.01
N CYS A 204 19.82 -8.86 23.21
CA CYS A 204 21.23 -9.22 23.15
C CYS A 204 21.70 -10.16 24.28
N GLY A 205 20.80 -10.45 25.23
CA GLY A 205 21.17 -11.30 26.35
C GLY A 205 20.27 -12.49 26.57
N THR A 206 19.47 -12.81 25.57
CA THR A 206 18.56 -13.96 25.63
C THR A 206 18.44 -14.65 24.29
N VAL A 207 17.34 -15.38 24.13
CA VAL A 207 17.08 -16.11 22.92
C VAL A 207 15.82 -15.62 22.26
N CYS A 208 15.82 -15.63 20.94
CA CYS A 208 14.64 -15.24 20.18
C CYS A 208 14.16 -16.54 19.54
N LYS A 209 12.96 -16.97 19.87
CA LYS A 209 12.42 -18.22 19.35
C LYS A 209 11.35 -18.01 18.29
N TYR A 210 11.14 -19.01 17.44
CA TYR A 210 10.13 -18.94 16.39
C TYR A 210 9.28 -20.19 16.46
N PRO A 211 7.96 -20.04 16.39
CA PRO A 211 7.11 -21.24 16.47
C PRO A 211 7.58 -22.33 15.53
N ASP A 212 7.68 -23.55 16.04
CA ASP A 212 8.11 -24.65 15.18
C ASP A 212 6.87 -25.28 14.58
N TYR A 213 6.16 -24.51 13.75
CA TYR A 213 4.93 -24.98 13.13
C TYR A 213 5.06 -26.34 12.51
N LEU A 214 6.00 -26.50 11.58
CA LEU A 214 6.19 -27.77 10.90
C LEU A 214 6.29 -28.95 11.83
N GLN A 215 6.98 -28.78 12.95
CA GLN A 215 7.11 -29.89 13.88
C GLN A 215 5.80 -30.15 14.61
N MET A 216 5.13 -29.11 15.05
CA MET A 216 3.89 -29.28 15.77
C MET A 216 2.85 -29.86 14.84
N ALA A 217 2.79 -29.34 13.63
CA ALA A 217 1.83 -29.80 12.65
C ALA A 217 1.92 -31.30 12.40
N ALA A 218 3.13 -31.86 12.54
CA ALA A 218 3.34 -33.29 12.33
C ALA A 218 3.13 -34.11 13.61
N ASP A 219 2.73 -33.42 14.68
CA ASP A 219 2.46 -34.05 15.96
C ASP A 219 1.48 -35.19 15.67
N PRO A 220 1.85 -36.45 16.01
CA PRO A 220 0.99 -37.62 15.77
C PRO A 220 -0.43 -37.47 16.28
N TYR A 221 -0.60 -36.88 17.45
CA TYR A 221 -1.94 -36.67 18.01
C TYR A 221 -2.45 -35.26 17.78
N GLY A 222 -1.59 -34.27 17.90
CA GLY A 222 -2.03 -32.91 17.68
C GLY A 222 -2.55 -32.17 18.90
N ASP A 223 -1.87 -32.29 20.03
CA ASP A 223 -2.26 -31.59 21.25
C ASP A 223 -1.53 -30.27 21.36
N ARG A 224 -0.43 -30.14 20.63
CA ARG A 224 0.36 -28.93 20.65
C ARG A 224 -0.43 -27.71 20.18
N LEU A 225 -1.10 -27.85 19.03
CA LEU A 225 -1.86 -26.73 18.51
C LEU A 225 -2.94 -27.17 17.52
N PHE A 226 -4.18 -26.87 17.84
CA PHE A 226 -5.21 -27.25 16.94
C PHE A 226 -5.81 -26.03 16.27
N PHE A 227 -5.09 -24.91 16.34
CA PHE A 227 -5.55 -23.64 15.79
C PHE A 227 -4.36 -22.66 15.85
N TYR A 228 -4.28 -21.74 14.90
CA TYR A 228 -3.21 -20.76 14.93
C TYR A 228 -3.37 -19.71 13.84
N LEU A 229 -3.12 -18.47 14.19
CA LEU A 229 -3.22 -17.36 13.27
C LEU A 229 -1.93 -16.59 13.35
N ARG A 230 -1.23 -16.47 12.23
CA ARG A 230 0.03 -15.77 12.19
C ARG A 230 -0.02 -14.65 11.18
N LYS A 231 0.61 -13.53 11.53
CA LYS A 231 0.67 -12.36 10.67
C LYS A 231 1.91 -11.57 11.00
N GLU A 232 2.96 -11.71 10.19
CA GLU A 232 4.20 -10.98 10.40
C GLU A 232 4.64 -10.22 9.14
N GLN A 233 5.15 -9.01 9.32
CA GLN A 233 5.59 -8.17 8.20
C GLN A 233 6.83 -7.35 8.58
N MET A 234 7.62 -6.96 7.60
CA MET A 234 8.84 -6.22 7.88
C MET A 234 9.60 -5.80 6.63
N PHE A 235 10.38 -4.73 6.73
CA PHE A 235 11.20 -4.28 5.61
C PHE A 235 12.54 -3.78 6.13
N ALA A 236 13.49 -3.61 5.22
CA ALA A 236 14.85 -3.16 5.56
C ALA A 236 14.99 -1.65 5.59
N ARG A 237 15.13 -1.10 6.79
CA ARG A 237 15.26 0.34 6.97
C ARG A 237 16.65 0.83 6.61
N HIS A 238 17.66 0.37 7.33
CA HIS A 238 19.04 0.79 7.05
C HIS A 238 20.05 -0.34 6.83
N PHE A 239 21.18 -0.04 6.20
CA PHE A 239 22.18 -1.08 5.97
C PHE A 239 23.49 -0.74 6.69
N PHE A 240 23.89 -1.65 7.55
CA PHE A 240 25.07 -1.47 8.36
C PHE A 240 26.22 -2.42 8.07
N ASN A 241 27.34 -2.12 8.70
CA ASN A 241 28.56 -2.89 8.56
C ASN A 241 29.08 -3.07 9.98
N ARG A 242 29.41 -4.30 10.37
CA ARG A 242 29.91 -4.53 11.73
C ARG A 242 31.39 -4.21 11.86
N ALA A 243 31.83 -4.05 13.11
CA ALA A 243 33.22 -3.78 13.43
C ALA A 243 33.78 -5.04 14.09
N GLY A 244 35.04 -5.33 13.84
CA GLY A 244 35.67 -6.51 14.39
C GLY A 244 36.30 -7.28 13.24
N THR A 245 37.30 -8.12 13.52
CA THR A 245 37.98 -8.86 12.46
C THR A 245 37.06 -9.81 11.69
N VAL A 246 37.25 -9.87 10.38
CA VAL A 246 36.42 -10.72 9.52
C VAL A 246 36.87 -12.18 9.53
N GLY A 247 36.25 -12.97 10.39
CA GLY A 247 36.60 -14.37 10.52
C GLY A 247 36.86 -15.12 9.24
N GLU A 248 36.11 -14.80 8.19
CA GLU A 248 36.24 -15.47 6.90
C GLU A 248 36.30 -14.45 5.78
N PRO A 249 37.49 -13.91 5.51
CA PRO A 249 37.74 -12.90 4.48
C PRO A 249 37.18 -13.27 3.12
N VAL A 250 37.06 -12.26 2.26
CA VAL A 250 36.54 -12.47 0.92
C VAL A 250 37.60 -13.19 0.11
N PRO A 251 37.23 -14.28 -0.56
CA PRO A 251 38.13 -15.07 -1.39
C PRO A 251 38.77 -14.24 -2.48
N ASP A 252 39.99 -14.58 -2.85
CA ASP A 252 40.69 -13.83 -3.88
C ASP A 252 39.98 -13.88 -5.21
N ASP A 253 39.55 -15.06 -5.62
CA ASP A 253 38.86 -15.23 -6.91
C ASP A 253 37.63 -14.36 -7.10
N LEU A 254 37.12 -13.78 -6.01
CA LEU A 254 35.95 -12.94 -6.12
C LEU A 254 36.21 -11.45 -6.25
N LEU A 255 37.45 -11.01 -6.10
CA LEU A 255 37.68 -9.59 -6.24
C LEU A 255 39.01 -9.22 -6.85
N VAL A 256 39.11 -7.98 -7.31
CA VAL A 256 40.33 -7.43 -7.90
C VAL A 256 40.94 -6.49 -6.89
N LYS A 257 41.97 -6.97 -6.19
CA LYS A 257 42.66 -6.19 -5.16
C LYS A 257 42.88 -4.74 -5.57
N GLY A 258 42.70 -3.82 -4.63
CA GLY A 258 42.93 -2.44 -4.97
C GLY A 258 44.22 -1.92 -4.34
N GLY A 259 44.71 -0.80 -4.83
CA GLY A 259 45.94 -0.24 -4.27
C GLY A 259 45.62 0.94 -3.38
N ASN A 260 46.63 1.50 -2.73
CA ASN A 260 46.41 2.64 -1.85
C ASN A 260 45.42 2.25 -0.77
N ASN A 261 44.65 3.22 -0.30
CA ASN A 261 43.65 2.99 0.75
C ASN A 261 42.83 1.71 0.52
N ARG A 262 42.33 1.53 -0.70
CA ARG A 262 41.52 0.36 -1.05
C ARG A 262 42.20 -0.95 -0.77
N SER A 263 43.54 -0.94 -0.67
CA SER A 263 44.29 -2.17 -0.43
C SER A 263 43.80 -2.98 0.79
N SER A 264 43.06 -2.34 1.68
CA SER A 264 42.52 -3.02 2.85
C SER A 264 41.03 -3.15 2.72
N VAL A 265 40.58 -4.30 2.24
CA VAL A 265 39.17 -4.57 2.04
C VAL A 265 38.38 -4.34 3.33
N ALA A 266 37.25 -3.63 3.22
CA ALA A 266 36.40 -3.31 4.37
C ALA A 266 35.57 -4.48 4.85
N SER A 267 34.95 -4.30 6.01
CA SER A 267 34.17 -5.38 6.56
C SER A 267 33.00 -5.67 5.65
N SER A 268 32.96 -6.91 5.16
CA SER A 268 31.88 -7.35 4.28
C SER A 268 30.83 -8.09 5.10
N ILE A 269 30.76 -7.79 6.39
CA ILE A 269 29.80 -8.44 7.26
C ILE A 269 28.64 -7.48 7.46
N TYR A 270 27.73 -7.52 6.51
CA TYR A 270 26.57 -6.63 6.48
C TYR A 270 25.38 -7.00 7.37
N VAL A 271 24.60 -5.98 7.69
CA VAL A 271 23.42 -6.17 8.53
C VAL A 271 22.45 -5.08 8.15
N HIS A 272 21.18 -5.24 8.55
CA HIS A 272 20.17 -4.23 8.23
C HIS A 272 19.24 -3.95 9.43
N THR A 273 18.83 -2.70 9.57
CA THR A 273 17.92 -2.30 10.62
C THR A 273 16.55 -2.71 10.16
N PRO A 274 15.86 -3.57 10.92
CA PRO A 274 14.52 -4.02 10.54
C PRO A 274 13.49 -2.93 10.84
N SER A 275 12.27 -3.12 10.36
CA SER A 275 11.16 -2.20 10.62
C SER A 275 9.83 -2.74 10.14
N GLY A 276 8.79 -2.58 10.95
CA GLY A 276 7.48 -3.02 10.55
C GLY A 276 6.83 -1.79 9.96
N SER A 277 6.06 -1.91 8.88
CA SER A 277 5.43 -0.72 8.34
C SER A 277 4.43 -0.20 9.35
N LEU A 278 3.33 0.36 8.90
CA LEU A 278 2.37 0.89 9.85
C LEU A 278 1.52 -0.22 10.41
N VAL A 279 0.92 0.03 11.55
CA VAL A 279 0.06 -0.93 12.17
C VAL A 279 -1.30 -0.28 12.02
N SER A 280 -2.33 -1.08 11.79
CA SER A 280 -3.64 -0.52 11.62
C SER A 280 -4.66 -1.47 12.15
N SER A 281 -5.85 -0.95 12.42
CA SER A 281 -6.93 -1.76 12.94
C SER A 281 -7.30 -2.81 11.92
N GLU A 282 -7.35 -2.40 10.66
CA GLU A 282 -7.70 -3.34 9.62
C GLU A 282 -6.99 -4.68 9.69
N ALA A 283 -5.74 -4.70 10.13
CA ALA A 283 -5.01 -5.95 10.19
C ALA A 283 -5.06 -6.61 11.55
N GLN A 284 -5.81 -6.01 12.48
CA GLN A 284 -5.90 -6.55 13.81
C GLN A 284 -6.39 -7.98 13.82
N LEU A 285 -5.65 -8.80 14.56
CA LEU A 285 -5.93 -10.22 14.69
C LEU A 285 -6.83 -10.48 15.88
N PHE A 286 -6.49 -9.92 17.02
CA PHE A 286 -7.28 -10.12 18.21
C PHE A 286 -8.58 -9.32 18.32
N ASN A 287 -9.23 -9.45 19.47
CA ASN A 287 -10.50 -8.79 19.75
C ASN A 287 -11.56 -9.23 18.78
N LYS A 288 -11.43 -10.47 18.32
CA LYS A 288 -12.35 -11.08 17.37
C LYS A 288 -12.51 -12.52 17.85
N PRO A 289 -13.75 -13.00 17.94
CA PRO A 289 -13.97 -14.37 18.39
C PRO A 289 -13.53 -15.39 17.37
N TYR A 290 -12.94 -16.49 17.83
CA TYR A 290 -12.52 -17.56 16.93
C TYR A 290 -13.28 -18.80 17.34
N TRP A 291 -14.06 -19.33 16.42
CA TRP A 291 -14.83 -20.53 16.66
C TRP A 291 -14.13 -21.73 16.07
N LEU A 292 -13.56 -22.60 16.91
CA LEU A 292 -12.90 -23.79 16.39
C LEU A 292 -13.97 -24.85 16.24
N GLN A 293 -14.25 -25.25 15.01
CA GLN A 293 -15.28 -26.27 14.81
C GLN A 293 -14.70 -27.59 14.30
N LYS A 294 -13.56 -27.52 13.62
CA LYS A 294 -12.92 -28.73 13.11
C LYS A 294 -11.43 -28.58 13.06
N ALA A 295 -10.75 -28.99 14.12
CA ALA A 295 -9.29 -28.88 14.19
C ALA A 295 -8.66 -29.60 13.01
N GLN A 296 -7.47 -29.15 12.62
CA GLN A 296 -6.77 -29.77 11.51
C GLN A 296 -6.06 -31.05 11.96
N GLY A 297 -5.92 -31.20 13.27
CA GLY A 297 -5.28 -32.39 13.83
C GLY A 297 -6.35 -33.37 14.31
N HIS A 298 -5.96 -34.42 15.02
CA HIS A 298 -6.96 -35.37 15.52
C HIS A 298 -7.65 -34.93 16.80
N ASN A 299 -6.97 -34.11 17.59
CA ASN A 299 -7.57 -33.61 18.82
C ASN A 299 -8.39 -32.38 18.46
N ASN A 300 -9.71 -32.53 18.45
CA ASN A 300 -10.57 -31.42 18.09
C ASN A 300 -10.93 -30.54 19.27
N GLY A 301 -9.91 -29.92 19.86
CA GLY A 301 -10.13 -29.04 20.99
C GLY A 301 -10.49 -29.71 22.31
N ILE A 302 -9.99 -30.92 22.52
CA ILE A 302 -10.28 -31.62 23.76
C ILE A 302 -9.23 -31.21 24.79
N CYS A 303 -9.65 -30.48 25.83
CA CYS A 303 -8.71 -30.05 26.84
C CYS A 303 -8.32 -31.14 27.81
N TRP A 304 -7.54 -32.11 27.35
CA TRP A 304 -7.12 -33.20 28.22
C TRP A 304 -6.48 -32.68 29.50
N GLY A 305 -6.81 -33.32 30.62
CA GLY A 305 -6.26 -32.91 31.90
C GLY A 305 -6.80 -31.60 32.43
N ASN A 306 -7.87 -31.13 31.81
CA ASN A 306 -8.50 -29.87 32.21
C ASN A 306 -7.54 -28.70 32.07
N HIS A 307 -6.59 -28.82 31.14
CA HIS A 307 -5.60 -27.78 30.87
C HIS A 307 -5.89 -27.13 29.54
N LEU A 308 -5.27 -26.00 29.30
CA LEU A 308 -5.44 -25.29 28.05
C LEU A 308 -4.37 -24.22 27.91
N SER A 309 -3.49 -24.38 26.94
CA SER A 309 -2.43 -23.41 26.73
C SER A 309 -2.76 -22.46 25.57
N VAL A 310 -2.73 -21.17 25.85
CA VAL A 310 -3.01 -20.14 24.86
C VAL A 310 -1.78 -19.25 24.67
N THR A 311 -1.14 -19.35 23.53
CA THR A 311 0.03 -18.54 23.26
C THR A 311 -0.40 -17.33 22.46
N VAL A 312 0.20 -16.18 22.79
CA VAL A 312 -0.12 -14.94 22.10
C VAL A 312 1.11 -14.05 21.94
N VAL A 313 1.17 -13.37 20.80
CA VAL A 313 2.23 -12.43 20.50
C VAL A 313 1.57 -11.28 19.79
N ASP A 314 1.72 -10.08 20.32
CA ASP A 314 1.09 -8.94 19.70
C ASP A 314 1.96 -7.73 19.90
N THR A 315 2.55 -7.25 18.80
CA THR A 315 3.42 -6.10 18.86
C THR A 315 2.71 -4.85 18.38
N THR A 316 1.44 -5.00 18.01
CA THR A 316 0.67 -3.88 17.53
C THR A 316 0.32 -2.90 18.63
N ARG A 317 0.70 -3.22 19.87
CA ARG A 317 0.44 -2.36 21.02
C ARG A 317 1.70 -2.26 21.87
N SER A 318 2.83 -2.10 21.19
CA SER A 318 4.11 -2.02 21.86
C SER A 318 4.67 -0.64 22.19
N THR A 319 3.80 0.37 22.33
CA THR A 319 4.29 1.71 22.66
C THR A 319 5.00 1.69 24.01
N ASN A 320 6.24 2.16 24.02
CA ASN A 320 7.05 2.19 25.22
C ASN A 320 6.99 3.59 25.78
N MET A 321 6.07 3.85 26.69
CA MET A 321 5.97 5.18 27.23
C MET A 321 7.19 5.53 28.08
N THR A 322 7.39 6.84 28.19
CA THR A 322 8.48 7.46 28.91
C THR A 322 7.89 8.37 29.97
N LEU A 323 8.56 8.45 31.11
CA LEU A 323 8.08 9.33 32.17
C LEU A 323 9.27 9.78 32.98
N CYS A 324 9.22 11.02 33.45
CA CYS A 324 10.29 11.59 34.22
C CYS A 324 9.79 12.33 35.46
N ALA A 325 10.54 12.19 36.54
CA ALA A 325 10.22 12.84 37.81
C ALA A 325 11.36 13.80 38.12
N SER A 326 11.02 14.96 38.65
CA SER A 326 12.06 15.94 38.95
C SER A 326 12.76 15.70 40.29
N VAL A 327 13.93 16.29 40.45
CA VAL A 327 14.72 16.18 41.66
C VAL A 327 15.19 17.55 42.14
N SER A 328 14.83 18.61 41.41
CA SER A 328 15.30 19.95 41.77
C SER A 328 14.41 21.04 41.22
N LYS A 329 13.09 20.75 41.29
CA LYS A 329 12.11 21.65 40.81
C LYS A 329 12.37 23.10 41.16
N SER A 330 13.37 23.72 40.55
CA SER A 330 13.58 25.13 40.77
C SER A 330 14.61 25.75 39.87
N ALA A 331 15.81 25.19 39.83
CA ALA A 331 16.78 25.81 38.96
C ALA A 331 16.16 26.19 37.58
N THR A 332 16.79 27.13 36.86
CA THR A 332 16.26 27.36 35.51
C THR A 332 16.61 26.12 34.64
N TYR A 333 15.62 25.50 33.99
CA TYR A 333 15.79 24.27 33.20
C TYR A 333 17.18 23.66 33.17
N THR A 334 17.32 22.57 33.90
CA THR A 334 18.58 21.86 34.01
C THR A 334 18.33 20.36 33.87
N ASN A 335 18.87 19.76 32.80
CA ASN A 335 18.69 18.35 32.59
C ASN A 335 18.90 17.51 33.87
N SER A 336 19.95 17.81 34.62
CA SER A 336 20.23 17.05 35.83
C SER A 336 19.08 17.11 36.86
N ASP A 337 18.13 18.00 36.65
CA ASP A 337 17.00 18.12 37.57
C ASP A 337 16.00 16.99 37.42
N TYR A 338 16.18 16.15 36.40
CA TYR A 338 15.22 15.08 36.14
C TYR A 338 15.77 13.69 35.88
N LYS A 339 14.93 12.69 36.16
CA LYS A 339 15.29 11.29 35.93
C LYS A 339 14.24 10.71 34.98
N GLU A 340 14.71 10.28 33.82
CA GLU A 340 13.84 9.69 32.80
C GLU A 340 13.75 8.17 32.98
N TYR A 341 12.57 7.60 32.72
CA TYR A 341 12.41 6.15 32.84
C TYR A 341 11.69 5.54 31.63
N MET A 342 11.64 4.21 31.61
CA MET A 342 11.00 3.46 30.55
C MET A 342 9.99 2.46 31.14
N ARG A 343 8.76 2.51 30.66
CA ARG A 343 7.75 1.56 31.14
C ARG A 343 6.85 1.07 30.02
N HIS A 344 6.64 -0.25 29.98
CA HIS A 344 5.72 -0.78 28.98
C HIS A 344 4.53 -1.44 29.66
N VAL A 345 3.46 -1.61 28.90
CA VAL A 345 2.26 -2.17 29.45
C VAL A 345 1.53 -3.12 28.51
N GLU A 346 0.87 -4.10 29.11
CA GLU A 346 0.12 -5.11 28.37
C GLU A 346 -1.23 -5.27 29.07
N GLU A 347 -2.29 -5.35 28.30
CA GLU A 347 -3.62 -5.49 28.86
C GLU A 347 -4.38 -6.60 28.15
N PHE A 348 -4.70 -7.66 28.88
CA PHE A 348 -5.42 -8.77 28.28
C PHE A 348 -6.76 -9.01 28.94
N ASP A 349 -7.53 -9.92 28.33
CA ASP A 349 -8.83 -10.37 28.83
C ASP A 349 -9.26 -11.60 28.03
N LEU A 350 -8.73 -12.76 28.42
CA LEU A 350 -9.01 -14.04 27.76
C LEU A 350 -10.36 -14.57 28.13
N GLN A 351 -11.22 -14.75 27.13
CA GLN A 351 -12.56 -15.27 27.36
C GLN A 351 -12.78 -16.45 26.46
N PHE A 352 -13.37 -17.49 27.00
CA PHE A 352 -13.62 -18.70 26.24
C PHE A 352 -15.06 -19.20 26.33
N ILE A 353 -15.30 -20.33 25.67
CA ILE A 353 -16.59 -21.01 25.68
C ILE A 353 -16.29 -22.51 25.57
N PHE A 354 -16.57 -23.27 26.62
CA PHE A 354 -16.33 -24.71 26.61
C PHE A 354 -17.58 -25.58 26.56
N GLN A 355 -17.41 -26.79 26.06
CA GLN A 355 -18.49 -27.74 25.90
C GLN A 355 -18.22 -29.08 26.58
N LEU A 356 -19.11 -29.46 27.50
CA LEU A 356 -18.94 -30.71 28.24
C LEU A 356 -19.01 -31.93 27.33
N CYS A 357 -18.10 -32.87 27.54
CA CYS A 357 -18.04 -34.09 26.74
C CYS A 357 -17.91 -35.31 27.66
N SER A 358 -18.14 -36.49 27.12
CA SER A 358 -18.03 -37.70 27.93
C SER A 358 -17.25 -38.75 27.17
N ILE A 359 -16.79 -39.77 27.90
CA ILE A 359 -16.02 -40.85 27.30
C ILE A 359 -16.28 -42.18 28.00
N THR A 360 -17.00 -43.10 27.36
CA THR A 360 -17.25 -44.38 27.99
C THR A 360 -15.93 -45.14 27.94
N LEU A 361 -15.42 -45.50 29.11
CA LEU A 361 -14.15 -46.18 29.20
C LEU A 361 -14.20 -47.66 28.87
N SER A 362 -14.35 -47.97 27.58
CA SER A 362 -14.39 -49.35 27.16
C SER A 362 -12.96 -49.85 27.17
N ALA A 363 -12.78 -51.17 27.08
CA ALA A 363 -11.46 -51.79 27.08
C ALA A 363 -10.56 -51.14 26.07
N GLU A 364 -11.03 -51.07 24.82
CA GLU A 364 -10.24 -50.49 23.76
C GLU A 364 -9.96 -49.00 23.97
N VAL A 365 -10.94 -48.23 24.44
CA VAL A 365 -10.71 -46.80 24.65
C VAL A 365 -9.63 -46.60 25.69
N MET A 366 -9.70 -47.40 26.75
CA MET A 366 -8.74 -47.32 27.84
C MET A 366 -7.33 -47.51 27.31
N ALA A 367 -7.18 -48.45 26.38
CA ALA A 367 -5.90 -48.77 25.78
C ALA A 367 -5.35 -47.59 24.98
N TYR A 368 -6.11 -47.18 23.96
CA TYR A 368 -5.72 -46.07 23.09
C TYR A 368 -5.22 -44.87 23.89
N ILE A 369 -6.03 -44.46 24.86
CA ILE A 369 -5.69 -43.34 25.72
C ILE A 369 -4.42 -43.58 26.51
N HIS A 370 -4.28 -44.76 27.10
CA HIS A 370 -3.09 -45.07 27.88
C HIS A 370 -1.83 -44.91 27.07
N THR A 371 -1.90 -45.20 25.77
CA THR A 371 -0.75 -45.08 24.90
C THR A 371 -0.57 -43.61 24.54
N MET A 372 -1.68 -42.92 24.33
CA MET A 372 -1.66 -41.50 23.97
C MET A 372 -1.17 -40.62 25.12
N ASN A 373 -1.91 -40.61 26.22
CA ASN A 373 -1.52 -39.83 27.38
C ASN A 373 -1.86 -40.55 28.67
N PRO A 374 -0.99 -41.46 29.11
CA PRO A 374 -1.22 -42.23 30.33
C PRO A 374 -1.67 -41.37 31.50
N SER A 375 -1.19 -40.13 31.53
CA SER A 375 -1.54 -39.19 32.59
C SER A 375 -3.04 -39.07 32.69
N VAL A 376 -3.67 -38.78 31.55
CA VAL A 376 -5.11 -38.61 31.52
C VAL A 376 -5.87 -39.67 32.32
N LEU A 377 -5.47 -40.94 32.21
CA LEU A 377 -6.14 -42.02 32.94
C LEU A 377 -5.78 -42.00 34.41
N GLU A 378 -4.49 -41.92 34.70
CA GLU A 378 -4.00 -41.90 36.07
C GLU A 378 -4.67 -40.83 36.93
N ASP A 379 -5.22 -39.81 36.29
CA ASP A 379 -5.89 -38.75 37.03
C ASP A 379 -7.34 -39.10 37.26
N TRP A 380 -8.00 -39.67 36.25
CA TRP A 380 -9.42 -40.02 36.39
C TRP A 380 -9.60 -41.09 37.47
N ASN A 381 -9.53 -40.67 38.73
CA ASN A 381 -9.68 -41.61 39.85
C ASN A 381 -10.37 -41.01 41.09
N LYS A 387 0.78 -35.62 43.24
CA LYS A 387 1.43 -35.74 41.93
C LYS A 387 2.32 -34.54 41.63
N GLN A 388 3.19 -34.70 40.63
CA GLN A 388 4.12 -33.63 40.24
C GLN A 388 3.71 -32.97 38.90
N ASP A 389 4.24 -31.77 38.67
CA ASP A 389 3.95 -30.99 37.46
C ASP A 389 4.93 -31.33 36.34
N PRO A 390 4.42 -31.82 35.20
CA PRO A 390 5.23 -32.20 34.03
C PRO A 390 5.97 -31.02 33.42
N TYR A 391 5.63 -29.84 33.91
CA TYR A 391 6.22 -28.60 33.44
C TYR A 391 6.40 -27.66 34.65
N LYS A 392 6.85 -28.22 35.76
CA LYS A 392 7.05 -27.42 36.97
C LYS A 392 8.16 -26.38 36.79
N ASP A 393 9.22 -26.78 36.10
CA ASP A 393 10.34 -25.89 35.85
C ASP A 393 10.00 -24.72 34.93
N MET A 394 9.17 -24.98 33.92
CA MET A 394 8.80 -23.97 32.94
C MET A 394 7.94 -22.87 33.57
N SER A 395 7.90 -21.71 32.92
CA SER A 395 7.10 -20.59 33.44
C SER A 395 6.03 -20.10 32.48
N PHE A 396 4.78 -20.14 32.95
CA PHE A 396 3.65 -19.71 32.15
C PHE A 396 2.82 -18.76 32.99
N TRP A 397 2.02 -17.94 32.36
CA TRP A 397 1.15 -17.02 33.07
C TRP A 397 -0.05 -17.85 33.52
N GLU A 398 -0.05 -18.28 34.78
CA GLU A 398 -1.14 -19.07 35.32
C GLU A 398 -2.47 -18.32 35.27
N VAL A 399 -3.47 -18.88 34.60
CA VAL A 399 -4.78 -18.26 34.55
C VAL A 399 -5.76 -19.28 35.11
N ASN A 400 -6.23 -19.04 36.34
CA ASN A 400 -7.13 -19.98 36.96
C ASN A 400 -8.57 -19.63 36.64
N LEU A 401 -9.28 -20.58 36.04
CA LEU A 401 -10.67 -20.37 35.66
C LEU A 401 -11.63 -21.28 36.39
N LYS A 402 -11.19 -21.88 37.49
CA LYS A 402 -12.05 -22.80 38.23
C LYS A 402 -13.36 -22.20 38.71
N GLU A 403 -13.29 -21.09 39.43
CA GLU A 403 -14.52 -20.45 39.90
C GLU A 403 -15.04 -19.45 38.87
N LYS A 404 -14.64 -19.62 37.60
CA LYS A 404 -15.04 -18.69 36.55
C LYS A 404 -16.03 -19.19 35.52
N PHE A 405 -16.44 -20.44 35.60
CA PHE A 405 -17.39 -20.98 34.66
C PHE A 405 -18.82 -20.53 34.95
N SER A 406 -19.66 -20.53 33.91
CA SER A 406 -21.08 -20.18 34.00
C SER A 406 -21.86 -20.64 32.79
N SER A 407 -23.03 -21.21 33.02
CA SER A 407 -23.87 -21.70 31.94
C SER A 407 -24.91 -20.67 31.49
N GLU A 408 -24.76 -19.43 31.97
CA GLU A 408 -25.65 -18.33 31.60
C GLU A 408 -25.03 -17.56 30.43
N LEU A 409 -24.82 -18.25 29.32
CA LEU A 409 -24.21 -17.67 28.13
C LEU A 409 -24.61 -16.25 27.75
N ASP A 410 -25.91 -15.98 27.71
CA ASP A 410 -26.41 -14.68 27.31
C ASP A 410 -26.04 -13.57 28.27
N GLN A 411 -25.26 -13.89 29.29
CA GLN A 411 -24.83 -12.88 30.26
C GLN A 411 -23.43 -12.36 29.98
N PHE A 412 -22.79 -12.89 28.94
CA PHE A 412 -21.43 -12.49 28.57
C PHE A 412 -21.28 -12.18 27.09
N PRO A 413 -20.45 -11.19 26.74
CA PRO A 413 -20.24 -10.83 25.34
C PRO A 413 -19.95 -12.00 24.40
N LEU A 414 -18.98 -12.85 24.76
CA LEU A 414 -18.65 -13.98 23.91
C LEU A 414 -19.81 -14.96 23.90
N GLY A 415 -20.49 -15.07 25.04
CA GLY A 415 -21.65 -15.96 25.14
C GLY A 415 -22.69 -15.50 24.16
N ARG A 416 -23.01 -14.21 24.20
CA ARG A 416 -23.99 -13.65 23.29
C ARG A 416 -23.55 -13.92 21.87
N LYS A 417 -22.29 -13.63 21.57
CA LYS A 417 -21.75 -13.85 20.24
C LYS A 417 -21.92 -15.29 19.83
N PHE A 418 -21.74 -16.19 20.80
CA PHE A 418 -21.84 -17.62 20.56
C PHE A 418 -23.25 -17.98 20.12
N LEU A 419 -24.21 -17.79 21.01
CA LEU A 419 -25.60 -18.08 20.71
C LEU A 419 -25.91 -17.55 19.33
N LEU A 420 -25.60 -16.28 19.10
CA LEU A 420 -25.86 -15.69 17.80
C LEU A 420 -25.27 -16.58 16.71
N GLN A 421 -23.94 -16.67 16.68
CA GLN A 421 -23.23 -17.47 15.69
C GLN A 421 -23.79 -18.89 15.56
N SER A 422 -24.03 -19.55 16.69
CA SER A 422 -24.55 -20.91 16.64
C SER A 422 -25.99 -20.95 16.20
N GLY A 423 -26.47 -19.82 15.68
CA GLY A 423 -27.84 -19.76 15.22
C GLY A 423 -28.92 -20.04 16.26
N TYR A 424 -28.75 -21.07 17.08
CA TYR A 424 -29.77 -21.39 18.07
C TYR A 424 -29.29 -21.08 19.49
N ALA B 1 -30.51 -12.19 36.62
CA ALA B 1 -30.06 -12.28 35.20
C ALA B 1 -30.53 -11.07 34.39
N VAL B 2 -29.67 -10.53 33.53
CA VAL B 2 -30.05 -9.38 32.71
C VAL B 2 -30.78 -9.87 31.48
N VAL B 3 -31.89 -9.22 31.12
CA VAL B 3 -32.64 -9.65 29.93
C VAL B 3 -32.52 -8.65 28.79
N ALA B 4 -32.69 -9.15 27.56
CA ALA B 4 -32.60 -8.32 26.38
C ALA B 4 -33.78 -7.35 26.33
N THR B 5 -33.49 -6.09 26.06
CA THR B 5 -34.54 -5.10 25.98
C THR B 5 -35.65 -5.57 25.06
N ASP B 6 -35.29 -6.33 24.04
CA ASP B 6 -36.30 -6.81 23.09
C ASP B 6 -37.42 -7.61 23.75
N ALA B 7 -37.25 -7.93 25.02
CA ALA B 7 -38.24 -8.72 25.74
C ALA B 7 -39.28 -7.94 26.54
N TYR B 8 -38.99 -6.66 26.84
CA TYR B 8 -39.93 -5.87 27.61
C TYR B 8 -40.17 -4.47 27.04
N VAL B 9 -39.73 -4.25 25.81
CA VAL B 9 -39.91 -2.95 25.16
C VAL B 9 -40.61 -3.14 23.82
N LYS B 10 -41.91 -2.83 23.76
CA LYS B 10 -42.66 -2.99 22.51
C LYS B 10 -42.29 -1.92 21.50
N ARG B 11 -42.14 -2.33 20.24
CA ARG B 11 -41.80 -1.42 19.17
C ARG B 11 -43.04 -1.04 18.36
N THR B 12 -42.94 0.03 17.59
CA THR B 12 -44.06 0.49 16.78
C THR B 12 -43.55 0.81 15.37
N ASN B 13 -44.37 1.51 14.59
CA ASN B 13 -44.00 1.90 13.24
C ASN B 13 -43.72 3.38 13.19
N ILE B 14 -43.79 4.03 14.34
CA ILE B 14 -43.57 5.46 14.40
C ILE B 14 -42.08 5.82 14.35
N PHE B 15 -41.64 6.42 13.25
CA PHE B 15 -40.25 6.82 13.14
C PHE B 15 -40.17 8.32 12.96
N TYR B 16 -39.14 8.93 13.52
CA TYR B 16 -38.95 10.37 13.40
C TYR B 16 -37.53 10.65 12.92
N HIS B 17 -37.32 11.83 12.36
CA HIS B 17 -35.99 12.21 11.94
C HIS B 17 -35.54 13.38 12.79
N ALA B 18 -34.25 13.48 13.04
CA ALA B 18 -33.72 14.59 13.81
C ALA B 18 -32.28 14.89 13.43
N SER B 19 -31.95 16.17 13.36
CA SER B 19 -30.60 16.58 13.02
C SER B 19 -30.24 17.87 13.76
N SER B 20 -28.99 17.93 14.20
CA SER B 20 -28.47 19.07 14.94
C SER B 20 -28.09 20.19 13.99
N SER B 21 -28.06 19.87 12.71
CA SER B 21 -27.66 20.81 11.66
C SER B 21 -26.19 21.19 11.90
N ARG B 22 -25.72 22.20 11.20
CA ARG B 22 -24.33 22.62 11.29
C ARG B 22 -23.83 22.96 12.69
N LEU B 23 -22.67 22.41 13.02
CA LEU B 23 -22.01 22.65 14.29
C LEU B 23 -20.57 23.00 14.01
N LEU B 24 -20.13 24.15 14.53
CA LEU B 24 -18.77 24.61 14.32
C LEU B 24 -17.99 24.79 15.62
N ALA B 25 -16.71 24.48 15.55
CA ALA B 25 -15.82 24.67 16.69
C ALA B 25 -14.65 25.38 16.05
N VAL B 26 -14.22 26.50 16.62
CA VAL B 26 -13.11 27.25 16.06
C VAL B 26 -12.18 27.79 17.13
N GLY B 27 -10.94 27.32 17.13
CA GLY B 27 -10.01 27.79 18.13
C GLY B 27 -8.55 27.55 17.80
N HIS B 28 -7.74 27.44 18.85
CA HIS B 28 -6.32 27.23 18.72
C HIS B 28 -6.06 25.75 18.90
N PRO B 29 -5.28 25.16 18.02
CA PRO B 29 -4.96 23.73 18.07
C PRO B 29 -4.22 23.19 19.27
N TYR B 30 -3.33 24.00 19.85
CA TYR B 30 -2.50 23.57 20.96
C TYR B 30 -2.93 23.97 22.37
N TYR B 31 -3.39 25.19 22.54
CA TYR B 31 -3.78 25.62 23.87
C TYR B 31 -4.80 26.72 23.74
N SER B 32 -5.55 26.94 24.81
CA SER B 32 -6.57 27.98 24.80
C SER B 32 -5.90 29.34 24.97
N ILE B 33 -6.52 30.37 24.41
CA ILE B 33 -5.98 31.72 24.51
C ILE B 33 -6.86 32.58 25.39
N LYS B 34 -6.46 32.72 26.65
CA LYS B 34 -7.20 33.56 27.58
C LYS B 34 -6.40 34.86 27.70
N LYS B 35 -7.09 36.01 27.68
CA LYS B 35 -6.40 37.31 27.77
C LYS B 35 -5.92 37.57 29.21
N VAL B 36 -5.18 36.60 29.74
CA VAL B 36 -4.63 36.68 31.10
C VAL B 36 -5.78 36.80 32.11
N ASN B 37 -6.97 36.34 31.70
CA ASN B 37 -8.11 36.41 32.59
C ASN B 37 -9.09 35.27 32.34
N LYS B 38 -10.02 35.51 31.42
CA LYS B 38 -11.05 34.55 31.04
C LYS B 38 -10.65 33.89 29.71
N THR B 39 -11.27 32.74 29.42
CA THR B 39 -11.00 32.01 28.18
C THR B 39 -11.78 32.61 27.00
N VAL B 40 -11.07 33.08 25.98
CA VAL B 40 -11.75 33.64 24.83
C VAL B 40 -11.67 32.66 23.66
N VAL B 41 -10.45 32.40 23.21
CA VAL B 41 -10.20 31.46 22.12
C VAL B 41 -10.02 30.09 22.74
N PRO B 42 -10.98 29.20 22.54
CA PRO B 42 -10.86 27.87 23.12
C PRO B 42 -9.91 26.96 22.38
N LYS B 43 -9.49 25.89 23.03
CA LYS B 43 -8.61 24.94 22.39
C LYS B 43 -9.47 24.00 21.57
N VAL B 44 -9.21 23.94 20.27
CA VAL B 44 -9.95 23.07 19.38
C VAL B 44 -8.94 22.31 18.53
N SER B 45 -8.62 21.10 18.94
CA SER B 45 -7.65 20.30 18.20
C SER B 45 -8.33 19.18 17.46
N GLY B 46 -7.70 18.70 16.41
CA GLY B 46 -8.29 17.62 15.67
C GLY B 46 -8.12 16.35 16.46
N TYR B 47 -7.11 16.30 17.29
CA TYR B 47 -6.89 15.11 18.06
C TYR B 47 -7.65 15.14 19.38
N GLN B 48 -8.76 15.85 19.37
CA GLN B 48 -9.62 16.00 20.54
C GLN B 48 -10.82 15.09 20.44
N TYR B 49 -11.39 14.73 21.58
CA TYR B 49 -12.57 13.89 21.59
C TYR B 49 -13.78 14.79 21.47
N ARG B 50 -14.83 14.27 20.86
CA ARG B 50 -16.07 15.01 20.73
C ARG B 50 -17.18 14.15 21.29
N VAL B 51 -17.59 14.47 22.52
CA VAL B 51 -18.66 13.73 23.17
C VAL B 51 -19.91 14.57 23.18
N PHE B 52 -20.82 14.29 22.25
CA PHE B 52 -22.07 15.02 22.15
C PHE B 52 -23.14 14.43 23.05
N LYS B 53 -23.78 15.26 23.84
CA LYS B 53 -24.85 14.83 24.71
C LYS B 53 -26.11 15.24 23.97
N VAL B 54 -26.69 14.30 23.24
CA VAL B 54 -27.89 14.60 22.46
C VAL B 54 -29.15 14.44 23.26
N VAL B 55 -29.85 15.55 23.48
CA VAL B 55 -31.08 15.54 24.25
C VAL B 55 -32.27 15.41 23.35
N LEU B 56 -33.13 14.44 23.68
CA LEU B 56 -34.33 14.17 22.92
C LEU B 56 -35.54 14.64 23.73
N PRO B 57 -36.67 14.84 23.05
CA PRO B 57 -37.88 15.28 23.71
C PRO B 57 -38.55 14.08 24.37
N ASP B 58 -39.02 14.26 25.61
CA ASP B 58 -39.70 13.19 26.36
C ASP B 58 -41.03 12.88 25.70
N PRO B 59 -41.12 11.73 25.02
CA PRO B 59 -42.36 11.33 24.35
C PRO B 59 -43.62 11.31 25.22
N ASN B 60 -43.43 11.17 26.53
CA ASN B 60 -44.53 11.09 27.48
C ASN B 60 -45.15 12.47 27.74
N LYS B 61 -44.97 13.37 26.78
CA LYS B 61 -45.50 14.72 26.87
C LYS B 61 -45.92 15.11 25.47
N PHE B 62 -44.99 14.83 24.56
CA PHE B 62 -45.08 15.06 23.10
C PHE B 62 -46.52 14.93 22.62
N ALA B 63 -46.91 15.78 21.67
CA ALA B 63 -48.26 15.79 21.09
C ALA B 63 -48.32 15.12 19.70
N LEU B 64 -48.82 13.88 19.67
CA LEU B 64 -48.93 13.11 18.42
C LEU B 64 -50.20 13.44 17.61
N PRO B 65 -50.19 13.06 16.30
CA PRO B 65 -51.35 13.29 15.41
C PRO B 65 -52.47 12.33 15.81
N ASP B 66 -52.03 11.27 16.51
CA ASP B 66 -52.88 10.21 17.06
C ASP B 66 -52.64 10.25 18.57
N SER B 67 -53.50 9.57 19.33
CA SER B 67 -53.35 9.54 20.80
C SER B 67 -54.10 8.36 21.41
N SER B 68 -54.63 7.50 20.55
CA SER B 68 -55.38 6.31 20.97
C SER B 68 -54.38 5.16 21.08
N LEU B 69 -53.14 5.44 20.65
CA LEU B 69 -52.03 4.47 20.66
C LEU B 69 -51.78 3.68 21.95
N PHE B 70 -52.25 4.16 23.11
CA PHE B 70 -52.01 3.43 24.37
C PHE B 70 -52.63 4.00 25.64
N ASP B 71 -52.53 3.21 26.71
CA ASP B 71 -53.04 3.57 28.04
C ASP B 71 -51.95 4.23 28.90
N PRO B 72 -51.96 5.58 29.00
CA PRO B 72 -50.95 6.28 29.81
C PRO B 72 -50.99 5.86 31.26
N THR B 73 -51.86 4.91 31.61
CA THR B 73 -51.97 4.45 32.99
C THR B 73 -51.11 3.23 33.29
N THR B 74 -50.91 2.37 32.29
CA THR B 74 -50.14 1.18 32.52
C THR B 74 -48.83 1.10 31.77
N GLN B 75 -48.65 1.96 30.77
CA GLN B 75 -47.42 1.95 29.97
C GLN B 75 -46.75 3.31 29.74
N ARG B 76 -45.46 3.28 29.42
CA ARG B 76 -44.67 4.49 29.17
C ARG B 76 -43.96 4.44 27.84
N LEU B 77 -43.59 5.63 27.33
CA LEU B 77 -42.92 5.74 26.05
C LEU B 77 -41.41 5.97 26.14
N VAL B 78 -40.67 5.40 25.19
CA VAL B 78 -39.21 5.52 25.14
C VAL B 78 -38.72 5.62 23.72
N TRP B 79 -37.68 6.42 23.50
CA TRP B 79 -37.12 6.58 22.17
C TRP B 79 -36.03 5.54 21.93
N ALA B 80 -36.04 4.92 20.77
CA ALA B 80 -35.03 3.95 20.46
C ALA B 80 -34.28 4.44 19.21
N CYS B 81 -32.96 4.40 19.28
CA CYS B 81 -32.12 4.83 18.16
C CYS B 81 -32.12 3.79 17.05
N THR B 82 -32.54 4.19 15.87
CA THR B 82 -32.60 3.30 14.72
C THR B 82 -31.39 3.44 13.82
N GLY B 83 -30.92 4.66 13.67
CA GLY B 83 -29.75 4.89 12.84
C GLY B 83 -29.30 6.33 12.93
N LEU B 84 -28.03 6.57 12.59
CA LEU B 84 -27.50 7.93 12.61
C LEU B 84 -26.44 8.11 11.54
N GLU B 85 -26.06 9.36 11.32
CA GLU B 85 -25.03 9.71 10.36
C GLU B 85 -24.33 10.95 10.88
N VAL B 86 -23.03 10.83 11.07
CA VAL B 86 -22.23 11.92 11.59
C VAL B 86 -21.67 12.72 10.42
N GLY B 87 -22.35 13.79 10.05
CA GLY B 87 -21.89 14.63 8.95
C GLY B 87 -20.58 15.35 9.26
N ARG B 88 -19.67 15.41 8.29
CA ARG B 88 -18.40 16.06 8.53
C ARG B 88 -18.00 16.97 7.40
N GLY B 89 -17.87 18.26 7.68
CA GLY B 89 -17.49 19.20 6.66
C GLY B 89 -15.98 19.40 6.66
N GLN B 90 -15.52 20.42 5.93
CA GLN B 90 -14.09 20.74 5.82
C GLN B 90 -13.36 19.61 5.08
N PRO B 91 -12.30 19.96 4.32
CA PRO B 91 -11.51 19.00 3.55
C PRO B 91 -10.64 18.08 4.39
N LEU B 92 -10.09 17.06 3.74
CA LEU B 92 -9.22 16.10 4.42
C LEU B 92 -7.84 16.70 4.61
N GLY B 93 -7.13 16.29 5.65
CA GLY B 93 -5.80 16.82 5.87
C GLY B 93 -5.22 16.38 7.21
N VAL B 94 -3.93 16.61 7.42
CA VAL B 94 -3.31 16.24 8.69
C VAL B 94 -2.90 17.45 9.49
N GLY B 95 -2.79 17.25 10.80
CA GLY B 95 -2.44 18.35 11.67
C GLY B 95 -1.09 18.24 12.33
N VAL B 96 -0.29 19.28 12.18
CA VAL B 96 1.03 19.34 12.76
C VAL B 96 1.03 19.82 14.19
N SER B 97 1.80 19.13 15.01
CA SER B 97 1.95 19.47 16.41
C SER B 97 3.45 19.56 16.65
N GLY B 98 3.84 20.31 17.66
CA GLY B 98 5.26 20.43 17.95
C GLY B 98 5.50 20.96 19.33
N HIS B 99 6.73 21.37 19.57
CA HIS B 99 7.14 21.93 20.85
C HIS B 99 8.43 22.71 20.62
N PRO B 100 8.45 23.97 21.03
CA PRO B 100 9.66 24.76 20.83
C PRO B 100 10.86 24.20 21.58
N LEU B 101 10.58 23.60 22.74
CA LEU B 101 11.62 23.02 23.60
C LEU B 101 11.38 21.54 23.94
N LEU B 102 11.38 20.70 22.93
CA LEU B 102 11.16 19.28 23.14
C LEU B 102 12.43 18.66 23.65
N ASN B 103 12.31 17.76 24.61
CA ASN B 103 13.46 17.09 25.15
C ASN B 103 13.96 16.00 24.19
N LYS B 104 14.47 16.41 23.03
CA LYS B 104 14.98 15.48 22.02
C LYS B 104 16.48 15.65 21.89
N TYR B 105 17.25 14.84 22.60
CA TYR B 105 18.70 14.96 22.56
C TYR B 105 19.36 14.49 21.26
N ASP B 106 19.68 13.21 21.15
CA ASP B 106 20.31 12.74 19.92
C ASP B 106 19.47 11.83 19.05
N ASP B 107 19.59 12.01 17.74
CA ASP B 107 18.88 11.21 16.78
C ASP B 107 19.60 9.86 16.73
N VAL B 108 18.92 8.78 17.11
CA VAL B 108 19.56 7.47 17.15
C VAL B 108 19.37 6.58 15.94
N GLU B 109 18.50 6.99 15.02
CA GLU B 109 18.22 6.21 13.81
C GLU B 109 19.49 5.93 13.05
N ASN B 110 20.28 6.98 12.86
CA ASN B 110 21.53 6.89 12.13
C ASN B 110 22.39 8.06 12.62
N SER B 111 23.28 7.79 13.56
CA SER B 111 24.16 8.85 14.05
C SER B 111 25.61 8.42 13.89
N GLY B 112 26.46 9.38 13.59
CA GLY B 112 27.86 9.12 13.35
C GLY B 112 28.63 8.57 14.53
N GLY B 113 29.44 9.42 15.16
CA GLY B 113 30.25 9.00 16.26
C GLY B 113 29.67 9.33 17.62
N TYR B 114 30.36 8.79 18.64
CA TYR B 114 29.99 9.00 20.04
C TYR B 114 30.24 10.44 20.37
N GLY B 115 29.25 11.28 20.06
CA GLY B 115 29.38 12.69 20.35
C GLY B 115 29.74 12.94 21.81
N GLY B 116 29.75 14.21 22.19
CA GLY B 116 30.03 14.53 23.57
C GLY B 116 28.82 14.15 24.43
N ASN B 117 28.81 14.71 25.63
CA ASN B 117 27.72 14.47 26.55
C ASN B 117 26.95 15.77 26.74
N PRO B 118 25.61 15.67 26.79
CA PRO B 118 24.78 16.86 26.98
C PRO B 118 25.09 17.60 28.28
N GLY B 119 24.99 18.92 28.22
CA GLY B 119 25.21 19.75 29.38
C GLY B 119 23.88 20.00 30.09
N GLN B 120 23.40 21.22 30.02
CA GLN B 120 22.15 21.54 30.65
C GLN B 120 21.27 22.17 29.60
N ASP B 121 20.08 21.63 29.44
CA ASP B 121 19.12 22.12 28.46
C ASP B 121 19.57 22.03 27.01
N ASN B 122 19.15 20.96 26.34
CA ASN B 122 19.47 20.72 24.94
C ASN B 122 18.20 20.64 24.11
N ARG B 123 17.09 21.02 24.73
CA ARG B 123 15.80 20.99 24.06
C ARG B 123 15.84 21.67 22.69
N VAL B 124 15.08 21.14 21.74
CA VAL B 124 15.08 21.68 20.40
C VAL B 124 13.68 21.76 19.79
N ASN B 125 13.51 22.65 18.81
CA ASN B 125 12.22 22.81 18.20
C ASN B 125 11.92 21.61 17.34
N VAL B 126 10.88 20.87 17.70
CA VAL B 126 10.51 19.68 16.94
C VAL B 126 9.04 19.73 16.51
N GLY B 127 8.74 19.14 15.36
CA GLY B 127 7.37 19.12 14.88
C GLY B 127 7.04 17.84 14.13
N MET B 128 5.86 17.28 14.37
CA MET B 128 5.51 16.05 13.68
C MET B 128 4.02 15.92 13.51
N ASP B 129 3.61 14.81 12.89
CA ASP B 129 2.20 14.55 12.72
C ASP B 129 1.84 13.32 13.54
N TYR B 130 0.72 13.42 14.24
CA TYR B 130 0.24 12.36 15.11
C TYR B 130 -0.31 11.14 14.39
N LYS B 131 -0.67 10.16 15.20
CA LYS B 131 -1.24 8.91 14.75
C LYS B 131 -2.66 9.20 14.28
N GLN B 132 -3.00 8.72 13.10
CA GLN B 132 -4.34 8.90 12.55
C GLN B 132 -5.34 8.02 13.31
N THR B 133 -6.52 8.57 13.59
CA THR B 133 -7.53 7.83 14.34
C THR B 133 -8.95 8.27 13.98
N GLN B 134 -9.80 7.28 13.70
CA GLN B 134 -11.21 7.53 13.38
C GLN B 134 -11.97 6.60 14.25
N LEU B 135 -12.94 7.11 15.00
CA LEU B 135 -13.72 6.23 15.83
C LEU B 135 -15.05 6.88 16.12
N CYS B 136 -16.03 6.06 16.45
CA CYS B 136 -17.35 6.58 16.74
C CYS B 136 -18.13 5.56 17.53
N MET B 137 -18.78 6.00 18.60
CA MET B 137 -19.57 5.07 19.39
C MET B 137 -20.78 5.70 20.08
N VAL B 138 -21.92 5.06 19.89
CA VAL B 138 -23.16 5.55 20.44
C VAL B 138 -23.58 4.78 21.69
N GLY B 139 -24.32 5.45 22.55
CA GLY B 139 -24.78 4.84 23.78
C GLY B 139 -25.74 5.74 24.52
N CYS B 140 -26.38 5.24 25.57
CA CYS B 140 -27.28 6.08 26.31
C CYS B 140 -26.59 6.46 27.58
N ALA B 141 -25.27 6.30 27.60
CA ALA B 141 -24.45 6.66 28.74
C ALA B 141 -23.09 7.09 28.19
N PRO B 142 -22.41 8.01 28.88
CA PRO B 142 -21.11 8.47 28.43
C PRO B 142 -20.12 7.33 28.33
N PRO B 143 -19.19 7.39 27.36
CA PRO B 143 -18.18 6.38 27.11
C PRO B 143 -17.12 6.33 28.23
N LEU B 144 -16.42 5.20 28.31
CA LEU B 144 -15.39 5.01 29.31
C LEU B 144 -14.02 4.95 28.67
N GLY B 145 -13.05 5.60 29.31
CA GLY B 145 -11.71 5.60 28.77
C GLY B 145 -10.70 5.14 29.79
N GLU B 146 -9.47 4.93 29.34
CA GLU B 146 -8.39 4.49 30.20
C GLU B 146 -7.13 5.23 29.84
N HIS B 147 -6.33 5.47 30.87
CA HIS B 147 -5.05 6.14 30.72
C HIS B 147 -4.24 5.82 31.94
N TRP B 148 -2.95 6.04 31.86
CA TRP B 148 -2.10 5.75 33.00
C TRP B 148 -1.80 7.00 33.79
N GLY B 149 -2.06 6.94 35.09
CA GLY B 149 -1.82 8.09 35.95
C GLY B 149 -0.85 7.75 37.05
N LYS B 150 -0.44 8.74 37.85
CA LYS B 150 0.49 8.51 38.95
C LYS B 150 -0.21 7.76 40.07
N GLY B 151 0.32 6.58 40.42
CA GLY B 151 -0.32 5.80 41.46
C GLY B 151 -0.06 6.27 42.87
N THR B 152 -0.42 5.44 43.84
CA THR B 152 -0.20 5.76 45.24
C THR B 152 0.73 4.71 45.87
N GLN B 153 1.87 5.16 46.36
CA GLN B 153 2.88 4.31 46.98
C GLN B 153 2.40 3.80 48.33
N SER B 154 2.62 2.52 48.65
CA SER B 154 2.18 2.02 49.97
C SER B 154 3.17 2.47 51.06
N SER B 155 3.06 1.84 52.21
CA SER B 155 3.93 2.18 53.33
C SER B 155 5.33 1.63 53.08
N ASN B 156 5.91 2.08 51.98
CA ASN B 156 7.22 1.63 51.58
C ASN B 156 8.32 2.68 51.68
N THR B 157 9.56 2.22 51.46
CA THR B 157 10.75 3.07 51.50
C THR B 157 10.37 4.45 50.97
N SER B 158 10.71 5.46 51.73
CA SER B 158 10.45 6.85 51.36
C SER B 158 10.91 7.09 49.91
N VAL B 159 9.97 7.45 49.05
CA VAL B 159 10.29 7.69 47.65
C VAL B 159 11.26 8.86 47.42
N GLN B 160 12.56 8.57 47.44
CA GLN B 160 13.55 9.60 47.22
C GLN B 160 13.13 10.43 46.02
N ASN B 161 13.21 11.74 46.16
CA ASN B 161 12.85 12.60 45.05
C ASN B 161 13.52 12.08 43.76
N GLY B 162 12.72 11.93 42.71
CA GLY B 162 13.25 11.48 41.45
C GLY B 162 13.01 10.03 41.11
N ASP B 163 12.51 9.25 42.07
CA ASP B 163 12.25 7.84 41.81
C ASP B 163 11.13 7.73 40.79
N CYS B 164 11.15 6.66 40.01
CA CYS B 164 10.11 6.45 38.99
C CYS B 164 8.75 6.34 39.64
N PRO B 165 7.82 7.21 39.24
CA PRO B 165 6.48 7.15 39.85
C PRO B 165 5.80 5.83 39.57
N PRO B 166 4.81 5.47 40.40
CA PRO B 166 4.05 4.22 40.27
C PRO B 166 2.86 4.35 39.30
N LEU B 167 2.82 3.47 38.30
CA LEU B 167 1.74 3.49 37.30
C LEU B 167 0.43 2.87 37.78
N GLU B 168 -0.67 3.52 37.43
CA GLU B 168 -2.01 3.03 37.79
C GLU B 168 -2.96 3.22 36.62
N LEU B 169 -3.72 2.17 36.30
CA LEU B 169 -4.65 2.25 35.21
C LEU B 169 -5.90 2.93 35.70
N ILE B 170 -6.09 4.19 35.34
CA ILE B 170 -7.25 4.94 35.78
C ILE B 170 -8.39 4.89 34.77
N THR B 171 -9.59 4.61 35.26
CA THR B 171 -10.77 4.55 34.40
C THR B 171 -11.56 5.82 34.61
N SER B 172 -12.07 6.40 33.54
CA SER B 172 -12.80 7.64 33.67
C SER B 172 -13.81 7.85 32.53
N VAL B 173 -14.64 8.86 32.68
CA VAL B 173 -15.62 9.19 31.67
C VAL B 173 -15.00 10.15 30.64
N ILE B 174 -14.86 9.68 29.41
CA ILE B 174 -14.29 10.49 28.36
C ILE B 174 -15.19 11.69 28.13
N GLN B 175 -14.67 12.87 28.40
CA GLN B 175 -15.43 14.10 28.20
C GLN B 175 -15.02 14.82 26.96
N ASP B 176 -15.90 15.69 26.49
CA ASP B 176 -15.68 16.47 25.30
C ASP B 176 -14.45 17.34 25.48
N GLY B 177 -13.60 17.37 24.48
CA GLY B 177 -12.39 18.17 24.57
C GLY B 177 -11.22 17.44 25.21
N ASP B 178 -11.38 16.14 25.41
CA ASP B 178 -10.31 15.31 25.97
C ASP B 178 -9.32 14.97 24.86
N MET B 179 -8.13 14.52 25.22
CA MET B 179 -7.15 14.20 24.20
C MET B 179 -7.07 12.72 23.85
N VAL B 180 -6.95 12.47 22.55
CA VAL B 180 -6.82 11.12 22.02
C VAL B 180 -5.36 10.67 22.04
N ASP B 181 -5.16 9.38 22.19
CA ASP B 181 -3.81 8.85 22.19
C ASP B 181 -3.25 9.30 20.84
N THR B 182 -2.03 9.85 20.83
CA THR B 182 -1.43 10.34 19.59
C THR B 182 -0.20 9.59 19.13
N GLY B 183 0.25 8.62 19.92
CA GLY B 183 1.43 7.86 19.54
C GLY B 183 2.42 7.73 20.68
N PHE B 184 2.20 8.50 21.74
CA PHE B 184 3.04 8.46 22.93
C PHE B 184 2.27 7.76 24.04
N GLY B 185 1.23 7.01 23.65
CA GLY B 185 0.44 6.27 24.61
C GLY B 185 -0.65 7.08 25.29
N ALA B 186 -1.49 6.39 26.05
CA ALA B 186 -2.58 7.03 26.78
C ALA B 186 -2.14 7.18 28.21
N MET B 187 -1.64 8.36 28.57
CA MET B 187 -1.19 8.58 29.93
C MET B 187 -1.36 10.04 30.30
N ASN B 188 -1.19 10.35 31.57
CA ASN B 188 -1.32 11.73 32.02
C ASN B 188 0.04 12.37 32.07
N PHE B 189 0.47 12.88 30.92
CA PHE B 189 1.77 13.52 30.80
C PHE B 189 2.01 14.64 31.83
N ALA B 190 0.95 15.35 32.17
CA ALA B 190 1.08 16.42 33.15
C ALA B 190 1.71 15.89 34.42
N ASP B 191 1.27 14.72 34.86
CA ASP B 191 1.78 14.14 36.09
C ASP B 191 2.99 13.21 35.96
N LEU B 192 3.12 12.49 34.85
CA LEU B 192 4.25 11.58 34.68
C LEU B 192 5.47 12.21 34.00
N GLN B 193 5.31 13.40 33.44
CA GLN B 193 6.44 14.03 32.78
C GLN B 193 6.62 15.44 33.33
N THR B 194 7.36 15.49 34.42
CA THR B 194 7.67 16.70 35.16
C THR B 194 8.31 17.84 34.37
N ASN B 195 9.22 17.52 33.45
CA ASN B 195 9.90 18.55 32.68
C ASN B 195 9.00 19.31 31.72
N LYS B 196 7.75 18.89 31.59
CA LYS B 196 6.83 19.60 30.70
C LYS B 196 7.37 19.78 29.28
N SER B 197 8.34 18.97 28.89
CA SER B 197 8.90 19.11 27.55
C SER B 197 9.20 17.80 26.81
N ASP B 198 8.52 16.72 27.19
CA ASP B 198 8.74 15.42 26.57
C ASP B 198 7.82 15.10 25.40
N VAL B 199 6.75 15.87 25.24
CA VAL B 199 5.80 15.68 24.14
C VAL B 199 5.16 17.00 23.75
N PRO B 200 4.64 17.10 22.50
CA PRO B 200 4.00 18.33 21.99
C PRO B 200 3.13 19.10 22.95
N LEU B 201 3.02 20.40 22.71
CA LEU B 201 2.23 21.28 23.55
C LEU B 201 0.78 20.86 23.74
N ASP B 202 0.14 20.39 22.67
CA ASP B 202 -1.26 20.01 22.78
C ASP B 202 -1.55 18.84 23.71
N ILE B 203 -0.52 18.17 24.24
CA ILE B 203 -0.76 17.08 25.17
C ILE B 203 0.18 17.04 26.36
N CYS B 204 1.26 17.82 26.33
CA CYS B 204 2.21 17.81 27.45
C CYS B 204 1.64 18.32 28.76
N GLY B 205 0.44 18.86 28.72
CA GLY B 205 -0.18 19.39 29.94
C GLY B 205 -1.54 18.81 30.31
N THR B 206 -1.89 17.68 29.71
CA THR B 206 -3.16 17.04 29.99
C THR B 206 -3.02 15.54 29.94
N VAL B 207 -4.15 14.87 29.71
CA VAL B 207 -4.19 13.42 29.66
C VAL B 207 -4.65 12.93 28.30
N CYS B 208 -4.09 11.82 27.86
CA CYS B 208 -4.49 11.23 26.60
C CYS B 208 -5.21 9.95 27.02
N LYS B 209 -6.49 9.83 26.67
CA LYS B 209 -7.26 8.66 27.06
C LYS B 209 -7.52 7.74 25.89
N TYR B 210 -7.79 6.46 26.19
CA TYR B 210 -8.11 5.46 25.16
C TYR B 210 -9.40 4.76 25.55
N PRO B 211 -10.32 4.60 24.60
CA PRO B 211 -11.58 3.93 24.93
C PRO B 211 -11.36 2.64 25.69
N ASP B 212 -12.10 2.46 26.78
CA ASP B 212 -11.94 1.23 27.54
C ASP B 212 -12.93 0.20 27.02
N TYR B 213 -12.77 -0.18 25.75
CA TYR B 213 -13.65 -1.12 25.10
C TYR B 213 -13.95 -2.35 25.92
N LEU B 214 -12.90 -3.08 26.34
CA LEU B 214 -13.06 -4.29 27.12
C LEU B 214 -13.96 -4.11 28.34
N GLN B 215 -13.83 -2.98 29.01
CA GLN B 215 -14.64 -2.76 30.18
C GLN B 215 -16.07 -2.45 29.81
N MET B 216 -16.27 -1.62 28.80
CA MET B 216 -17.62 -1.27 28.38
C MET B 216 -18.31 -2.50 27.83
N ALA B 217 -17.58 -3.29 27.04
CA ALA B 217 -18.13 -4.49 26.44
C ALA B 217 -18.67 -5.47 27.48
N ALA B 218 -18.08 -5.47 28.67
CA ALA B 218 -18.51 -6.36 29.74
C ALA B 218 -19.59 -5.72 30.60
N ASP B 219 -20.03 -4.52 30.22
CA ASP B 219 -21.10 -3.82 30.93
C ASP B 219 -22.26 -4.80 31.03
N PRO B 220 -22.71 -5.09 32.26
CA PRO B 220 -23.83 -6.02 32.46
C PRO B 220 -25.07 -5.72 31.64
N TYR B 221 -25.40 -4.44 31.49
CA TYR B 221 -26.58 -4.06 30.72
C TYR B 221 -26.22 -3.59 29.34
N GLY B 222 -25.14 -2.86 29.22
CA GLY B 222 -24.73 -2.39 27.90
C GLY B 222 -25.29 -1.06 27.44
N ASP B 223 -25.29 -0.06 28.32
CA ASP B 223 -25.77 1.28 27.98
C ASP B 223 -24.63 2.15 27.54
N ARG B 224 -23.41 1.75 27.90
CA ARG B 224 -22.21 2.50 27.55
C ARG B 224 -22.05 2.60 26.06
N LEU B 225 -22.12 1.48 25.37
CA LEU B 225 -21.97 1.54 23.92
C LEU B 225 -22.58 0.34 23.23
N PHE B 226 -23.55 0.60 22.36
CA PHE B 226 -24.16 -0.51 21.66
C PHE B 226 -23.78 -0.50 20.19
N PHE B 227 -22.70 0.21 19.87
CA PHE B 227 -22.22 0.32 18.50
C PHE B 227 -20.88 1.06 18.57
N TYR B 228 -19.95 0.75 17.66
CA TYR B 228 -18.65 1.43 17.64
C TYR B 228 -17.83 1.04 16.43
N LEU B 229 -17.18 2.03 15.83
CA LEU B 229 -16.34 1.81 14.68
C LEU B 229 -15.01 2.45 14.96
N ARG B 230 -13.95 1.65 14.95
CA ARG B 230 -12.62 2.17 15.23
C ARG B 230 -11.71 1.91 14.05
N LYS B 231 -10.80 2.86 13.80
CA LYS B 231 -9.85 2.75 12.70
C LYS B 231 -8.64 3.61 13.03
N GLU B 232 -7.57 2.99 13.50
CA GLU B 232 -6.34 3.73 13.83
C GLU B 232 -5.12 3.12 13.14
N GLN B 233 -4.20 3.98 12.68
CA GLN B 233 -2.99 3.53 11.98
C GLN B 233 -1.85 4.46 12.30
N MET B 234 -0.62 3.95 12.20
CA MET B 234 0.55 4.75 12.52
C MET B 234 1.88 4.02 12.29
N PHE B 235 2.94 4.77 12.03
CA PHE B 235 4.25 4.16 11.85
C PHE B 235 5.32 5.03 12.51
N ALA B 236 6.52 4.50 12.66
CA ALA B 236 7.62 5.21 13.31
C ALA B 236 8.45 6.03 12.34
N ARG B 237 8.31 7.34 12.41
CA ARG B 237 9.02 8.26 11.53
C ARG B 237 10.49 8.41 11.92
N HIS B 238 10.76 8.91 13.13
CA HIS B 238 12.13 9.09 13.60
C HIS B 238 12.43 8.46 14.98
N PHE B 239 13.71 8.23 15.25
CA PHE B 239 14.09 7.66 16.54
C PHE B 239 14.95 8.63 17.35
N PHE B 240 14.46 8.95 18.54
CA PHE B 240 15.11 9.89 19.42
C PHE B 240 15.66 9.30 20.70
N ASN B 241 16.40 10.14 21.41
CA ASN B 241 17.02 9.80 22.66
C ASN B 241 16.73 10.97 23.58
N ARG B 242 16.25 10.70 24.78
CA ARG B 242 15.95 11.79 25.71
C ARG B 242 17.21 12.29 26.45
N ALA B 243 17.08 13.47 27.06
CA ALA B 243 18.14 14.09 27.82
C ALA B 243 17.68 14.07 29.27
N GLY B 244 18.61 13.86 30.19
CA GLY B 244 18.27 13.79 31.60
C GLY B 244 18.88 12.53 32.17
N THR B 245 19.13 12.49 33.47
CA THR B 245 19.78 11.31 34.04
C THR B 245 18.91 10.07 33.88
N VAL B 246 19.57 8.93 33.61
CA VAL B 246 18.90 7.64 33.41
C VAL B 246 18.58 6.95 34.72
N GLY B 247 17.37 7.18 35.20
CA GLY B 247 16.91 6.61 36.45
C GLY B 247 17.32 5.17 36.71
N GLU B 248 17.31 4.35 35.66
CA GLU B 248 17.66 2.94 35.80
C GLU B 248 18.67 2.54 34.74
N PRO B 249 19.96 2.75 35.03
CA PRO B 249 21.07 2.43 34.13
C PRO B 249 21.03 1.01 33.58
N VAL B 250 21.75 0.80 32.48
CA VAL B 250 21.81 -0.50 31.86
C VAL B 250 22.65 -1.42 32.77
N PRO B 251 22.12 -2.60 33.07
CA PRO B 251 22.80 -3.57 33.93
C PRO B 251 24.15 -3.97 33.36
N ASP B 252 25.09 -4.27 34.26
CA ASP B 252 26.42 -4.66 33.81
C ASP B 252 26.39 -5.91 32.95
N ASP B 253 25.65 -6.93 33.39
CA ASP B 253 25.59 -8.19 32.65
C ASP B 253 25.15 -8.08 31.20
N LEU B 254 24.57 -6.95 30.85
CA LEU B 254 24.15 -6.74 29.47
C LEU B 254 25.14 -6.06 28.52
N LEU B 255 26.22 -5.50 29.06
CA LEU B 255 27.16 -4.85 28.14
C LEU B 255 28.60 -5.03 28.55
N VAL B 256 29.50 -4.73 27.61
CA VAL B 256 30.94 -4.80 27.73
C VAL B 256 31.40 -3.37 27.73
N LYS B 257 31.66 -2.87 28.92
CA LYS B 257 32.11 -1.52 29.18
C LYS B 257 33.13 -1.09 28.15
N GLY B 258 33.07 0.16 27.73
CA GLY B 258 34.03 0.64 26.76
C GLY B 258 34.99 1.62 27.40
N GLY B 259 36.13 1.85 26.76
CA GLY B 259 37.10 2.79 27.31
C GLY B 259 37.04 4.11 26.56
N ASN B 260 37.82 5.08 27.04
CA ASN B 260 37.81 6.39 26.38
C ASN B 260 36.39 6.94 26.39
N ASN B 261 36.09 7.77 25.38
CA ASN B 261 34.77 8.39 25.28
C ASN B 261 33.62 7.41 25.61
N ARG B 262 33.66 6.22 25.02
CA ARG B 262 32.63 5.21 25.22
C ARG B 262 32.41 4.86 26.69
N SER B 263 33.41 5.12 27.53
CA SER B 263 33.29 4.78 28.94
C SER B 263 32.02 5.32 29.61
N SER B 264 31.40 6.32 28.98
CA SER B 264 30.17 6.88 29.54
C SER B 264 29.02 6.46 28.66
N VAL B 265 28.33 5.40 29.06
CA VAL B 265 27.19 4.88 28.30
C VAL B 265 26.13 5.96 28.05
N ALA B 266 25.68 6.11 26.80
CA ALA B 266 24.68 7.11 26.45
C ALA B 266 23.26 6.84 26.94
N SER B 267 22.37 7.82 26.80
CA SER B 267 21.03 7.59 27.26
C SER B 267 20.38 6.51 26.43
N SER B 268 19.94 5.45 27.12
CA SER B 268 19.29 4.34 26.46
C SER B 268 17.78 4.48 26.60
N ILE B 269 17.32 5.71 26.77
CA ILE B 269 15.90 5.98 26.93
C ILE B 269 15.36 6.48 25.60
N TYR B 270 15.06 5.54 24.72
CA TYR B 270 14.59 5.82 23.37
C TYR B 270 13.13 6.21 23.18
N VAL B 271 12.86 6.88 22.08
CA VAL B 271 11.51 7.33 21.76
C VAL B 271 11.46 7.44 20.27
N HIS B 272 10.26 7.55 19.72
CA HIS B 272 10.09 7.66 18.27
C HIS B 272 9.00 8.67 17.88
N THR B 273 9.24 9.40 16.80
CA THR B 273 8.27 10.36 16.30
C THR B 273 7.20 9.56 15.57
N PRO B 274 5.95 9.66 16.02
CA PRO B 274 4.87 8.92 15.36
C PRO B 274 4.44 9.60 14.06
N SER B 275 3.62 8.92 13.27
CA SER B 275 3.11 9.47 12.00
C SER B 275 2.05 8.59 11.41
N GLY B 276 0.99 9.21 10.92
CA GLY B 276 -0.09 8.48 10.29
C GLY B 276 0.22 8.53 8.80
N SER B 277 0.06 7.43 8.07
CA SER B 277 0.36 7.50 6.65
C SER B 277 -0.58 8.49 5.98
N LEU B 278 -0.98 8.25 4.74
CA LEU B 278 -1.86 9.20 4.09
C LEU B 278 -3.27 8.98 4.54
N VAL B 279 -4.09 10.00 4.36
CA VAL B 279 -5.48 9.90 4.70
C VAL B 279 -6.14 9.91 3.35
N SER B 280 -7.23 9.17 3.21
CA SER B 280 -7.91 9.11 1.94
C SER B 280 -9.38 8.92 2.15
N SER B 281 -10.15 9.27 1.14
CA SER B 281 -11.59 9.13 1.22
C SER B 281 -11.95 7.67 1.39
N GLU B 282 -11.24 6.80 0.68
CA GLU B 282 -11.53 5.39 0.76
C GLU B 282 -11.66 4.86 2.18
N ALA B 283 -10.87 5.38 3.11
CA ALA B 283 -10.94 4.89 4.48
C ALA B 283 -11.85 5.70 5.37
N GLN B 284 -12.54 6.68 4.80
CA GLN B 284 -13.46 7.52 5.56
C GLN B 284 -14.52 6.71 6.27
N LEU B 285 -14.65 7.00 7.55
CA LEU B 285 -15.59 6.33 8.41
C LEU B 285 -16.92 7.06 8.41
N PHE B 286 -16.88 8.38 8.60
CA PHE B 286 -18.09 9.18 8.67
C PHE B 286 -18.76 9.52 7.35
N ASN B 287 -19.80 10.32 7.43
CA ASN B 287 -20.57 10.70 6.24
C ASN B 287 -21.19 9.49 5.56
N LYS B 288 -21.48 8.49 6.38
CA LYS B 288 -22.08 7.26 5.93
C LYS B 288 -23.11 6.87 7.01
N PRO B 289 -24.34 6.55 6.60
CA PRO B 289 -25.34 6.18 7.60
C PRO B 289 -25.03 4.83 8.24
N TYR B 290 -25.31 4.71 9.53
CA TYR B 290 -25.11 3.47 10.26
C TYR B 290 -26.45 3.06 10.80
N TRP B 291 -26.93 1.90 10.37
CA TRP B 291 -28.22 1.39 10.83
C TRP B 291 -28.01 0.34 11.93
N LEU B 292 -28.35 0.69 13.17
CA LEU B 292 -28.20 -0.27 14.25
C LEU B 292 -29.45 -1.10 14.28
N GLN B 293 -29.33 -2.38 13.98
CA GLN B 293 -30.51 -3.22 14.00
C GLN B 293 -30.49 -4.25 15.13
N LYS B 294 -29.29 -4.65 15.55
CA LYS B 294 -29.16 -5.59 16.63
C LYS B 294 -27.91 -5.35 17.42
N ALA B 295 -28.03 -4.55 18.48
CA ALA B 295 -26.90 -4.24 19.34
C ALA B 295 -26.26 -5.53 19.87
N GLN B 296 -24.96 -5.47 20.16
CA GLN B 296 -24.26 -6.64 20.68
C GLN B 296 -24.53 -6.81 22.17
N GLY B 297 -25.03 -5.74 22.80
CA GLY B 297 -25.34 -5.80 24.21
C GLY B 297 -26.83 -6.07 24.42
N HIS B 298 -27.32 -5.93 25.65
CA HIS B 298 -28.74 -6.18 25.88
C HIS B 298 -29.59 -4.98 25.57
N ASN B 299 -29.01 -3.80 25.63
CA ASN B 299 -29.76 -2.59 25.32
C ASN B 299 -29.66 -2.36 23.82
N ASN B 300 -30.74 -2.63 23.10
CA ASN B 300 -30.73 -2.50 21.65
C ASN B 300 -31.09 -1.08 21.20
N GLY B 301 -30.27 -0.11 21.58
CA GLY B 301 -30.51 1.27 21.20
C GLY B 301 -31.64 1.99 21.92
N ILE B 302 -31.96 1.59 23.14
CA ILE B 302 -33.01 2.23 23.89
C ILE B 302 -32.45 3.46 24.59
N CYS B 303 -32.88 4.65 24.17
CA CYS B 303 -32.36 5.87 24.78
C CYS B 303 -33.00 6.19 26.12
N TRP B 304 -32.67 5.39 27.13
CA TRP B 304 -33.22 5.61 28.46
C TRP B 304 -33.04 7.07 28.91
N GLY B 305 -34.06 7.63 29.55
CA GLY B 305 -33.97 9.00 30.02
C GLY B 305 -33.99 10.03 28.91
N ASN B 306 -34.31 9.60 27.71
CA ASN B 306 -34.37 10.50 26.57
C ASN B 306 -33.02 11.12 26.28
N HIS B 307 -31.95 10.43 26.65
CA HIS B 307 -30.59 10.88 26.43
C HIS B 307 -29.95 10.05 25.36
N LEU B 308 -28.82 10.53 24.85
CA LEU B 308 -28.09 9.82 23.82
C LEU B 308 -26.69 10.41 23.71
N SER B 309 -25.67 9.61 24.03
CA SER B 309 -24.31 10.14 23.94
C SER B 309 -23.63 9.62 22.69
N VAL B 310 -23.08 10.53 21.89
CA VAL B 310 -22.38 10.15 20.67
C VAL B 310 -20.95 10.64 20.72
N THR B 311 -20.02 9.69 20.81
CA THR B 311 -18.62 10.05 20.86
C THR B 311 -18.01 9.97 19.47
N VAL B 312 -17.16 10.93 19.15
CA VAL B 312 -16.53 10.98 17.84
C VAL B 312 -15.10 11.46 17.90
N VAL B 313 -14.24 10.85 17.10
CA VAL B 313 -12.83 11.24 17.00
C VAL B 313 -12.49 11.13 15.55
N ASP B 314 -12.02 12.23 14.97
CA ASP B 314 -11.68 12.21 13.57
C ASP B 314 -10.53 13.12 13.29
N THR B 315 -9.39 12.52 12.99
CA THR B 315 -8.19 13.31 12.73
C THR B 315 -7.96 13.47 11.25
N THR B 316 -8.85 12.90 10.44
CA THR B 316 -8.69 12.96 8.99
C THR B 316 -8.95 14.34 8.45
N ARG B 317 -9.34 15.25 9.33
CA ARG B 317 -9.62 16.63 8.93
C ARG B 317 -8.95 17.58 9.92
N SER B 318 -7.71 17.26 10.27
CA SER B 318 -6.98 18.05 11.26
C SER B 318 -6.03 19.12 10.73
N THR B 319 -6.26 19.63 9.52
CA THR B 319 -5.38 20.67 8.98
C THR B 319 -5.44 21.88 9.89
N ASN B 320 -4.25 22.31 10.35
CA ASN B 320 -4.13 23.48 11.24
C ASN B 320 -3.74 24.68 10.41
N MET B 321 -4.72 25.44 9.93
CA MET B 321 -4.38 26.57 9.11
C MET B 321 -3.64 27.63 9.88
N THR B 322 -2.90 28.43 9.11
CA THR B 322 -2.08 29.51 9.59
C THR B 322 -2.54 30.80 8.96
N LEU B 323 -2.48 31.90 9.70
CA LEU B 323 -2.88 33.17 9.14
C LEU B 323 -2.09 34.26 9.82
N CYS B 324 -1.74 35.30 9.06
CA CYS B 324 -0.95 36.40 9.59
C CYS B 324 -1.50 37.77 9.16
N ALA B 325 -1.45 38.71 10.09
CA ALA B 325 -1.92 40.07 9.87
C ALA B 325 -0.70 40.97 9.99
N SER B 326 -0.64 41.99 9.15
CA SER B 326 0.50 42.88 9.19
C SER B 326 0.33 44.00 10.21
N VAL B 327 1.45 44.62 10.55
CA VAL B 327 1.49 45.67 11.52
C VAL B 327 2.31 46.84 10.99
N SER B 328 2.87 46.69 9.79
CA SER B 328 3.69 47.76 9.21
C SER B 328 3.72 47.74 7.67
N LYS B 329 2.54 47.49 7.11
CA LYS B 329 2.34 47.43 5.67
C LYS B 329 3.04 48.53 4.83
N SER B 330 4.37 48.47 4.73
CA SER B 330 5.09 49.44 3.91
C SER B 330 6.59 49.14 3.82
N ALA B 331 7.21 48.95 4.98
CA ALA B 331 8.63 48.66 5.00
C ALA B 331 8.95 47.58 3.97
N THR B 332 10.19 47.52 3.51
CA THR B 332 10.63 46.47 2.58
C THR B 332 10.72 45.15 3.35
N TYR B 333 9.91 44.16 2.97
CA TYR B 333 9.82 42.88 3.67
C TYR B 333 10.61 42.75 4.96
N THR B 334 9.89 42.80 6.08
CA THR B 334 10.47 42.70 7.42
C THR B 334 9.60 41.78 8.27
N ASN B 335 10.18 40.67 8.69
CA ASN B 335 9.44 39.71 9.50
C ASN B 335 8.67 40.38 10.64
N SER B 336 9.30 41.32 11.34
CA SER B 336 8.64 41.99 12.45
C SER B 336 7.34 42.70 12.06
N ASP B 337 7.12 42.89 10.76
CA ASP B 337 5.93 43.55 10.26
C ASP B 337 4.69 42.68 10.37
N TYR B 338 4.85 41.41 10.75
CA TYR B 338 3.72 40.51 10.81
C TYR B 338 3.59 39.64 12.03
N LYS B 339 2.34 39.26 12.34
CA LYS B 339 2.04 38.38 13.47
C LYS B 339 1.37 37.14 12.93
N GLU B 340 2.01 36.00 13.13
CA GLU B 340 1.48 34.73 12.66
C GLU B 340 0.61 34.06 13.74
N TYR B 341 -0.46 33.39 13.33
CA TYR B 341 -1.33 32.69 14.27
C TYR B 341 -1.65 31.25 13.88
N MET B 342 -2.33 30.53 14.77
CA MET B 342 -2.73 29.15 14.55
C MET B 342 -4.22 28.98 14.86
N ARG B 343 -4.96 28.43 13.90
CA ARG B 343 -6.40 28.22 14.09
C ARG B 343 -6.86 26.91 13.50
N HIS B 344 -7.62 26.14 14.27
CA HIS B 344 -8.16 24.90 13.75
C HIS B 344 -9.67 24.98 13.69
N VAL B 345 -10.26 24.08 12.92
CA VAL B 345 -11.69 24.10 12.75
C VAL B 345 -12.31 22.72 12.67
N GLU B 346 -13.55 22.63 13.13
CA GLU B 346 -14.29 21.38 13.12
C GLU B 346 -15.70 21.70 12.64
N GLU B 347 -16.24 20.84 11.78
CA GLU B 347 -17.57 21.06 11.23
C GLU B 347 -18.37 19.79 11.32
N PHE B 348 -19.42 19.80 12.12
CA PHE B 348 -20.26 18.62 12.26
C PHE B 348 -21.69 18.85 11.82
N ASP B 349 -22.45 17.75 11.77
CA ASP B 349 -23.89 17.75 11.42
C ASP B 349 -24.48 16.39 11.76
N LEU B 350 -24.78 16.18 13.05
CA LEU B 350 -25.32 14.93 13.54
C LEU B 350 -26.78 14.76 13.20
N GLN B 351 -27.10 13.72 12.44
CA GLN B 351 -28.47 13.47 12.07
C GLN B 351 -28.84 12.07 12.46
N PHE B 352 -30.03 11.91 13.03
CA PHE B 352 -30.49 10.61 13.49
C PHE B 352 -31.86 10.21 12.97
N ILE B 353 -32.31 9.05 13.43
CA ILE B 353 -33.63 8.51 13.09
C ILE B 353 -34.06 7.67 14.28
N PHE B 354 -35.09 8.11 15.01
CA PHE B 354 -35.56 7.39 16.17
C PHE B 354 -36.92 6.72 15.99
N GLN B 355 -37.15 5.68 16.79
CA GLN B 355 -38.38 4.90 16.73
C GLN B 355 -39.10 4.85 18.08
N LEU B 356 -40.35 5.27 18.11
CA LEU B 356 -41.15 5.28 19.32
C LEU B 356 -41.41 3.87 19.84
N CYS B 357 -41.23 3.69 21.15
CA CYS B 357 -41.42 2.39 21.79
C CYS B 357 -42.29 2.54 23.03
N SER B 358 -42.81 1.44 23.55
CA SER B 358 -43.65 1.50 24.74
C SER B 358 -43.23 0.43 25.74
N ILE B 359 -43.69 0.56 26.97
CA ILE B 359 -43.36 -0.40 28.01
C ILE B 359 -44.49 -0.52 29.04
N THR B 360 -45.23 -1.63 29.01
CA THR B 360 -46.30 -1.79 30.00
C THR B 360 -45.61 -2.05 31.34
N LEU B 361 -45.86 -1.17 32.29
CA LEU B 361 -45.25 -1.28 33.61
C LEU B 361 -45.84 -2.35 34.51
N SER B 362 -45.57 -3.61 34.20
CA SER B 362 -46.10 -4.69 35.02
C SER B 362 -45.24 -4.74 36.26
N ALA B 363 -45.71 -5.47 37.26
CA ALA B 363 -44.98 -5.62 38.52
C ALA B 363 -43.54 -6.01 38.28
N GLU B 364 -43.36 -7.08 37.53
CA GLU B 364 -42.02 -7.57 37.23
C GLU B 364 -41.18 -6.60 36.42
N VAL B 365 -41.77 -5.93 35.44
CA VAL B 365 -40.99 -4.97 34.66
C VAL B 365 -40.50 -3.84 35.53
N MET B 366 -41.38 -3.37 36.43
CA MET B 366 -41.07 -2.28 37.33
C MET B 366 -39.85 -2.63 38.16
N ALA B 367 -39.79 -3.89 38.59
CA ALA B 367 -38.69 -4.41 39.39
C ALA B 367 -37.37 -4.38 38.64
N TYR B 368 -37.31 -5.14 37.55
CA TYR B 368 -36.12 -5.22 36.73
C TYR B 368 -35.52 -3.84 36.47
N ILE B 369 -36.35 -2.93 36.00
CA ILE B 369 -35.93 -1.57 35.71
C ILE B 369 -35.38 -0.85 36.93
N HIS B 370 -36.09 -0.96 38.04
CA HIS B 370 -35.66 -0.29 39.27
C HIS B 370 -34.25 -0.71 39.70
N THR B 371 -33.91 -1.96 39.41
CA THR B 371 -32.59 -2.48 39.73
C THR B 371 -31.59 -2.01 38.67
N MET B 372 -32.03 -1.96 37.41
CA MET B 372 -31.19 -1.54 36.31
C MET B 372 -30.89 -0.05 36.38
N ASN B 373 -31.92 0.78 36.29
CA ASN B 373 -31.73 2.23 36.37
C ASN B 373 -32.88 2.88 37.08
N PRO B 374 -32.82 2.93 38.42
CA PRO B 374 -33.89 3.53 39.22
C PRO B 374 -34.29 4.90 38.71
N SER B 375 -33.34 5.63 38.15
CA SER B 375 -33.62 6.95 37.64
C SER B 375 -34.77 6.88 36.66
N VAL B 376 -34.63 6.03 35.66
CA VAL B 376 -35.64 5.86 34.64
C VAL B 376 -37.07 5.90 35.19
N LEU B 377 -37.32 5.18 36.29
CA LEU B 377 -38.66 5.16 36.89
C LEU B 377 -39.01 6.45 37.59
N GLU B 378 -38.09 6.92 38.43
CA GLU B 378 -38.30 8.13 39.18
C GLU B 378 -38.67 9.31 38.29
N ASP B 379 -38.32 9.23 37.01
CA ASP B 379 -38.65 10.31 36.08
C ASP B 379 -40.04 10.13 35.51
N TRP B 380 -40.37 8.89 35.15
CA TRP B 380 -41.68 8.63 34.58
C TRP B 380 -42.78 8.96 35.58
N ASN B 381 -43.07 10.25 35.76
CA ASN B 381 -44.12 10.68 36.70
C ASN B 381 -44.92 11.92 36.23
N LYS B 387 -34.66 18.07 40.15
CA LYS B 387 -33.64 17.04 40.14
C LYS B 387 -32.24 17.53 39.74
N GLN B 388 -31.24 16.73 40.07
CA GLN B 388 -29.84 17.09 39.75
C GLN B 388 -29.26 16.26 38.59
N ASP B 389 -28.20 16.79 37.97
CA ASP B 389 -27.55 16.12 36.85
C ASP B 389 -26.47 15.12 37.34
N PRO B 390 -26.61 13.82 36.99
CA PRO B 390 -25.68 12.75 37.39
C PRO B 390 -24.30 12.95 36.80
N TYR B 391 -24.21 13.93 35.89
CA TYR B 391 -22.96 14.28 35.23
C TYR B 391 -22.87 15.80 35.07
N LYS B 392 -23.27 16.51 36.12
CA LYS B 392 -23.24 17.98 36.10
C LYS B 392 -21.81 18.52 36.00
N ASP B 393 -20.89 17.88 36.70
CA ASP B 393 -19.50 18.32 36.70
C ASP B 393 -18.82 18.08 35.34
N MET B 394 -19.15 16.97 34.68
CA MET B 394 -18.55 16.62 33.40
C MET B 394 -18.98 17.59 32.29
N SER B 395 -18.17 17.67 31.24
CA SER B 395 -18.45 18.56 30.12
C SER B 395 -18.63 17.84 28.78
N PHE B 396 -19.80 18.03 28.19
CA PHE B 396 -20.14 17.44 26.91
C PHE B 396 -20.68 18.55 26.02
N TRP B 397 -20.65 18.33 24.71
CA TRP B 397 -21.17 19.29 23.77
C TRP B 397 -22.68 19.08 23.74
N GLU B 398 -23.43 19.88 24.48
CA GLU B 398 -24.87 19.76 24.53
C GLU B 398 -25.49 19.94 23.17
N VAL B 399 -26.25 18.95 22.72
CA VAL B 399 -26.96 19.06 21.44
C VAL B 399 -28.43 18.86 21.74
N ASN B 400 -29.19 19.94 21.68
CA ASN B 400 -30.61 19.86 21.99
C ASN B 400 -31.41 19.56 20.74
N LEU B 401 -32.16 18.46 20.78
CA LEU B 401 -32.96 18.07 19.63
C LEU B 401 -34.45 18.09 19.92
N LYS B 402 -34.85 18.74 21.00
CA LYS B 402 -36.26 18.77 21.37
C LYS B 402 -37.19 19.30 20.29
N GLU B 403 -36.88 20.50 19.77
CA GLU B 403 -37.73 21.07 18.72
C GLU B 403 -37.23 20.64 17.35
N LYS B 404 -36.45 19.56 17.30
CA LYS B 404 -35.90 19.07 16.04
C LYS B 404 -36.48 17.81 15.42
N PHE B 405 -37.41 17.15 16.10
CA PHE B 405 -38.00 15.94 15.55
C PHE B 405 -39.02 16.22 14.45
N SER B 406 -39.23 15.22 13.59
CA SER B 406 -40.20 15.31 12.49
C SER B 406 -40.49 13.95 11.91
N SER B 407 -41.77 13.68 11.66
CA SER B 407 -42.19 12.40 11.11
C SER B 407 -42.27 12.42 9.57
N GLU B 408 -41.79 13.50 8.97
CA GLU B 408 -41.79 13.62 7.51
C GLU B 408 -40.46 13.13 6.97
N LEU B 409 -40.15 11.87 7.23
CA LEU B 409 -38.90 11.26 6.81
C LEU B 409 -38.37 11.62 5.43
N ASP B 410 -39.22 11.51 4.40
CA ASP B 410 -38.81 11.80 3.03
C ASP B 410 -38.39 13.22 2.78
N GLN B 411 -38.38 14.04 3.83
CA GLN B 411 -37.98 15.44 3.72
C GLN B 411 -36.54 15.65 4.14
N PHE B 412 -35.87 14.57 4.56
CA PHE B 412 -34.49 14.67 4.99
C PHE B 412 -33.60 13.60 4.38
N PRO B 413 -32.35 13.95 4.06
CA PRO B 413 -31.42 12.99 3.47
C PRO B 413 -31.38 11.63 4.18
N LEU B 414 -31.16 11.64 5.49
CA LEU B 414 -31.09 10.38 6.23
C LEU B 414 -32.45 9.69 6.18
N GLY B 415 -33.50 10.49 6.21
CA GLY B 415 -34.84 9.94 6.17
C GLY B 415 -35.00 9.21 4.85
N ARG B 416 -34.67 9.89 3.77
CA ARG B 416 -34.77 9.28 2.47
C ARG B 416 -33.97 7.99 2.45
N LYS B 417 -32.74 8.07 2.93
CA LYS B 417 -31.88 6.91 2.97
C LYS B 417 -32.53 5.80 3.76
N PHE B 418 -33.20 6.18 4.83
CA PHE B 418 -33.87 5.22 5.70
C PHE B 418 -34.96 4.48 4.92
N LEU B 419 -35.99 5.20 4.50
CA LEU B 419 -37.07 4.59 3.74
C LEU B 419 -36.46 3.64 2.72
N LEU B 420 -35.51 4.14 1.94
CA LEU B 420 -34.88 3.33 0.92
C LEU B 420 -34.39 2.04 1.56
N GLN B 421 -33.40 2.16 2.44
CA GLN B 421 -32.82 1.00 3.13
C GLN B 421 -33.86 0.05 3.74
N SER B 422 -34.86 0.62 4.40
CA SER B 422 -35.88 -0.21 5.04
C SER B 422 -36.82 -0.80 4.02
N GLY B 423 -36.45 -0.71 2.74
CA GLY B 423 -37.28 -1.26 1.69
C GLY B 423 -38.67 -0.67 1.55
N TYR B 424 -39.38 -0.51 2.67
CA TYR B 424 -40.74 0.04 2.60
C TYR B 424 -40.82 1.46 3.14
N ALA C 1 -44.78 20.57 1.75
CA ALA C 1 -43.87 19.38 1.66
C ALA C 1 -43.34 19.22 0.23
N VAL C 2 -42.05 18.94 0.10
CA VAL C 2 -41.46 18.76 -1.23
C VAL C 2 -41.77 17.36 -1.74
N VAL C 3 -42.12 17.24 -3.01
CA VAL C 3 -42.42 15.91 -3.55
C VAL C 3 -41.37 15.46 -4.55
N ALA C 4 -41.23 14.14 -4.70
CA ALA C 4 -40.26 13.58 -5.65
C ALA C 4 -40.69 13.87 -7.07
N THR C 5 -39.74 14.32 -7.88
CA THR C 5 -40.04 14.61 -9.26
C THR C 5 -40.74 13.43 -9.94
N ASP C 6 -40.40 12.21 -9.52
CA ASP C 6 -41.00 11.02 -10.10
C ASP C 6 -42.52 11.03 -10.01
N ALA C 7 -43.07 11.98 -9.26
CA ALA C 7 -44.51 12.06 -9.07
C ALA C 7 -45.27 12.98 -10.01
N TYR C 8 -44.57 13.93 -10.61
CA TYR C 8 -45.24 14.86 -11.52
C TYR C 8 -44.52 15.03 -12.85
N VAL C 9 -43.54 14.18 -13.14
CA VAL C 9 -42.80 14.27 -14.40
C VAL C 9 -42.88 12.94 -15.15
N LYS C 10 -43.71 12.86 -16.19
CA LYS C 10 -43.84 11.61 -16.92
C LYS C 10 -42.62 11.36 -17.80
N ARG C 11 -42.17 10.10 -17.83
CA ARG C 11 -41.02 9.71 -18.64
C ARG C 11 -41.47 9.05 -19.95
N THR C 12 -40.54 8.95 -20.89
CA THR C 12 -40.84 8.34 -22.19
C THR C 12 -39.72 7.38 -22.56
N ASN C 13 -39.70 6.95 -23.81
CA ASN C 13 -38.66 6.05 -24.28
C ASN C 13 -37.70 6.80 -25.17
N ILE C 14 -37.93 8.11 -25.30
CA ILE C 14 -37.10 8.92 -26.16
C ILE C 14 -35.78 9.25 -25.50
N PHE C 15 -34.68 8.72 -26.04
CA PHE C 15 -33.36 9.02 -25.50
C PHE C 15 -32.50 9.65 -26.59
N TYR C 16 -31.63 10.55 -26.19
CA TYR C 16 -30.74 11.21 -27.13
C TYR C 16 -29.32 11.18 -26.61
N HIS C 17 -28.35 11.33 -27.51
CA HIS C 17 -26.96 11.35 -27.09
C HIS C 17 -26.41 12.73 -27.38
N ALA C 18 -25.45 13.16 -26.57
CA ALA C 18 -24.85 14.46 -26.78
C ALA C 18 -23.45 14.47 -26.23
N SER C 19 -22.54 15.12 -26.95
CA SER C 19 -21.16 15.25 -26.50
C SER C 19 -20.58 16.59 -26.92
N SER C 20 -19.77 17.17 -26.05
CA SER C 20 -19.13 18.44 -26.30
C SER C 20 -17.90 18.28 -27.19
N SER C 21 -17.48 17.02 -27.34
CA SER C 21 -16.29 16.69 -28.11
C SER C 21 -15.07 17.28 -27.39
N ARG C 22 -13.93 17.27 -28.06
CA ARG C 22 -12.71 17.76 -27.45
C ARG C 22 -12.74 19.20 -26.92
N LEU C 23 -12.26 19.35 -25.70
CA LEU C 23 -12.16 20.64 -25.03
C LEU C 23 -10.74 20.80 -24.49
N LEU C 24 -10.09 21.89 -24.87
CA LEU C 24 -8.73 22.15 -24.43
C LEU C 24 -8.57 23.45 -23.66
N ALA C 25 -7.72 23.41 -22.64
CA ALA C 25 -7.42 24.58 -21.85
C ALA C 25 -5.90 24.57 -21.83
N VAL C 26 -5.27 25.69 -22.17
CA VAL C 26 -3.81 25.75 -22.20
C VAL C 26 -3.28 27.07 -21.67
N GLY C 27 -2.57 27.01 -20.56
CA GLY C 27 -2.06 28.23 -19.99
C GLY C 27 -0.90 28.04 -19.05
N HIS C 28 -0.78 28.98 -18.11
CA HIS C 28 0.27 28.97 -17.11
C HIS C 28 -0.32 28.40 -15.83
N PRO C 29 0.38 27.44 -15.22
CA PRO C 29 -0.07 26.79 -13.98
C PRO C 29 -0.25 27.64 -12.73
N TYR C 30 0.56 28.67 -12.57
CA TYR C 30 0.53 29.51 -11.37
C TYR C 30 -0.18 30.86 -11.46
N TYR C 31 -0.02 31.56 -12.57
CA TYR C 31 -0.66 32.86 -12.71
C TYR C 31 -0.87 33.18 -14.15
N SER C 32 -1.79 34.09 -14.43
CA SER C 32 -2.07 34.45 -15.80
C SER C 32 -0.98 35.38 -16.30
N ILE C 33 -0.73 35.35 -17.60
CA ILE C 33 0.30 36.21 -18.19
C ILE C 33 -0.32 37.28 -19.08
N LYS C 34 -0.50 38.46 -18.52
CA LYS C 34 -1.06 39.58 -19.28
C LYS C 34 0.13 40.46 -19.67
N LYS C 35 0.17 40.92 -20.92
CA LYS C 35 1.29 41.75 -21.37
C LYS C 35 1.19 43.16 -20.79
N VAL C 36 1.04 43.24 -19.46
CA VAL C 36 0.94 44.51 -18.72
C VAL C 36 -0.31 45.27 -19.17
N ASN C 37 -1.27 44.54 -19.74
CA ASN C 37 -2.49 45.18 -20.22
C ASN C 37 -3.69 44.24 -20.10
N LYS C 38 -3.90 43.45 -21.14
CA LYS C 38 -4.98 42.46 -21.24
C LYS C 38 -4.42 41.05 -20.96
N THR C 39 -5.34 40.14 -20.62
CA THR C 39 -4.95 38.75 -20.33
C THR C 39 -4.79 37.95 -21.63
N VAL C 40 -3.59 37.41 -21.85
CA VAL C 40 -3.37 36.63 -23.07
C VAL C 40 -3.30 35.15 -22.69
N VAL C 41 -2.28 34.79 -21.91
CA VAL C 41 -2.11 33.42 -21.44
C VAL C 41 -2.87 33.28 -20.14
N PRO C 42 -3.98 32.55 -20.16
CA PRO C 42 -4.77 32.37 -18.95
C PRO C 42 -4.17 31.39 -17.96
N LYS C 43 -4.60 31.49 -16.70
CA LYS C 43 -4.12 30.57 -15.70
C LYS C 43 -4.89 29.26 -15.82
N VAL C 44 -4.17 28.18 -16.05
CA VAL C 44 -4.79 26.88 -16.18
C VAL C 44 -4.02 25.91 -15.30
N SER C 45 -4.52 25.68 -14.10
CA SER C 45 -3.86 24.79 -13.19
C SER C 45 -4.60 23.49 -13.06
N GLY C 46 -3.90 22.44 -12.64
CA GLY C 46 -4.56 21.16 -12.47
C GLY C 46 -5.40 21.19 -11.21
N TYR C 47 -4.98 22.00 -10.26
CA TYR C 47 -5.72 22.08 -9.03
C TYR C 47 -6.82 23.13 -9.10
N GLN C 48 -7.35 23.31 -10.31
CA GLN C 48 -8.40 24.28 -10.56
C GLN C 48 -9.74 23.55 -10.68
N TYR C 49 -10.83 24.29 -10.47
CA TYR C 49 -12.14 23.70 -10.58
C TYR C 49 -12.60 23.88 -12.01
N ARG C 50 -13.39 22.95 -12.50
CA ARG C 50 -13.93 23.03 -13.83
C ARG C 50 -15.44 22.90 -13.73
N VAL C 51 -16.13 24.02 -13.79
CA VAL C 51 -17.57 24.05 -13.71
C VAL C 51 -18.13 24.30 -15.09
N PHE C 52 -18.61 23.25 -15.74
CA PHE C 52 -19.16 23.37 -17.07
C PHE C 52 -20.64 23.69 -17.04
N LYS C 53 -21.05 24.72 -17.78
CA LYS C 53 -22.45 25.09 -17.85
C LYS C 53 -22.94 24.51 -19.16
N VAL C 54 -23.50 23.31 -19.10
CA VAL C 54 -23.97 22.63 -20.31
C VAL C 54 -25.36 23.06 -20.71
N VAL C 55 -25.45 23.70 -21.87
CA VAL C 55 -26.73 24.19 -22.37
C VAL C 55 -27.35 23.18 -23.31
N LEU C 56 -28.59 22.83 -23.04
CA LEU C 56 -29.33 21.87 -23.84
C LEU C 56 -30.35 22.64 -24.66
N PRO C 57 -30.85 22.02 -25.74
CA PRO C 57 -31.86 22.64 -26.60
C PRO C 57 -33.23 22.49 -25.97
N ASP C 58 -34.02 23.57 -25.97
CA ASP C 58 -35.37 23.56 -25.38
C ASP C 58 -36.28 22.66 -26.20
N PRO C 59 -36.66 21.50 -25.65
CA PRO C 59 -37.52 20.54 -26.34
C PRO C 59 -38.86 21.08 -26.81
N ASN C 60 -39.32 22.15 -26.16
CA ASN C 60 -40.60 22.77 -26.49
C ASN C 60 -40.53 23.61 -27.76
N LYS C 61 -39.58 23.27 -28.63
CA LYS C 61 -39.38 23.96 -29.90
C LYS C 61 -38.91 22.90 -30.87
N PHE C 62 -37.94 22.13 -30.40
CA PHE C 62 -37.30 21.00 -31.08
C PHE C 62 -38.27 20.32 -32.05
N ALA C 63 -37.73 19.86 -33.18
CA ALA C 63 -38.50 19.20 -34.25
C ALA C 63 -38.27 17.67 -34.26
N LEU C 64 -39.23 16.94 -33.70
CA LEU C 64 -39.19 15.48 -33.61
C LEU C 64 -39.68 14.79 -34.90
N PRO C 65 -39.33 13.50 -35.06
CA PRO C 65 -39.74 12.70 -36.24
C PRO C 65 -41.22 12.38 -36.09
N ASP C 66 -41.68 12.51 -34.84
CA ASP C 66 -43.08 12.30 -34.46
C ASP C 66 -43.51 13.64 -33.86
N SER C 67 -44.82 13.82 -33.63
CA SER C 67 -45.32 15.05 -33.04
C SER C 67 -46.74 14.87 -32.49
N SER C 68 -47.20 13.61 -32.49
CA SER C 68 -48.52 13.26 -31.99
C SER C 68 -48.37 12.92 -30.50
N LEU C 69 -47.10 12.83 -30.07
CA LEU C 69 -46.72 12.51 -28.68
C LEU C 69 -47.46 13.26 -27.53
N PHE C 70 -48.09 14.41 -27.79
CA PHE C 70 -48.75 15.14 -26.69
C PHE C 70 -49.45 16.43 -27.07
N ASP C 71 -50.22 16.96 -26.10
CA ASP C 71 -50.98 18.20 -26.25
C ASP C 71 -50.20 19.41 -25.75
N PRO C 72 -49.60 20.18 -26.69
CA PRO C 72 -48.82 21.37 -26.30
C PRO C 72 -49.67 22.40 -25.56
N THR C 73 -50.93 22.07 -25.31
CA THR C 73 -51.82 23.00 -24.61
C THR C 73 -51.87 22.75 -23.11
N THR C 74 -51.71 21.50 -22.71
CA THR C 74 -51.78 21.16 -21.30
C THR C 74 -50.47 20.66 -20.69
N GLN C 75 -49.52 20.27 -21.52
CA GLN C 75 -48.25 19.76 -21.00
C GLN C 75 -46.99 20.34 -21.65
N ARG C 76 -45.87 20.27 -20.92
CA ARG C 76 -44.58 20.80 -21.36
C ARG C 76 -43.49 19.75 -21.33
N LEU C 77 -42.42 19.99 -22.08
CA LEU C 77 -41.31 19.05 -22.16
C LEU C 77 -40.07 19.45 -21.35
N VAL C 78 -39.38 18.45 -20.81
CA VAL C 78 -38.18 18.68 -20.00
C VAL C 78 -37.15 17.60 -20.26
N TRP C 79 -35.88 17.97 -20.25
CA TRP C 79 -34.81 17.00 -20.43
C TRP C 79 -34.37 16.42 -19.07
N ALA C 80 -34.19 15.11 -19.02
CA ALA C 80 -33.74 14.47 -17.80
C ALA C 80 -32.42 13.79 -18.09
N CYS C 81 -31.45 13.99 -17.21
CA CYS C 81 -30.14 13.39 -17.38
C CYS C 81 -30.18 11.92 -17.00
N THR C 82 -29.81 11.05 -17.94
CA THR C 82 -29.83 9.62 -17.70
C THR C 82 -28.46 9.10 -17.35
N GLY C 83 -27.44 9.67 -17.96
CA GLY C 83 -26.08 9.26 -17.68
C GLY C 83 -25.07 10.12 -18.40
N LEU C 84 -23.83 10.15 -17.90
CA LEU C 84 -22.75 10.91 -18.51
C LEU C 84 -21.40 10.23 -18.33
N GLU C 85 -20.42 10.74 -19.06
CA GLU C 85 -19.05 10.25 -18.99
C GLU C 85 -18.14 11.43 -19.27
N VAL C 86 -17.28 11.73 -18.31
CA VAL C 86 -16.35 12.85 -18.43
C VAL C 86 -15.04 12.35 -19.02
N GLY C 87 -14.89 12.49 -20.33
CA GLY C 87 -13.68 12.02 -20.98
C GLY C 87 -12.46 12.82 -20.58
N ARG C 88 -11.33 12.16 -20.37
CA ARG C 88 -10.13 12.88 -19.97
C ARG C 88 -8.91 12.43 -20.74
N GLY C 89 -8.32 13.38 -21.47
CA GLY C 89 -7.14 13.09 -22.26
C GLY C 89 -5.87 13.41 -21.49
N GLN C 90 -4.73 13.36 -22.17
CA GLN C 90 -3.43 13.62 -21.54
C GLN C 90 -3.10 12.52 -20.52
N PRO C 91 -1.81 12.19 -20.38
CA PRO C 91 -1.34 11.15 -19.46
C PRO C 91 -1.46 11.51 -17.97
N LEU C 92 -1.26 10.51 -17.11
CA LEU C 92 -1.32 10.71 -15.67
C LEU C 92 -0.04 11.38 -15.18
N GLY C 93 -0.14 12.16 -14.11
CA GLY C 93 1.05 12.81 -13.59
C GLY C 93 0.73 13.79 -12.49
N VAL C 94 1.75 14.27 -11.78
CA VAL C 94 1.52 15.24 -10.71
C VAL C 94 2.07 16.63 -11.04
N GLY C 95 1.48 17.66 -10.44
CA GLY C 95 1.94 19.00 -10.70
C GLY C 95 2.65 19.70 -9.55
N VAL C 96 3.85 20.20 -9.85
CA VAL C 96 4.66 20.89 -8.88
C VAL C 96 4.29 22.35 -8.74
N SER C 97 4.23 22.80 -7.50
CA SER C 97 3.92 24.18 -7.20
C SER C 97 5.02 24.63 -6.26
N GLY C 98 5.24 25.93 -6.18
CA GLY C 98 6.27 26.41 -5.29
C GLY C 98 6.12 27.89 -5.08
N HIS C 99 7.18 28.49 -4.52
CA HIS C 99 7.22 29.91 -4.26
C HIS C 99 8.70 30.30 -4.10
N PRO C 100 9.13 31.30 -4.85
CA PRO C 100 10.54 31.69 -4.73
C PRO C 100 10.86 32.19 -3.33
N LEU C 101 9.89 32.86 -2.71
CA LEU C 101 10.04 33.44 -1.37
C LEU C 101 9.02 32.94 -0.36
N LEU C 102 9.05 31.64 -0.08
CA LEU C 102 8.12 31.06 0.86
C LEU C 102 8.58 31.37 2.27
N ASN C 103 7.62 31.65 3.14
CA ASN C 103 7.95 31.95 4.52
C ASN C 103 8.20 30.65 5.25
N LYS C 104 9.27 29.94 4.91
CA LYS C 104 9.65 28.68 5.56
C LYS C 104 10.97 28.88 6.33
N TYR C 105 10.88 29.21 7.62
CA TYR C 105 12.07 29.44 8.44
C TYR C 105 12.90 28.18 8.75
N ASP C 106 12.58 27.48 9.83
CA ASP C 106 13.36 26.29 10.16
C ASP C 106 12.61 24.96 9.99
N ASP C 107 13.33 23.97 9.50
CA ASP C 107 12.78 22.63 9.31
C ASP C 107 12.72 22.02 10.71
N VAL C 108 11.53 21.69 11.19
CA VAL C 108 11.39 21.15 12.54
C VAL C 108 11.31 19.62 12.66
N GLU C 109 11.24 18.93 11.51
CA GLU C 109 11.16 17.47 11.49
C GLU C 109 12.31 16.84 12.24
N ASN C 110 13.51 17.33 11.94
CA ASN C 110 14.74 16.86 12.55
C ASN C 110 15.77 17.98 12.42
N SER C 111 15.97 18.75 13.47
CA SER C 111 16.95 19.83 13.41
C SER C 111 17.93 19.73 14.56
N GLY C 112 19.21 19.88 14.23
CA GLY C 112 20.26 19.80 15.22
C GLY C 112 20.09 20.56 16.52
N GLY C 113 20.66 21.76 16.59
CA GLY C 113 20.57 22.56 17.79
C GLY C 113 19.77 23.83 17.66
N TYR C 114 19.56 24.50 18.80
CA TYR C 114 18.82 25.76 18.86
C TYR C 114 19.62 26.81 18.12
N GLY C 115 19.43 26.87 16.81
CA GLY C 115 20.15 27.85 16.01
C GLY C 115 19.87 29.26 16.51
N GLY C 116 20.42 30.24 15.79
CA GLY C 116 20.19 31.62 16.17
C GLY C 116 18.74 32.03 15.92
N ASN C 117 18.49 33.33 15.95
CA ASN C 117 17.15 33.84 15.71
C ASN C 117 17.09 34.54 14.37
N PRO C 118 15.97 34.37 13.64
CA PRO C 118 15.80 34.99 12.33
C PRO C 118 15.86 36.50 12.42
N GLY C 119 16.42 37.12 11.39
CA GLY C 119 16.51 38.57 11.34
C GLY C 119 15.33 39.07 10.55
N GLN C 120 15.59 39.60 9.36
CA GLN C 120 14.51 40.12 8.54
C GLN C 120 14.57 39.43 7.21
N ASP C 121 13.45 38.86 6.80
CA ASP C 121 13.37 38.15 5.53
C ASP C 121 14.31 36.93 5.40
N ASN C 122 13.72 35.75 5.65
CA ASN C 122 14.45 34.49 5.58
C ASN C 122 13.78 33.58 4.57
N ARG C 123 12.84 34.14 3.83
CA ARG C 123 12.10 33.38 2.83
C ARG C 123 13.04 32.58 1.93
N VAL C 124 12.61 31.40 1.52
CA VAL C 124 13.43 30.53 0.70
C VAL C 124 12.64 29.87 -0.42
N ASN C 125 13.33 29.46 -1.47
CA ASN C 125 12.67 28.84 -2.61
C ASN C 125 12.21 27.46 -2.23
N VAL C 126 10.90 27.25 -2.24
CA VAL C 126 10.37 25.94 -1.87
C VAL C 126 9.45 25.39 -2.95
N GLY C 127 9.43 24.07 -3.09
CA GLY C 127 8.57 23.44 -4.08
C GLY C 127 8.01 22.11 -3.60
N MET C 128 6.74 21.84 -3.87
CA MET C 128 6.15 20.59 -3.44
C MET C 128 5.00 20.17 -4.33
N ASP C 129 4.39 19.04 -4.01
CA ASP C 129 3.26 18.56 -4.77
C ASP C 129 2.06 18.58 -3.84
N TYR C 130 0.95 19.06 -4.38
CA TYR C 130 -0.28 19.17 -3.63
C TYR C 130 -1.00 17.85 -3.34
N LYS C 131 -2.08 17.99 -2.60
CA LYS C 131 -2.94 16.89 -2.21
C LYS C 131 -3.72 16.44 -3.43
N GLN C 132 -3.72 15.15 -3.69
CA GLN C 132 -4.44 14.62 -4.84
C GLN C 132 -5.95 14.68 -4.59
N THR C 133 -6.71 15.02 -5.62
CA THR C 133 -8.15 15.14 -5.50
C THR C 133 -8.88 14.86 -6.80
N GLN C 134 -9.88 13.99 -6.73
CA GLN C 134 -10.71 13.68 -7.87
C GLN C 134 -12.12 13.82 -7.38
N LEU C 135 -12.93 14.57 -8.09
CA LEU C 135 -14.31 14.71 -7.68
C LEU C 135 -15.13 15.09 -8.88
N CYS C 136 -16.42 14.83 -8.80
CA CYS C 136 -17.31 15.14 -9.91
C CYS C 136 -18.74 15.17 -9.43
N MET C 137 -19.47 16.24 -9.76
CA MET C 137 -20.87 16.32 -9.35
C MET C 137 -21.78 17.05 -10.34
N VAL C 138 -22.89 16.40 -10.65
CA VAL C 138 -23.84 16.94 -11.60
C VAL C 138 -25.05 17.55 -10.89
N GLY C 139 -25.65 18.54 -11.53
CA GLY C 139 -26.82 19.20 -10.98
C GLY C 139 -27.41 20.17 -11.99
N CYS C 140 -28.60 20.69 -11.69
CA CYS C 140 -29.22 21.64 -12.61
C CYS C 140 -29.04 23.02 -12.03
N ALA C 141 -28.11 23.11 -11.10
CA ALA C 141 -27.76 24.38 -10.46
C ALA C 141 -26.27 24.32 -10.11
N PRO C 142 -25.60 25.48 -10.09
CA PRO C 142 -24.18 25.50 -9.76
C PRO C 142 -23.93 24.97 -8.36
N PRO C 143 -22.77 24.33 -8.14
CA PRO C 143 -22.35 23.74 -6.88
C PRO C 143 -22.02 24.77 -5.84
N LEU C 144 -22.09 24.38 -4.58
CA LEU C 144 -21.80 25.26 -3.47
C LEU C 144 -20.50 24.89 -2.79
N GLY C 145 -19.72 25.89 -2.42
CA GLY C 145 -18.46 25.60 -1.77
C GLY C 145 -18.35 26.38 -0.49
N GLU C 146 -17.31 26.08 0.27
CA GLU C 146 -17.04 26.74 1.54
C GLU C 146 -15.57 27.00 1.71
N HIS C 147 -15.27 28.12 2.35
CA HIS C 147 -13.91 28.50 2.64
C HIS C 147 -13.94 29.50 3.78
N TRP C 148 -12.80 29.71 4.41
CA TRP C 148 -12.75 30.65 5.51
C TRP C 148 -12.23 32.00 5.05
N GLY C 149 -13.00 33.04 5.36
CA GLY C 149 -12.60 34.39 4.96
C GLY C 149 -12.52 35.30 6.16
N LYS C 150 -12.03 36.52 5.97
CA LYS C 150 -11.92 37.46 7.07
C LYS C 150 -13.31 37.91 7.52
N GLY C 151 -13.60 37.70 8.81
CA GLY C 151 -14.90 38.08 9.32
C GLY C 151 -15.07 39.56 9.61
N THR C 152 -16.15 39.91 10.30
CA THR C 152 -16.41 41.30 10.65
C THR C 152 -16.48 41.43 12.17
N GLN C 153 -15.53 42.20 12.71
CA GLN C 153 -15.43 42.45 14.16
C GLN C 153 -16.64 43.26 14.64
N SER C 154 -17.19 42.91 15.80
CA SER C 154 -18.33 43.67 16.32
C SER C 154 -17.82 44.97 16.99
N SER C 155 -18.68 45.62 17.76
CA SER C 155 -18.30 46.87 18.42
C SER C 155 -17.36 46.64 19.61
N ASN C 156 -16.24 45.99 19.29
CA ASN C 156 -15.25 45.67 20.28
C ASN C 156 -13.98 46.43 20.22
N THR C 157 -13.17 46.20 21.26
CA THR C 157 -11.86 46.81 21.43
C THR C 157 -11.26 46.97 20.04
N SER C 158 -10.82 48.17 19.77
CA SER C 158 -10.20 48.55 18.50
C SER C 158 -9.11 47.50 18.13
N VAL C 159 -9.33 46.78 17.03
CA VAL C 159 -8.38 45.74 16.61
C VAL C 159 -6.99 46.29 16.29
N GLN C 160 -6.15 46.35 17.31
CA GLN C 160 -4.79 46.84 17.12
C GLN C 160 -4.19 46.20 15.87
N ASN C 161 -3.55 47.01 15.03
CA ASN C 161 -2.95 46.47 13.82
C ASN C 161 -2.17 45.22 14.19
N GLY C 162 -2.42 44.14 13.46
CA GLY C 162 -1.69 42.90 13.71
C GLY C 162 -2.42 41.84 14.49
N ASP C 163 -3.58 42.17 15.04
CA ASP C 163 -4.35 41.18 15.79
C ASP C 163 -4.86 40.12 14.83
N CYS C 164 -5.02 38.90 15.34
CA CYS C 164 -5.50 37.80 14.52
C CYS C 164 -6.89 38.11 13.96
N PRO C 165 -7.03 38.07 12.64
CA PRO C 165 -8.33 38.37 12.04
C PRO C 165 -9.37 37.37 12.47
N PRO C 166 -10.66 37.76 12.40
CA PRO C 166 -11.79 36.90 12.77
C PRO C 166 -12.23 35.98 11.62
N LEU C 167 -12.31 34.68 11.89
CA LEU C 167 -12.70 33.69 10.90
C LEU C 167 -14.21 33.58 10.68
N GLU C 168 -14.61 33.46 9.42
CA GLU C 168 -16.00 33.33 9.05
C GLU C 168 -16.13 32.29 7.93
N LEU C 169 -17.08 31.39 8.09
CA LEU C 169 -17.30 30.35 7.11
C LEU C 169 -18.16 30.95 6.00
N ILE C 170 -17.52 31.26 4.87
CA ILE C 170 -18.23 31.84 3.73
C ILE C 170 -18.72 30.79 2.73
N THR C 171 -19.99 30.89 2.36
CA THR C 171 -20.58 29.97 1.40
C THR C 171 -20.66 30.69 0.08
N SER C 172 -20.33 30.02 -1.01
CA SER C 172 -20.36 30.67 -2.31
C SER C 172 -20.57 29.69 -3.45
N VAL C 173 -20.78 30.23 -4.63
CA VAL C 173 -20.98 29.40 -5.80
C VAL C 173 -19.63 29.10 -6.44
N ILE C 174 -19.23 27.82 -6.43
CA ILE C 174 -17.96 27.40 -7.01
C ILE C 174 -17.94 27.69 -8.51
N GLN C 175 -17.08 28.61 -8.92
CA GLN C 175 -16.99 28.97 -10.32
C GLN C 175 -15.80 28.32 -10.99
N ASP C 176 -15.88 28.24 -12.31
CA ASP C 176 -14.84 27.66 -13.11
C ASP C 176 -13.56 28.45 -12.91
N GLY C 177 -12.45 27.74 -12.72
CA GLY C 177 -11.19 28.44 -12.52
C GLY C 177 -10.90 28.74 -11.06
N ASP C 178 -11.74 28.24 -10.17
CA ASP C 178 -11.55 28.44 -8.73
C ASP C 178 -10.47 27.46 -8.24
N MET C 179 -9.92 27.71 -7.07
CA MET C 179 -8.90 26.81 -6.57
C MET C 179 -9.40 25.75 -5.59
N VAL C 180 -8.88 24.55 -5.75
CA VAL C 180 -9.22 23.42 -4.88
C VAL C 180 -8.34 23.43 -3.64
N ASP C 181 -8.86 22.91 -2.55
CA ASP C 181 -8.08 22.83 -1.34
C ASP C 181 -6.85 22.02 -1.75
N THR C 182 -5.64 22.47 -1.39
CA THR C 182 -4.43 21.74 -1.76
C THR C 182 -3.65 21.14 -0.60
N GLY C 183 -4.11 21.36 0.63
CA GLY C 183 -3.42 20.82 1.77
C GLY C 183 -3.20 21.85 2.84
N PHE C 184 -3.43 23.12 2.49
CA PHE C 184 -3.29 24.23 3.44
C PHE C 184 -4.67 24.69 3.83
N GLY C 185 -5.66 23.82 3.60
CA GLY C 185 -7.02 24.15 3.95
C GLY C 185 -7.76 25.01 2.94
N ALA C 186 -9.07 25.15 3.15
CA ALA C 186 -9.91 25.95 2.28
C ALA C 186 -10.08 27.31 2.91
N MET C 187 -9.29 28.28 2.47
CA MET C 187 -9.41 29.61 3.03
C MET C 187 -8.99 30.65 2.01
N ASN C 188 -9.23 31.92 2.31
CA ASN C 188 -8.88 33.01 1.41
C ASN C 188 -7.54 33.55 1.81
N PHE C 189 -6.48 32.91 1.32
CA PHE C 189 -5.12 33.30 1.62
C PHE C 189 -4.83 34.76 1.32
N ALA C 190 -5.43 35.29 0.26
CA ALA C 190 -5.22 36.68 -0.08
C ALA C 190 -5.53 37.59 1.10
N ASP C 191 -6.61 37.30 1.81
CA ASP C 191 -7.00 38.13 2.94
C ASP C 191 -6.47 37.70 4.30
N LEU C 192 -6.24 36.40 4.51
CA LEU C 192 -5.75 35.95 5.81
C LEU C 192 -4.24 35.87 5.91
N GLN C 193 -3.55 35.97 4.79
CA GLN C 193 -2.10 35.90 4.84
C GLN C 193 -1.51 37.10 4.13
N THR C 194 -1.37 38.17 4.92
CA THR C 194 -0.85 39.45 4.49
C THR C 194 0.51 39.45 3.82
N ASN C 195 1.42 38.63 4.30
CA ASN C 195 2.77 38.58 3.73
C ASN C 195 2.86 38.03 2.31
N LYS C 196 1.75 37.56 1.76
CA LYS C 196 1.76 37.04 0.41
C LYS C 196 2.85 35.99 0.17
N SER C 197 3.37 35.38 1.22
CA SER C 197 4.43 34.41 1.03
C SER C 197 4.34 33.16 1.89
N ASP C 198 3.14 32.84 2.37
CA ASP C 198 2.92 31.66 3.23
C ASP C 198 2.53 30.37 2.49
N VAL C 199 2.18 30.49 1.21
CA VAL C 199 1.81 29.31 0.41
C VAL C 199 2.11 29.58 -1.05
N PRO C 200 2.31 28.52 -1.84
CA PRO C 200 2.62 28.62 -3.27
C PRO C 200 1.89 29.72 -4.05
N LEU C 201 2.55 30.18 -5.11
CA LEU C 201 2.01 31.22 -5.96
C LEU C 201 0.61 30.93 -6.50
N ASP C 202 0.34 29.70 -6.94
CA ASP C 202 -0.97 29.40 -7.49
C ASP C 202 -2.15 29.56 -6.54
N ILE C 203 -1.89 29.80 -5.25
CA ILE C 203 -2.99 30.00 -4.33
C ILE C 203 -2.79 31.12 -3.33
N CYS C 204 -1.57 31.64 -3.21
CA CYS C 204 -1.33 32.70 -2.23
C CYS C 204 -2.07 34.00 -2.52
N GLY C 205 -2.74 34.08 -3.66
CA GLY C 205 -3.44 35.30 -4.00
C GLY C 205 -4.89 35.13 -4.35
N THR C 206 -5.47 34.00 -3.95
CA THR C 206 -6.88 33.71 -4.20
C THR C 206 -7.49 32.91 -3.07
N VAL C 207 -8.58 32.25 -3.36
CA VAL C 207 -9.27 31.46 -2.37
C VAL C 207 -9.27 29.99 -2.75
N CYS C 208 -9.21 29.12 -1.75
CA CYS C 208 -9.28 27.69 -1.99
C CYS C 208 -10.63 27.28 -1.39
N LYS C 209 -11.52 26.78 -2.24
CA LYS C 209 -12.85 26.37 -1.78
C LYS C 209 -13.01 24.87 -1.66
N TYR C 210 -13.96 24.44 -0.84
CA TYR C 210 -14.26 23.02 -0.65
C TYR C 210 -15.74 22.82 -0.83
N PRO C 211 -16.14 21.79 -1.58
CA PRO C 211 -17.56 21.56 -1.78
C PRO C 211 -18.33 21.56 -0.46
N ASP C 212 -19.43 22.30 -0.41
CA ASP C 212 -20.23 22.33 0.80
C ASP C 212 -21.27 21.22 0.73
N TYR C 213 -20.79 19.98 0.72
CA TYR C 213 -21.65 18.83 0.62
C TYR C 213 -22.82 18.85 1.58
N LEU C 214 -22.53 18.96 2.87
CA LEU C 214 -23.58 18.97 3.87
C LEU C 214 -24.69 19.98 3.58
N GLN C 215 -24.33 21.17 3.12
CA GLN C 215 -25.33 22.17 2.83
C GLN C 215 -26.15 21.81 1.60
N MET C 216 -25.49 21.34 0.55
CA MET C 216 -26.18 20.97 -0.67
C MET C 216 -27.06 19.76 -0.42
N ALA C 217 -26.54 18.79 0.32
CA ALA C 217 -27.30 17.58 0.63
C ALA C 217 -28.63 17.90 1.32
N ALA C 218 -28.66 18.98 2.09
CA ALA C 218 -29.87 19.38 2.81
C ALA C 218 -30.76 20.29 1.96
N ASP C 219 -30.37 20.50 0.71
CA ASP C 219 -31.14 21.32 -0.21
C ASP C 219 -32.55 20.77 -0.20
N PRO C 220 -33.54 21.59 0.15
CA PRO C 220 -34.93 21.12 0.20
C PRO C 220 -35.40 20.42 -1.07
N TYR C 221 -34.98 20.90 -2.23
CA TYR C 221 -35.38 20.28 -3.49
C TYR C 221 -34.30 19.37 -4.06
N GLY C 222 -33.05 19.82 -3.95
CA GLY C 222 -31.95 19.02 -4.44
C GLY C 222 -31.55 19.23 -5.89
N ASP C 223 -31.47 20.48 -6.31
CA ASP C 223 -31.07 20.80 -7.68
C ASP C 223 -29.57 21.04 -7.75
N ARG C 224 -28.97 21.28 -6.58
CA ARG C 224 -27.53 21.54 -6.49
C ARG C 224 -26.72 20.37 -6.96
N LEU C 225 -27.03 19.18 -6.45
CA LEU C 225 -26.29 18.01 -6.85
C LEU C 225 -27.06 16.72 -6.59
N PHE C 226 -27.31 15.98 -7.65
CA PHE C 226 -28.02 14.74 -7.48
C PHE C 226 -27.11 13.57 -7.73
N PHE C 227 -25.82 13.82 -7.66
CA PHE C 227 -24.82 12.79 -7.90
C PHE C 227 -23.46 13.41 -7.56
N TYR C 228 -22.52 12.61 -7.05
CA TYR C 228 -21.18 13.13 -6.74
C TYR C 228 -20.23 12.01 -6.36
N LEU C 229 -18.99 12.10 -6.84
CA LEU C 229 -17.95 11.11 -6.55
C LEU C 229 -16.74 11.89 -6.10
N ARG C 230 -16.28 11.61 -4.89
CA ARG C 230 -15.14 12.30 -4.34
C ARG C 230 -14.06 11.29 -3.95
N LYS C 231 -12.82 11.67 -4.21
CA LYS C 231 -11.67 10.83 -3.88
C LYS C 231 -10.46 11.72 -3.62
N GLU C 232 -10.12 11.94 -2.36
CA GLU C 232 -8.97 12.76 -2.01
C GLU C 232 -8.04 12.03 -1.06
N GLN C 233 -6.74 12.21 -1.23
CA GLN C 233 -5.75 11.56 -0.39
C GLN C 233 -4.52 12.45 -0.22
N MET C 234 -3.80 12.29 0.88
CA MET C 234 -2.65 13.14 1.15
C MET C 234 -1.87 12.75 2.41
N PHE C 235 -0.58 13.06 2.44
CA PHE C 235 0.21 12.79 3.63
C PHE C 235 1.16 13.95 3.90
N ALA C 236 1.76 13.98 5.09
CA ALA C 236 2.68 15.04 5.47
C ALA C 236 4.12 14.74 5.07
N ARG C 237 4.62 15.49 4.08
CA ARG C 237 5.98 15.31 3.58
C ARG C 237 7.04 15.94 4.50
N HIS C 238 6.96 17.24 4.73
CA HIS C 238 7.91 17.91 5.61
C HIS C 238 7.26 18.80 6.70
N PHE C 239 8.02 19.12 7.74
CA PHE C 239 7.49 19.94 8.82
C PHE C 239 8.28 21.22 8.93
N PHE C 240 7.58 22.33 8.76
CA PHE C 240 8.17 23.66 8.79
C PHE C 240 7.78 24.53 9.96
N ASN C 241 8.48 25.65 10.04
CA ASN C 241 8.28 26.64 11.09
C ASN C 241 8.22 27.99 10.39
N ARG C 242 7.20 28.81 10.69
CA ARG C 242 7.10 30.11 10.03
C ARG C 242 7.99 31.16 10.69
N ALA C 243 8.21 32.25 9.96
CA ALA C 243 9.01 33.38 10.43
C ALA C 243 8.05 34.53 10.63
N GLY C 244 8.31 35.35 11.65
CA GLY C 244 7.42 36.46 11.96
C GLY C 244 7.05 36.37 13.43
N THR C 245 6.66 37.48 14.04
CA THR C 245 6.34 37.46 15.46
C THR C 245 5.15 36.55 15.78
N VAL C 246 5.24 35.85 16.91
CA VAL C 246 4.20 34.94 17.33
C VAL C 246 3.05 35.64 18.03
N GLY C 247 2.03 35.99 17.26
CA GLY C 247 0.88 36.68 17.80
C GLY C 247 0.40 36.22 19.16
N GLU C 248 0.42 34.90 19.40
CA GLU C 248 -0.04 34.37 20.67
C GLU C 248 0.98 33.40 21.23
N PRO C 249 1.95 33.92 21.98
CA PRO C 249 3.03 33.14 22.60
C PRO C 249 2.53 31.96 23.40
N VAL C 250 3.44 31.01 23.65
CA VAL C 250 3.13 29.81 24.42
C VAL C 250 2.96 30.24 25.87
N PRO C 251 1.88 29.81 26.50
CA PRO C 251 1.55 30.12 27.89
C PRO C 251 2.61 29.63 28.83
N ASP C 252 2.84 30.38 29.90
CA ASP C 252 3.86 29.99 30.87
C ASP C 252 3.61 28.62 31.47
N ASP C 253 2.38 28.38 31.92
CA ASP C 253 2.03 27.10 32.54
C ASP C 253 2.36 25.86 31.71
N LEU C 254 2.61 26.06 30.42
CA LEU C 254 2.91 24.93 29.55
C LEU C 254 4.39 24.64 29.36
N LEU C 255 5.28 25.51 29.81
CA LEU C 255 6.68 25.20 29.60
C LEU C 255 7.61 25.66 30.73
N VAL C 256 8.79 25.06 30.76
CA VAL C 256 9.83 25.37 31.73
C VAL C 256 10.89 26.24 31.03
N LYS C 257 10.78 27.55 31.24
CA LYS C 257 11.70 28.52 30.64
C LYS C 257 13.11 27.99 30.69
N GLY C 258 13.86 28.24 29.62
CA GLY C 258 15.25 27.84 29.56
C GLY C 258 16.19 29.00 29.66
N GLY C 259 17.43 28.73 30.01
CA GLY C 259 18.37 29.80 30.13
C GLY C 259 19.27 29.83 28.92
N ASN C 260 20.12 30.86 28.84
CA ASN C 260 21.01 30.90 27.71
C ASN C 260 20.20 31.03 26.41
N ASN C 261 20.80 30.56 25.33
CA ASN C 261 20.16 30.63 24.01
C ASN C 261 18.66 30.23 24.09
N ARG C 262 18.36 29.13 24.76
CA ARG C 262 16.98 28.65 24.90
C ARG C 262 16.04 29.67 25.50
N SER C 263 16.57 30.65 26.21
CA SER C 263 15.74 31.67 26.83
C SER C 263 14.75 32.33 25.87
N SER C 264 15.00 32.23 24.58
CA SER C 264 14.09 32.81 23.61
C SER C 264 13.36 31.70 22.86
N VAL C 265 12.15 31.40 23.30
CA VAL C 265 11.35 30.34 22.70
C VAL C 265 11.19 30.56 21.20
N ALA C 266 11.39 29.50 20.42
CA ALA C 266 11.30 29.57 18.96
C ALA C 266 9.86 29.64 18.48
N SER C 267 9.69 29.86 17.19
CA SER C 267 8.34 29.95 16.65
C SER C 267 7.67 28.61 16.74
N SER C 268 6.55 28.59 17.46
CA SER C 268 5.78 27.38 17.64
C SER C 268 4.63 27.36 16.64
N ILE C 269 4.80 28.08 15.55
CA ILE C 269 3.76 28.15 14.50
C ILE C 269 4.14 27.21 13.37
N TYR C 270 3.83 25.94 13.57
CA TYR C 270 4.18 24.88 12.64
C TYR C 270 3.31 24.72 11.41
N VAL C 271 3.90 24.11 10.38
CA VAL C 271 3.22 23.86 9.12
C VAL C 271 3.86 22.62 8.52
N HIS C 272 3.22 22.06 7.51
CA HIS C 272 3.72 20.85 6.87
C HIS C 272 3.54 20.89 5.34
N THR C 273 4.51 20.36 4.62
CA THR C 273 4.42 20.31 3.17
C THR C 273 3.52 19.14 2.84
N PRO C 274 2.42 19.39 2.14
CA PRO C 274 1.51 18.31 1.79
C PRO C 274 2.07 17.50 0.62
N SER C 275 1.43 16.36 0.33
CA SER C 275 1.83 15.49 -0.78
C SER C 275 0.81 14.39 -1.02
N GLY C 276 0.49 14.14 -2.29
CA GLY C 276 -0.43 13.07 -2.62
C GLY C 276 0.46 11.90 -2.97
N SER C 277 0.14 10.67 -2.55
CA SER C 277 1.01 9.55 -2.87
C SER C 277 1.04 9.37 -4.38
N LEU C 278 1.13 8.14 -4.85
CA LEU C 278 1.16 7.95 -6.29
C LEU C 278 -0.23 8.01 -6.86
N VAL C 279 -0.29 8.27 -8.16
CA VAL C 279 -1.55 8.32 -8.84
C VAL C 279 -1.48 7.09 -9.70
N SER C 280 -2.61 6.43 -9.90
CA SER C 280 -2.64 5.22 -10.70
C SER C 280 -3.96 5.10 -11.39
N SER C 281 -3.96 4.32 -12.46
CA SER C 281 -5.18 4.12 -13.21
C SER C 281 -6.23 3.47 -12.34
N GLU C 282 -5.80 2.53 -11.52
CA GLU C 282 -6.73 1.82 -10.67
C GLU C 282 -7.68 2.72 -9.91
N ALA C 283 -7.22 3.89 -9.49
CA ALA C 283 -8.07 4.81 -8.74
C ALA C 283 -8.76 5.85 -9.59
N GLN C 284 -8.56 5.77 -10.90
CA GLN C 284 -9.20 6.72 -11.81
C GLN C 284 -10.71 6.74 -11.66
N LEU C 285 -11.21 7.95 -11.53
CA LEU C 285 -12.61 8.22 -11.35
C LEU C 285 -13.30 8.41 -12.70
N PHE C 286 -12.71 9.25 -13.55
CA PHE C 286 -13.29 9.54 -14.85
C PHE C 286 -13.07 8.48 -15.93
N ASN C 287 -13.53 8.80 -17.14
CA ASN C 287 -13.43 7.90 -18.28
C ASN C 287 -14.20 6.63 -18.04
N LYS C 288 -15.24 6.75 -17.24
CA LYS C 288 -16.13 5.66 -16.87
C LYS C 288 -17.54 6.24 -16.86
N PRO C 289 -18.48 5.57 -17.55
CA PRO C 289 -19.84 6.07 -17.59
C PRO C 289 -20.55 5.98 -16.22
N TYR C 290 -21.35 6.99 -15.90
CA TYR C 290 -22.09 6.99 -14.65
C TYR C 290 -23.56 7.05 -15.02
N TRP C 291 -24.31 6.03 -14.62
CA TRP C 291 -25.72 5.96 -14.89
C TRP C 291 -26.51 6.39 -13.66
N LEU C 292 -27.12 7.58 -13.72
CA LEU C 292 -27.94 8.02 -12.58
C LEU C 292 -29.33 7.47 -12.77
N GLN C 293 -29.72 6.54 -11.91
CA GLN C 293 -31.04 5.97 -12.03
C GLN C 293 -31.99 6.39 -10.90
N LYS C 294 -31.43 6.71 -9.72
CA LYS C 294 -32.25 7.16 -8.60
C LYS C 294 -31.49 8.14 -7.73
N ALA C 295 -31.69 9.42 -8.02
CA ALA C 295 -31.01 10.48 -7.27
C ALA C 295 -31.33 10.35 -5.80
N GLN C 296 -30.43 10.84 -4.95
CA GLN C 296 -30.64 10.77 -3.52
C GLN C 296 -31.54 11.90 -3.09
N GLY C 297 -31.70 12.89 -3.95
CA GLY C 297 -32.55 14.03 -3.65
C GLY C 297 -33.91 13.86 -4.32
N HIS C 298 -34.74 14.90 -4.32
CA HIS C 298 -36.06 14.77 -4.94
C HIS C 298 -36.02 15.00 -6.43
N ASN C 299 -35.02 15.76 -6.88
CA ASN C 299 -34.90 16.00 -8.30
C ASN C 299 -34.07 14.87 -8.89
N ASN C 300 -34.73 13.96 -9.59
CA ASN C 300 -34.05 12.81 -10.17
C ASN C 300 -33.47 13.10 -11.55
N GLY C 301 -32.53 14.03 -11.60
CA GLY C 301 -31.87 14.38 -12.85
C GLY C 301 -32.69 15.19 -13.83
N ILE C 302 -33.64 15.97 -13.34
CA ILE C 302 -34.44 16.80 -14.22
C ILE C 302 -33.71 18.10 -14.51
N CYS C 303 -33.30 18.30 -15.76
CA CYS C 303 -32.59 19.51 -16.11
C CYS C 303 -33.47 20.72 -16.29
N TRP C 304 -34.04 21.21 -15.19
CA TRP C 304 -34.90 22.38 -15.26
C TRP C 304 -34.24 23.53 -16.02
N GLY C 305 -35.02 24.21 -16.87
CA GLY C 305 -34.50 25.32 -17.64
C GLY C 305 -33.57 24.91 -18.76
N ASN C 306 -33.53 23.62 -19.05
CA ASN C 306 -32.67 23.09 -20.10
C ASN C 306 -31.20 23.36 -19.79
N HIS C 307 -30.86 23.47 -18.50
CA HIS C 307 -29.49 23.72 -18.02
C HIS C 307 -28.94 22.47 -17.39
N LEU C 308 -27.62 22.45 -17.22
CA LEU C 308 -26.98 21.31 -16.58
C LEU C 308 -25.58 21.70 -16.17
N SER C 309 -25.32 21.73 -14.87
CA SER C 309 -23.97 22.09 -14.40
C SER C 309 -23.16 20.85 -14.01
N VAL C 310 -21.97 20.72 -14.60
CA VAL C 310 -21.10 19.59 -14.29
C VAL C 310 -19.80 20.08 -13.71
N THR C 311 -19.57 19.81 -12.43
CA THR C 311 -18.35 20.25 -11.81
C THR C 311 -17.35 19.11 -11.82
N VAL C 312 -16.10 19.46 -12.09
CA VAL C 312 -15.04 18.47 -12.15
C VAL C 312 -13.73 18.96 -11.58
N VAL C 313 -13.03 18.08 -10.87
CA VAL C 313 -11.73 18.40 -10.32
C VAL C 313 -10.90 17.17 -10.53
N ASP C 314 -9.77 17.31 -11.21
CA ASP C 314 -8.93 16.15 -11.45
C ASP C 314 -7.45 16.54 -11.46
N THR C 315 -6.74 16.14 -10.42
CA THR C 315 -5.35 16.48 -10.32
C THR C 315 -4.48 15.32 -10.78
N THR C 316 -5.11 14.24 -11.19
CA THR C 316 -4.36 13.07 -11.60
C THR C 316 -3.64 13.26 -12.94
N ARG C 317 -3.86 14.43 -13.55
CA ARG C 317 -3.24 14.76 -14.83
C ARG C 317 -2.69 16.19 -14.76
N SER C 318 -2.02 16.50 -13.66
CA SER C 318 -1.51 17.84 -13.43
C SER C 318 -0.04 18.07 -13.78
N THR C 319 0.51 17.28 -14.68
CA THR C 319 1.91 17.48 -15.04
C THR C 319 2.07 18.86 -15.62
N ASN C 320 3.03 19.61 -15.06
CA ASN C 320 3.31 20.97 -15.51
C ASN C 320 4.54 20.92 -16.38
N MET C 321 4.34 20.80 -17.69
CA MET C 321 5.49 20.74 -18.58
C MET C 321 6.26 22.04 -18.62
N THR C 322 7.52 21.89 -18.98
CA THR C 322 8.49 22.98 -19.08
C THR C 322 9.00 23.02 -20.50
N LEU C 323 9.29 24.21 -21.00
CA LEU C 323 9.83 24.33 -22.35
C LEU C 323 10.68 25.57 -22.40
N CYS C 324 11.76 25.51 -23.18
CA CYS C 324 12.66 26.65 -23.30
C CYS C 324 13.07 26.87 -24.73
N ALA C 325 13.17 28.15 -25.09
CA ALA C 325 13.56 28.60 -26.42
C ALA C 325 14.88 29.33 -26.26
N SER C 326 15.76 29.17 -27.24
CA SER C 326 17.06 29.83 -27.16
C SER C 326 17.06 31.25 -27.71
N VAL C 327 18.06 32.01 -27.33
CA VAL C 327 18.20 33.39 -27.73
C VAL C 327 19.62 33.64 -28.24
N SER C 328 20.49 32.64 -28.17
CA SER C 328 21.87 32.81 -28.63
C SER C 328 22.53 31.50 -29.11
N LYS C 329 21.74 30.72 -29.84
CA LYS C 329 22.15 29.42 -30.39
C LYS C 329 23.55 29.33 -31.02
N SER C 330 24.59 29.44 -30.18
CA SER C 330 25.96 29.32 -30.69
C SER C 330 27.00 29.32 -29.56
N ALA C 331 26.88 30.29 -28.64
CA ALA C 331 27.84 30.38 -27.54
C ALA C 331 27.99 29.00 -26.91
N THR C 332 29.12 28.77 -26.24
CA THR C 332 29.34 27.50 -25.55
C THR C 332 28.48 27.49 -24.29
N TYR C 333 27.52 26.56 -24.23
CA TYR C 333 26.52 26.48 -23.15
C TYR C 333 26.54 27.61 -22.15
N THR C 334 25.54 28.48 -22.27
CA THR C 334 25.40 29.63 -21.39
C THR C 334 23.94 29.75 -20.97
N ASN C 335 23.67 29.63 -19.68
CA ASN C 335 22.29 29.72 -19.22
C ASN C 335 21.54 30.93 -19.79
N SER C 336 22.18 32.08 -19.84
CA SER C 336 21.52 33.28 -20.37
C SER C 336 21.01 33.12 -21.81
N ASP C 337 21.50 32.12 -22.52
CA ASP C 337 21.09 31.89 -23.90
C ASP C 337 19.66 31.35 -24.01
N TYR C 338 19.03 31.04 -22.88
CA TYR C 338 17.70 30.47 -22.94
C TYR C 338 16.68 31.07 -21.99
N LYS C 339 15.42 30.91 -22.37
CA LYS C 339 14.30 31.39 -21.56
C LYS C 339 13.39 30.20 -21.27
N GLU C 340 13.25 29.87 -19.99
CA GLU C 340 12.42 28.74 -19.58
C GLU C 340 10.99 29.19 -19.30
N TYR C 341 10.01 28.34 -19.59
CA TYR C 341 8.62 28.69 -19.33
C TYR C 341 7.85 27.57 -18.65
N MET C 342 6.61 27.86 -18.28
CA MET C 342 5.72 26.91 -17.62
C MET C 342 4.38 26.86 -18.35
N ARG C 343 3.93 25.66 -18.71
CA ARG C 343 2.64 25.50 -19.40
C ARG C 343 1.90 24.28 -18.95
N HIS C 344 0.62 24.44 -18.63
CA HIS C 344 -0.17 23.29 -18.23
C HIS C 344 -1.27 23.08 -19.23
N VAL C 345 -1.83 21.87 -19.24
CA VAL C 345 -2.87 21.53 -20.19
C VAL C 345 -3.98 20.68 -19.61
N GLU C 346 -5.17 20.83 -20.16
CA GLU C 346 -6.32 20.08 -19.72
C GLU C 346 -7.05 19.64 -20.97
N GLU C 347 -7.51 18.39 -20.99
CA GLU C 347 -8.21 17.84 -22.15
C GLU C 347 -9.48 17.13 -21.73
N PHE C 348 -10.63 17.68 -22.10
CA PHE C 348 -11.91 17.09 -21.75
C PHE C 348 -12.72 16.66 -22.95
N ASP C 349 -13.81 15.95 -22.67
CA ASP C 349 -14.76 15.47 -23.68
C ASP C 349 -16.02 14.98 -22.97
N LEU C 350 -16.88 15.92 -22.59
CA LEU C 350 -18.12 15.60 -21.88
C LEU C 350 -19.19 15.02 -22.76
N GLN C 351 -19.58 13.79 -22.49
CA GLN C 351 -20.62 13.15 -23.26
C GLN C 351 -21.76 12.72 -22.34
N PHE C 352 -22.99 12.94 -22.80
CA PHE C 352 -24.16 12.61 -22.00
C PHE C 352 -25.19 11.78 -22.75
N ILE C 353 -26.27 11.49 -22.05
CA ILE C 353 -27.41 10.75 -22.59
C ILE C 353 -28.67 11.25 -21.88
N PHE C 354 -29.52 11.99 -22.59
CA PHE C 354 -30.74 12.53 -21.99
C PHE C 354 -32.02 11.84 -22.41
N GLN C 355 -33.03 11.97 -21.55
CA GLN C 355 -34.33 11.36 -21.78
C GLN C 355 -35.48 12.36 -21.74
N LEU C 356 -36.23 12.44 -22.83
CA LEU C 356 -37.35 13.36 -22.93
C LEU C 356 -38.45 13.04 -21.92
N CYS C 357 -38.96 14.07 -21.25
CA CYS C 357 -40.01 13.92 -20.24
C CYS C 357 -41.11 14.94 -20.46
N SER C 358 -42.27 14.72 -19.86
CA SER C 358 -43.37 15.66 -20.02
C SER C 358 -43.97 16.00 -18.68
N ILE C 359 -44.78 17.06 -18.65
CA ILE C 359 -45.44 17.51 -17.43
C ILE C 359 -46.80 18.15 -17.69
N THR C 360 -47.88 17.46 -17.38
CA THR C 360 -49.21 18.05 -17.60
C THR C 360 -49.35 19.14 -16.56
N LEU C 361 -49.54 20.36 -17.03
CA LEU C 361 -49.67 21.52 -16.16
C LEU C 361 -51.00 21.65 -15.47
N SER C 362 -51.27 20.78 -14.50
CA SER C 362 -52.52 20.85 -13.77
C SER C 362 -52.41 22.01 -12.79
N ALA C 363 -53.53 22.40 -12.23
CA ALA C 363 -53.57 23.52 -11.29
C ALA C 363 -52.55 23.34 -10.17
N GLU C 364 -52.58 22.15 -9.57
CA GLU C 364 -51.68 21.85 -8.48
C GLU C 364 -50.21 21.80 -8.91
N VAL C 365 -49.94 21.21 -10.07
CA VAL C 365 -48.55 21.13 -10.52
C VAL C 365 -48.01 22.53 -10.74
N MET C 366 -48.83 23.37 -11.34
CA MET C 366 -48.44 24.75 -11.62
C MET C 366 -48.02 25.46 -10.33
N ALA C 367 -48.76 25.18 -9.27
CA ALA C 367 -48.51 25.78 -7.96
C ALA C 367 -47.16 25.34 -7.39
N TYR C 368 -47.02 24.02 -7.19
CA TYR C 368 -45.80 23.42 -6.65
C TYR C 368 -44.58 23.98 -7.32
N ILE C 369 -44.57 23.95 -8.66
CA ILE C 369 -43.46 24.45 -9.45
C ILE C 369 -43.21 25.95 -9.24
N HIS C 370 -44.28 26.74 -9.23
CA HIS C 370 -44.13 28.18 -9.04
C HIS C 370 -43.43 28.53 -7.73
N THR C 371 -43.66 27.71 -6.72
CA THR C 371 -43.02 27.91 -5.43
C THR C 371 -41.56 27.40 -5.50
N MET C 372 -41.37 26.26 -6.16
CA MET C 372 -40.05 25.66 -6.32
C MET C 372 -39.13 26.53 -7.18
N ASN C 373 -39.49 26.72 -8.44
CA ASN C 373 -38.68 27.55 -9.32
C ASN C 373 -39.56 28.33 -10.28
N PRO C 374 -40.04 29.51 -9.83
CA PRO C 374 -40.91 30.34 -10.67
C PRO C 374 -40.35 30.57 -12.07
N SER C 375 -39.04 30.57 -12.19
CA SER C 375 -38.40 30.78 -13.48
C SER C 375 -38.91 29.76 -14.46
N VAL C 376 -38.83 28.50 -14.07
CA VAL C 376 -39.24 27.41 -14.93
C VAL C 376 -40.55 27.68 -15.64
N LEU C 377 -41.55 28.23 -14.95
CA LEU C 377 -42.85 28.53 -15.56
C LEU C 377 -42.77 29.74 -16.47
N GLU C 378 -42.22 30.82 -15.95
CA GLU C 378 -42.11 32.05 -16.71
C GLU C 378 -41.47 31.84 -18.07
N ASP C 379 -40.69 30.76 -18.21
CA ASP C 379 -40.06 30.49 -19.48
C ASP C 379 -40.96 29.70 -20.40
N TRP C 380 -41.70 28.75 -19.84
CA TRP C 380 -42.57 27.95 -20.67
C TRP C 380 -43.68 28.80 -21.26
N ASN C 381 -43.37 29.55 -22.32
CA ASN C 381 -44.37 30.41 -22.95
C ASN C 381 -44.14 30.57 -24.46
N LYS C 387 -34.91 38.41 -21.25
CA LYS C 387 -34.64 38.06 -19.86
C LYS C 387 -33.16 38.17 -19.45
N GLN C 388 -32.90 38.20 -18.14
CA GLN C 388 -31.52 38.31 -17.64
C GLN C 388 -30.97 36.98 -17.09
N ASP C 389 -29.64 36.89 -16.98
CA ASP C 389 -29.00 35.68 -16.46
C ASP C 389 -28.85 35.73 -14.94
N PRO C 390 -29.45 34.75 -14.22
CA PRO C 390 -29.40 34.67 -12.74
C PRO C 390 -27.98 34.46 -12.21
N TYR C 391 -27.06 34.24 -13.15
CA TYR C 391 -25.66 34.00 -12.83
C TYR C 391 -24.80 34.65 -13.91
N LYS C 392 -25.20 35.85 -14.34
CA LYS C 392 -24.46 36.58 -15.37
C LYS C 392 -23.05 36.97 -14.92
N ASP C 393 -22.93 37.38 -13.66
CA ASP C 393 -21.66 37.79 -13.09
C ASP C 393 -20.68 36.62 -12.94
N MET C 394 -21.21 35.44 -12.59
CA MET C 394 -20.38 34.25 -12.37
C MET C 394 -19.77 33.75 -13.68
N SER C 395 -18.66 33.02 -13.59
CA SER C 395 -17.98 32.50 -14.78
C SER C 395 -17.90 30.99 -14.82
N PHE C 396 -18.49 30.41 -15.87
CA PHE C 396 -18.49 28.96 -16.07
C PHE C 396 -18.02 28.69 -17.49
N TRP C 397 -17.56 27.47 -17.73
CA TRP C 397 -17.10 27.07 -19.05
C TRP C 397 -18.37 26.73 -19.82
N GLU C 398 -18.83 27.66 -20.63
CA GLU C 398 -20.04 27.46 -21.43
C GLU C 398 -19.85 26.30 -22.40
N VAL C 399 -20.74 25.31 -22.31
CA VAL C 399 -20.70 24.17 -23.21
C VAL C 399 -22.06 24.11 -23.90
N ASN C 400 -22.09 24.52 -25.17
CA ASN C 400 -23.36 24.52 -25.89
C ASN C 400 -23.61 23.21 -26.59
N LEU C 401 -24.71 22.56 -26.25
CA LEU C 401 -25.02 21.29 -26.86
C LEU C 401 -26.29 21.34 -27.68
N LYS C 402 -26.74 22.53 -28.03
CA LYS C 402 -27.96 22.65 -28.82
C LYS C 402 -27.95 21.86 -30.13
N GLU C 403 -26.95 22.09 -30.97
CA GLU C 403 -26.90 21.37 -32.24
C GLU C 403 -26.18 20.04 -32.08
N LYS C 404 -26.04 19.57 -30.84
CA LYS C 404 -25.31 18.34 -30.57
C LYS C 404 -26.10 17.08 -30.22
N PHE C 405 -27.41 17.20 -30.12
CA PHE C 405 -28.25 16.04 -29.81
C PHE C 405 -28.44 15.10 -31.00
N SER C 406 -28.69 13.82 -30.69
CA SER C 406 -28.95 12.80 -31.70
C SER C 406 -29.60 11.56 -31.10
N SER C 407 -30.61 11.05 -31.79
CA SER C 407 -31.32 9.86 -31.30
C SER C 407 -30.75 8.55 -31.87
N GLU C 408 -29.61 8.64 -32.54
CA GLU C 408 -28.96 7.47 -33.12
C GLU C 408 -27.93 6.95 -32.13
N LEU C 409 -28.40 6.57 -30.94
CA LEU C 409 -27.55 6.08 -29.88
C LEU C 409 -26.40 5.15 -30.27
N ASP C 410 -26.67 4.12 -31.05
CA ASP C 410 -25.63 3.17 -31.44
C ASP C 410 -24.51 3.76 -32.26
N GLN C 411 -24.57 5.07 -32.51
CA GLN C 411 -23.54 5.74 -33.28
C GLN C 411 -22.47 6.40 -32.39
N PHE C 412 -22.67 6.31 -31.08
CA PHE C 412 -21.73 6.92 -30.15
C PHE C 412 -21.30 5.98 -29.04
N PRO C 413 -20.03 6.08 -28.62
CA PRO C 413 -19.53 5.20 -27.55
C PRO C 413 -20.44 5.14 -26.32
N LEU C 414 -20.84 6.27 -25.78
CA LEU C 414 -21.69 6.26 -24.59
C LEU C 414 -23.04 5.67 -24.97
N GLY C 415 -23.48 5.98 -26.19
CA GLY C 415 -24.75 5.47 -26.65
C GLY C 415 -24.71 3.97 -26.67
N ARG C 416 -23.67 3.43 -27.28
CA ARG C 416 -23.50 1.99 -27.35
C ARG C 416 -23.50 1.44 -25.92
N LYS C 417 -22.72 2.06 -25.05
CA LYS C 417 -22.61 1.64 -23.66
C LYS C 417 -23.96 1.63 -23.02
N PHE C 418 -24.75 2.64 -23.33
CA PHE C 418 -26.10 2.78 -22.78
C PHE C 418 -26.98 1.60 -23.18
N LEU C 419 -27.24 1.45 -24.47
CA LEU C 419 -28.06 0.36 -24.96
C LEU C 419 -27.62 -0.92 -24.25
N LEU C 420 -26.32 -1.18 -24.28
CA LEU C 420 -25.80 -2.38 -23.64
C LEU C 420 -26.30 -2.44 -22.21
N GLN C 421 -25.87 -1.49 -21.39
CA GLN C 421 -26.26 -1.42 -19.99
C GLN C 421 -27.75 -1.52 -19.78
N SER C 422 -28.54 -0.81 -20.58
CA SER C 422 -29.99 -0.84 -20.42
C SER C 422 -30.60 -2.13 -20.93
N GLY C 423 -29.73 -3.11 -21.16
CA GLY C 423 -30.18 -4.41 -21.63
C GLY C 423 -30.92 -4.41 -22.96
N TYR C 424 -31.85 -3.49 -23.15
CA TYR C 424 -32.59 -3.46 -24.41
C TYR C 424 -32.20 -2.28 -25.31
N ALA D 1 -25.62 5.57 -41.63
CA ALA D 1 -25.45 4.98 -40.26
C ALA D 1 -24.50 3.79 -40.28
N VAL D 2 -23.57 3.72 -39.33
CA VAL D 2 -22.64 2.60 -39.29
C VAL D 2 -23.31 1.40 -38.63
N VAL D 3 -23.13 0.21 -39.21
CA VAL D 3 -23.73 -0.98 -38.64
C VAL D 3 -22.70 -1.92 -38.02
N ALA D 4 -23.15 -2.71 -37.05
CA ALA D 4 -22.29 -3.65 -36.34
C ALA D 4 -21.89 -4.77 -37.26
N THR D 5 -20.60 -5.07 -37.29
CA THR D 5 -20.09 -6.14 -38.15
C THR D 5 -20.90 -7.41 -37.95
N ASP D 6 -21.40 -7.62 -36.74
CA ASP D 6 -22.17 -8.84 -36.44
C ASP D 6 -23.39 -9.00 -37.33
N ALA D 7 -23.68 -7.97 -38.14
CA ALA D 7 -24.85 -7.98 -39.01
C ALA D 7 -24.58 -8.40 -40.46
N TYR D 8 -23.33 -8.30 -40.90
CA TYR D 8 -23.02 -8.68 -42.28
C TYR D 8 -21.83 -9.60 -42.43
N VAL D 9 -21.34 -10.14 -41.32
CA VAL D 9 -20.19 -11.04 -41.34
C VAL D 9 -20.58 -12.35 -40.68
N LYS D 10 -20.79 -13.40 -41.46
CA LYS D 10 -21.19 -14.69 -40.89
C LYS D 10 -19.99 -15.37 -40.27
N ARG D 11 -20.22 -15.98 -39.10
CA ARG D 11 -19.18 -16.69 -38.37
C ARG D 11 -19.27 -18.21 -38.59
N THR D 12 -18.20 -18.92 -38.27
CA THR D 12 -18.18 -20.35 -38.44
C THR D 12 -17.60 -21.01 -37.20
N ASN D 13 -17.26 -22.29 -37.29
CA ASN D 13 -16.67 -23.01 -36.17
C ASN D 13 -15.21 -23.25 -36.43
N ILE D 14 -14.71 -22.71 -37.53
CA ILE D 14 -13.32 -22.91 -37.89
C ILE D 14 -12.41 -21.98 -37.10
N PHE D 15 -11.60 -22.55 -36.21
CA PHE D 15 -10.67 -21.75 -35.43
C PHE D 15 -9.25 -22.20 -35.70
N TYR D 16 -8.31 -21.26 -35.69
CA TYR D 16 -6.93 -21.59 -35.91
C TYR D 16 -6.06 -20.94 -34.83
N HIS D 17 -4.86 -21.48 -34.64
CA HIS D 17 -3.95 -20.91 -33.68
C HIS D 17 -2.75 -20.36 -34.42
N ALA D 18 -2.15 -19.31 -33.88
CA ALA D 18 -0.98 -18.74 -34.50
C ALA D 18 -0.12 -18.06 -33.43
N SER D 19 1.19 -18.18 -33.59
CA SER D 19 2.13 -17.56 -32.67
C SER D 19 3.39 -17.15 -33.44
N SER D 20 3.93 -16.01 -33.06
CA SER D 20 5.12 -15.45 -33.67
C SER D 20 6.37 -16.11 -33.10
N SER D 21 6.18 -16.82 -32.00
CA SER D 21 7.26 -17.46 -31.27
C SER D 21 8.17 -16.36 -30.68
N ARG D 22 9.33 -16.76 -30.19
CA ARG D 22 10.25 -15.82 -29.58
C ARG D 22 10.69 -14.64 -30.45
N LEU D 23 10.61 -13.45 -29.87
CA LEU D 23 11.01 -12.22 -30.52
C LEU D 23 11.93 -11.48 -29.57
N LEU D 24 13.12 -11.14 -30.06
CA LEU D 24 14.10 -10.43 -29.25
C LEU D 24 14.52 -9.10 -29.83
N ALA D 25 14.74 -8.15 -28.94
CA ALA D 25 15.19 -6.82 -29.33
C ALA D 25 16.35 -6.59 -28.37
N VAL D 26 17.50 -6.19 -28.89
CA VAL D 26 18.66 -5.98 -28.04
C VAL D 26 19.46 -4.78 -28.47
N GLY D 27 19.51 -3.76 -27.62
CA GLY D 27 20.25 -2.58 -27.98
C GLY D 27 20.66 -1.70 -26.83
N HIS D 28 20.81 -0.41 -27.13
CA HIS D 28 21.20 0.58 -26.15
C HIS D 28 19.93 1.27 -25.66
N PRO D 29 19.76 1.39 -24.35
CA PRO D 29 18.58 2.02 -23.76
C PRO D 29 18.31 3.48 -24.09
N TYR D 30 19.38 4.25 -24.26
CA TYR D 30 19.24 5.69 -24.47
C TYR D 30 19.36 6.19 -25.90
N TYR D 31 20.30 5.68 -26.65
CA TYR D 31 20.46 6.14 -28.01
C TYR D 31 21.05 5.06 -28.86
N SER D 32 20.91 5.19 -30.16
CA SER D 32 21.44 4.17 -31.07
C SER D 32 22.93 4.40 -31.23
N ILE D 33 23.64 3.33 -31.50
CA ILE D 33 25.09 3.41 -31.67
C ILE D 33 25.48 3.13 -33.11
N LYS D 34 25.66 4.19 -33.87
CA LYS D 34 26.07 4.05 -35.25
C LYS D 34 27.59 4.34 -35.28
N LYS D 35 28.36 3.54 -36.01
CA LYS D 35 29.80 3.75 -36.07
C LYS D 35 30.17 4.96 -36.95
N VAL D 36 29.54 6.11 -36.63
CA VAL D 36 29.76 7.37 -37.35
C VAL D 36 29.34 7.20 -38.81
N ASN D 37 28.48 6.23 -39.07
CA ASN D 37 28.01 5.96 -40.44
C ASN D 37 26.58 5.40 -40.48
N LYS D 38 26.50 4.08 -40.38
CA LYS D 38 25.24 3.33 -40.39
C LYS D 38 24.89 2.91 -38.96
N THR D 39 23.60 2.62 -38.73
CA THR D 39 23.12 2.18 -37.41
C THR D 39 23.42 0.69 -37.18
N VAL D 40 24.17 0.38 -36.14
CA VAL D 40 24.50 -1.01 -35.83
C VAL D 40 23.70 -1.44 -34.62
N VAL D 41 24.00 -0.83 -33.47
CA VAL D 41 23.30 -1.12 -32.22
C VAL D 41 22.10 -0.20 -32.18
N PRO D 42 20.90 -0.76 -32.31
CA PRO D 42 19.69 0.06 -32.28
C PRO D 42 19.30 0.50 -30.88
N LYS D 43 18.44 1.49 -30.81
CA LYS D 43 17.95 1.96 -29.52
C LYS D 43 16.80 1.06 -29.10
N VAL D 44 16.95 0.41 -27.95
CA VAL D 44 15.91 -0.47 -27.45
C VAL D 44 15.66 -0.12 -26.00
N SER D 45 14.65 0.71 -25.76
CA SER D 45 14.36 1.12 -24.39
C SER D 45 13.11 0.44 -23.88
N GLY D 46 13.01 0.33 -22.56
CA GLY D 46 11.82 -0.29 -22.00
C GLY D 46 10.66 0.68 -22.11
N TYR D 47 10.97 1.96 -22.17
CA TYR D 47 9.91 2.94 -22.25
C TYR D 47 9.57 3.26 -23.68
N GLN D 48 9.79 2.29 -24.54
CA GLN D 48 9.52 2.41 -25.96
C GLN D 48 8.19 1.74 -26.30
N TYR D 49 7.58 2.15 -27.41
CA TYR D 49 6.34 1.55 -27.85
C TYR D 49 6.67 0.36 -28.73
N ARG D 50 5.82 -0.64 -28.71
CA ARG D 50 6.02 -1.79 -29.56
C ARG D 50 4.75 -1.99 -30.38
N VAL D 51 4.80 -1.58 -31.64
CA VAL D 51 3.65 -1.72 -32.51
C VAL D 51 3.91 -2.81 -33.51
N PHE D 52 3.34 -3.98 -33.25
CA PHE D 52 3.51 -5.13 -34.14
C PHE D 52 2.50 -5.14 -35.25
N LYS D 53 2.98 -5.30 -36.49
CA LYS D 53 2.09 -5.38 -37.62
C LYS D 53 2.00 -6.84 -37.93
N VAL D 54 0.97 -7.49 -37.42
CA VAL D 54 0.80 -8.92 -37.62
C VAL D 54 0.09 -9.23 -38.93
N VAL D 55 0.81 -9.88 -39.83
CA VAL D 55 0.26 -10.24 -41.12
C VAL D 55 -0.29 -11.65 -41.11
N LEU D 56 -1.54 -11.77 -41.53
CA LEU D 56 -2.21 -13.06 -41.58
C LEU D 56 -2.30 -13.51 -43.02
N PRO D 57 -2.52 -14.81 -43.23
CA PRO D 57 -2.64 -15.36 -44.59
C PRO D 57 -4.04 -15.09 -45.13
N ASP D 58 -4.13 -14.67 -46.39
CA ASP D 58 -5.42 -14.39 -47.01
C ASP D 58 -6.20 -15.70 -47.19
N PRO D 59 -7.27 -15.89 -46.41
CA PRO D 59 -8.07 -17.11 -46.50
C PRO D 59 -8.67 -17.39 -47.89
N ASN D 60 -8.83 -16.35 -48.70
CA ASN D 60 -9.38 -16.48 -50.03
C ASN D 60 -8.39 -17.10 -50.99
N LYS D 61 -7.43 -17.87 -50.48
CA LYS D 61 -6.43 -18.55 -51.29
C LYS D 61 -6.14 -19.86 -50.57
N PHE D 62 -5.95 -19.73 -49.25
CA PHE D 62 -5.68 -20.80 -48.27
C PHE D 62 -6.33 -22.11 -48.73
N ALA D 63 -5.65 -23.23 -48.43
CA ALA D 63 -6.11 -24.59 -48.78
C ALA D 63 -6.65 -25.35 -47.56
N LEU D 64 -7.99 -25.38 -47.44
CA LEU D 64 -8.70 -26.07 -46.34
C LEU D 64 -8.86 -27.58 -46.58
N PRO D 65 -9.12 -28.34 -45.49
CA PRO D 65 -9.30 -29.80 -45.57
C PRO D 65 -10.69 -30.04 -46.20
N ASP D 66 -11.51 -28.99 -46.18
CA ASP D 66 -12.86 -28.99 -46.75
C ASP D 66 -12.80 -27.87 -47.79
N SER D 67 -13.82 -27.78 -48.65
CA SER D 67 -13.88 -26.74 -49.67
C SER D 67 -15.31 -26.57 -50.22
N SER D 68 -16.24 -27.27 -49.60
CA SER D 68 -17.64 -27.20 -50.00
C SER D 68 -18.30 -26.09 -49.17
N LEU D 69 -17.55 -25.59 -48.16
CA LEU D 69 -17.96 -24.53 -47.22
C LEU D 69 -18.67 -23.29 -47.77
N PHE D 70 -18.52 -23.00 -49.09
CA PHE D 70 -19.15 -21.81 -49.72
C PHE D 70 -18.95 -21.58 -51.23
N ASP D 71 -19.69 -20.59 -51.73
CA ASP D 71 -19.65 -20.19 -53.13
C ASP D 71 -18.69 -19.02 -53.34
N PRO D 72 -17.48 -19.30 -53.84
CA PRO D 72 -16.48 -18.24 -54.08
C PRO D 72 -16.98 -17.20 -55.08
N THR D 73 -18.21 -17.34 -55.52
CA THR D 73 -18.76 -16.41 -56.49
C THR D 73 -19.53 -15.29 -55.85
N THR D 74 -20.18 -15.58 -54.72
CA THR D 74 -20.97 -14.57 -54.05
C THR D 74 -20.47 -14.12 -52.69
N GLN D 75 -19.54 -14.89 -52.11
CA GLN D 75 -19.03 -14.54 -50.80
C GLN D 75 -17.51 -14.61 -50.65
N ARG D 76 -16.99 -13.86 -49.67
CA ARG D 76 -15.56 -13.79 -49.40
C ARG D 76 -15.22 -14.15 -47.95
N LEU D 77 -13.96 -14.49 -47.72
CA LEU D 77 -13.52 -14.87 -46.40
C LEU D 77 -12.73 -13.77 -45.64
N VAL D 78 -12.85 -13.78 -44.32
CA VAL D 78 -12.17 -12.81 -43.47
C VAL D 78 -11.79 -13.44 -42.14
N TRP D 79 -10.64 -13.03 -41.62
CA TRP D 79 -10.17 -13.53 -40.33
C TRP D 79 -10.66 -12.63 -39.21
N ALA D 80 -11.19 -13.24 -38.16
CA ALA D 80 -11.67 -12.48 -37.01
C ALA D 80 -10.84 -12.87 -35.80
N CYS D 81 -10.36 -11.88 -35.05
CA CYS D 81 -9.55 -12.15 -33.87
C CYS D 81 -10.44 -12.60 -32.72
N THR D 82 -10.14 -13.77 -32.17
CA THR D 82 -10.94 -14.31 -31.08
C THR D 82 -10.28 -14.10 -29.73
N GLY D 83 -8.96 -14.18 -29.72
CA GLY D 83 -8.24 -13.96 -28.49
C GLY D 83 -6.75 -13.99 -28.72
N LEU D 84 -5.99 -13.36 -27.81
CA LEU D 84 -4.53 -13.33 -27.91
C LEU D 84 -3.89 -13.32 -26.54
N GLU D 85 -2.58 -13.54 -26.53
CA GLU D 85 -1.79 -13.53 -25.32
C GLU D 85 -0.40 -13.02 -25.69
N VAL D 86 0.00 -11.92 -25.06
CA VAL D 86 1.30 -11.31 -25.32
C VAL D 86 2.34 -11.89 -24.37
N GLY D 87 3.06 -12.90 -24.81
CA GLY D 87 4.07 -13.52 -23.96
C GLY D 87 5.22 -12.58 -23.66
N ARG D 88 5.70 -12.58 -22.42
CA ARG D 88 6.79 -11.70 -22.04
C ARG D 88 7.86 -12.41 -21.23
N GLY D 89 9.06 -12.47 -21.77
CA GLY D 89 10.15 -13.12 -21.07
C GLY D 89 10.94 -12.11 -20.25
N GLN D 90 12.10 -12.52 -19.75
CA GLN D 90 12.95 -11.65 -18.95
C GLN D 90 12.27 -11.32 -17.63
N PRO D 91 13.05 -11.17 -16.54
CA PRO D 91 12.54 -10.86 -15.20
C PRO D 91 11.98 -9.45 -15.04
N LEU D 92 11.30 -9.20 -13.92
CA LEU D 92 10.73 -7.89 -13.63
C LEU D 92 11.82 -6.95 -13.14
N GLY D 93 11.66 -5.66 -13.38
CA GLY D 93 12.66 -4.71 -12.93
C GLY D 93 12.41 -3.33 -13.47
N VAL D 94 13.14 -2.33 -12.98
CA VAL D 94 12.96 -0.96 -13.47
C VAL D 94 14.18 -0.47 -14.22
N GLY D 95 13.96 0.52 -15.08
CA GLY D 95 15.05 1.06 -15.86
C GLY D 95 15.45 2.49 -15.54
N VAL D 96 16.73 2.65 -15.26
CA VAL D 96 17.29 3.95 -14.92
C VAL D 96 17.62 4.78 -16.15
N SER D 97 17.26 6.05 -16.09
CA SER D 97 17.54 6.98 -17.17
C SER D 97 18.21 8.16 -16.52
N GLY D 98 18.97 8.93 -17.28
CA GLY D 98 19.62 10.08 -16.71
C GLY D 98 20.14 11.00 -17.78
N HIS D 99 20.99 11.92 -17.37
CA HIS D 99 21.59 12.89 -18.28
C HIS D 99 22.82 13.43 -17.59
N PRO D 100 23.98 13.43 -18.28
CA PRO D 100 25.21 13.93 -17.66
C PRO D 100 25.13 15.42 -17.34
N LEU D 101 24.38 16.15 -18.17
CA LEU D 101 24.22 17.60 -18.02
C LEU D 101 22.77 18.04 -17.98
N LEU D 102 22.05 17.58 -16.96
CA LEU D 102 20.65 17.93 -16.82
C LEU D 102 20.54 19.33 -16.27
N ASN D 103 19.60 20.09 -16.81
CA ASN D 103 19.41 21.46 -16.33
C ASN D 103 18.68 21.45 -14.99
N LYS D 104 19.36 20.97 -13.95
CA LYS D 104 18.75 20.92 -12.60
C LYS D 104 19.52 21.86 -11.69
N TYR D 105 19.03 23.08 -11.53
CA TYR D 105 19.73 24.05 -10.68
C TYR D 105 19.65 23.80 -9.17
N ASP D 106 18.61 24.28 -8.51
CA ASP D 106 18.52 24.06 -7.07
C ASP D 106 17.38 23.14 -6.64
N ASP D 107 17.67 22.31 -5.65
CA ASP D 107 16.71 21.37 -5.10
C ASP D 107 15.80 22.21 -4.24
N VAL D 108 14.51 22.27 -4.58
CA VAL D 108 13.57 23.11 -3.82
C VAL D 108 12.74 22.41 -2.75
N GLU D 109 12.85 21.09 -2.69
CA GLU D 109 12.10 20.30 -1.70
C GLU D 109 12.39 20.78 -0.28
N ASN D 110 13.68 20.93 0.01
CA ASN D 110 14.14 21.38 1.31
C ASN D 110 15.52 21.99 1.09
N SER D 111 15.59 23.31 1.02
CA SER D 111 16.87 23.95 0.83
C SER D 111 17.08 25.00 1.90
N GLY D 112 18.29 25.02 2.45
CA GLY D 112 18.64 25.95 3.50
C GLY D 112 18.36 27.42 3.28
N GLY D 113 19.34 28.16 2.77
CA GLY D 113 19.13 29.58 2.57
C GLY D 113 19.16 30.03 1.12
N TYR D 114 18.85 31.32 0.92
CA TYR D 114 18.83 31.92 -0.41
C TYR D 114 20.26 31.95 -0.94
N GLY D 115 20.67 30.84 -1.54
CA GLY D 115 22.02 30.76 -2.07
C GLY D 115 22.28 31.87 -3.09
N GLY D 116 23.46 31.85 -3.69
CA GLY D 116 23.78 32.84 -4.69
C GLY D 116 22.94 32.65 -5.94
N ASN D 117 23.36 33.31 -7.02
CA ASN D 117 22.66 33.21 -8.29
C ASN D 117 23.51 32.44 -9.28
N PRO D 118 22.88 31.56 -10.07
CA PRO D 118 23.60 30.76 -11.05
C PRO D 118 24.34 31.63 -12.06
N GLY D 119 25.49 31.15 -12.51
CA GLY D 119 26.26 31.87 -13.49
C GLY D 119 25.92 31.30 -14.85
N GLN D 120 26.88 30.62 -15.46
CA GLN D 120 26.63 30.05 -16.77
C GLN D 120 26.92 28.55 -16.68
N ASP D 121 25.93 27.76 -17.08
CA ASP D 121 26.07 26.31 -17.06
C ASP D 121 26.28 25.73 -15.66
N ASN D 122 25.18 25.23 -15.10
CA ASN D 122 25.16 24.62 -13.77
C ASN D 122 24.63 23.19 -13.88
N ARG D 123 24.50 22.71 -15.11
CA ARG D 123 23.98 21.38 -15.36
C ARG D 123 24.71 20.35 -14.50
N VAL D 124 23.99 19.32 -14.06
CA VAL D 124 24.59 18.30 -13.21
C VAL D 124 24.14 16.91 -13.61
N ASN D 125 24.92 15.90 -13.23
CA ASN D 125 24.60 14.52 -13.54
C ASN D 125 23.45 14.07 -12.71
N VAL D 126 22.32 13.77 -13.35
CA VAL D 126 21.15 13.32 -12.63
C VAL D 126 20.63 11.99 -13.19
N GLY D 127 20.03 11.18 -12.30
CA GLY D 127 19.50 9.90 -12.73
C GLY D 127 18.23 9.53 -11.96
N MET D 128 17.24 8.98 -12.64
CA MET D 128 16.01 8.60 -11.97
C MET D 128 15.31 7.48 -12.69
N ASP D 129 14.17 7.07 -12.15
CA ASP D 129 13.38 6.02 -12.76
C ASP D 129 12.06 6.62 -13.21
N TYR D 130 11.66 6.26 -14.42
CA TYR D 130 10.45 6.76 -15.00
C TYR D 130 9.15 6.24 -14.42
N LYS D 131 8.06 6.77 -14.93
CA LYS D 131 6.71 6.41 -14.54
C LYS D 131 6.41 5.03 -15.10
N GLN D 132 5.91 4.14 -14.28
CA GLN D 132 5.60 2.79 -14.71
C GLN D 132 4.35 2.80 -15.59
N THR D 133 4.37 2.02 -16.66
CA THR D 133 3.25 1.98 -17.59
C THR D 133 3.10 0.63 -18.26
N GLN D 134 1.89 0.10 -18.26
CA GLN D 134 1.59 -1.16 -18.92
C GLN D 134 0.35 -0.89 -19.75
N LEU D 135 0.41 -1.21 -21.03
CA LEU D 135 -0.75 -0.99 -21.85
C LEU D 135 -0.71 -1.92 -23.03
N CYS D 136 -1.86 -2.17 -23.62
CA CYS D 136 -1.95 -3.07 -24.75
C CYS D 136 -3.25 -2.85 -25.47
N MET D 137 -3.19 -2.70 -26.79
CA MET D 137 -4.40 -2.50 -27.57
C MET D 137 -4.35 -3.08 -28.97
N VAL D 138 -5.38 -3.85 -29.30
CA VAL D 138 -5.48 -4.52 -30.59
C VAL D 138 -6.42 -3.77 -31.54
N GLY D 139 -6.14 -3.89 -32.83
CA GLY D 139 -6.96 -3.23 -33.83
C GLY D 139 -6.56 -3.67 -35.22
N CYS D 140 -7.36 -3.33 -36.22
CA CYS D 140 -7.00 -3.72 -37.56
C CYS D 140 -6.44 -2.50 -38.27
N ALA D 141 -6.06 -1.52 -37.45
CA ALA D 141 -5.48 -0.26 -37.91
C ALA D 141 -4.51 0.24 -36.85
N PRO D 142 -3.45 0.93 -37.27
CA PRO D 142 -2.48 1.44 -36.30
C PRO D 142 -3.13 2.36 -35.30
N PRO D 143 -2.59 2.39 -34.07
CA PRO D 143 -3.08 3.21 -32.96
C PRO D 143 -2.79 4.69 -33.14
N LEU D 144 -3.58 5.53 -32.47
CA LEU D 144 -3.40 6.96 -32.56
C LEU D 144 -2.86 7.51 -31.26
N GLY D 145 -1.94 8.45 -31.37
CA GLY D 145 -1.38 9.02 -30.17
C GLY D 145 -1.48 10.52 -30.24
N GLU D 146 -1.13 11.15 -29.12
CA GLU D 146 -1.14 12.60 -29.00
C GLU D 146 0.06 13.08 -28.22
N HIS D 147 0.56 14.24 -28.62
CA HIS D 147 1.68 14.88 -27.97
C HIS D 147 1.62 16.35 -28.32
N TRP D 148 2.37 17.17 -27.60
CA TRP D 148 2.35 18.60 -27.84
C TRP D 148 3.57 19.00 -28.62
N GLY D 149 3.35 19.69 -29.73
CA GLY D 149 4.45 20.12 -30.57
C GLY D 149 4.43 21.61 -30.78
N LYS D 150 5.47 22.16 -31.41
CA LYS D 150 5.54 23.59 -31.67
C LYS D 150 4.49 24.01 -32.70
N GLY D 151 3.63 24.94 -32.31
CA GLY D 151 2.59 25.37 -33.22
C GLY D 151 3.02 26.35 -34.29
N THR D 152 2.04 26.94 -34.95
CA THR D 152 2.33 27.94 -35.99
C THR D 152 1.69 29.28 -35.62
N GLN D 153 2.56 30.27 -35.41
CA GLN D 153 2.15 31.63 -35.05
C GLN D 153 1.38 32.27 -36.21
N SER D 154 0.33 33.02 -35.90
CA SER D 154 -0.42 33.68 -36.97
C SER D 154 0.30 34.99 -37.36
N SER D 155 -0.39 35.84 -38.12
CA SER D 155 0.21 37.10 -38.57
C SER D 155 0.25 38.12 -37.42
N ASN D 156 0.97 37.70 -36.38
CA ASN D 156 1.13 38.49 -35.19
C ASN D 156 2.52 39.04 -34.96
N THR D 157 2.62 39.86 -33.91
CA THR D 157 3.88 40.49 -33.49
C THR D 157 5.03 39.52 -33.73
N SER D 158 6.04 40.00 -34.45
CA SER D 158 7.22 39.20 -34.75
C SER D 158 7.73 38.52 -33.45
N VAL D 159 7.69 37.18 -33.43
CA VAL D 159 8.14 36.42 -32.25
C VAL D 159 9.61 36.65 -31.87
N GLN D 160 9.87 37.67 -31.05
CA GLN D 160 11.23 37.95 -30.62
C GLN D 160 11.90 36.65 -30.20
N ASN D 161 13.14 36.47 -30.64
CA ASN D 161 13.89 35.27 -30.30
C ASN D 161 13.78 35.03 -28.80
N GLY D 162 13.36 33.82 -28.43
CA GLY D 162 13.24 33.49 -27.02
C GLY D 162 11.82 33.47 -26.46
N ASP D 163 10.85 33.95 -27.23
CA ASP D 163 9.46 33.96 -26.76
C ASP D 163 8.96 32.52 -26.63
N CYS D 164 8.04 32.29 -25.69
CA CYS D 164 7.51 30.96 -25.47
C CYS D 164 6.83 30.45 -26.72
N PRO D 165 7.26 29.29 -27.23
CA PRO D 165 6.65 28.75 -28.42
C PRO D 165 5.17 28.45 -28.24
N PRO D 166 4.40 28.39 -29.33
CA PRO D 166 2.96 28.11 -29.30
C PRO D 166 2.67 26.60 -29.30
N LEU D 167 1.89 26.15 -28.32
CA LEU D 167 1.55 24.75 -28.20
C LEU D 167 0.42 24.29 -29.11
N GLU D 168 0.60 23.12 -29.71
CA GLU D 168 -0.40 22.52 -30.60
C GLU D 168 -0.54 21.02 -30.30
N LEU D 169 -1.78 20.55 -30.22
CA LEU D 169 -2.01 19.15 -29.93
C LEU D 169 -1.93 18.40 -31.23
N ILE D 170 -0.83 17.70 -31.44
CA ILE D 170 -0.61 16.94 -32.68
C ILE D 170 -1.04 15.50 -32.57
N THR D 171 -1.83 15.05 -33.54
CA THR D 171 -2.30 13.67 -33.58
C THR D 171 -1.46 12.91 -34.60
N SER D 172 -1.04 11.69 -34.26
CA SER D 172 -0.23 10.94 -35.19
C SER D 172 -0.38 9.47 -34.97
N VAL D 173 0.24 8.70 -35.86
CA VAL D 173 0.19 7.24 -35.77
C VAL D 173 1.36 6.75 -34.93
N ILE D 174 1.06 6.14 -33.79
CA ILE D 174 2.09 5.63 -32.89
C ILE D 174 2.87 4.52 -33.59
N GLN D 175 4.14 4.79 -33.86
CA GLN D 175 4.97 3.80 -34.52
C GLN D 175 5.88 3.06 -33.55
N ASP D 176 6.33 1.92 -33.99
CA ASP D 176 7.20 1.10 -33.20
C ASP D 176 8.48 1.86 -32.89
N GLY D 177 8.92 1.79 -31.64
CA GLY D 177 10.12 2.51 -31.26
C GLY D 177 9.87 3.94 -30.84
N ASP D 178 8.61 4.32 -30.70
CA ASP D 178 8.27 5.67 -30.26
C ASP D 178 8.42 5.71 -28.74
N MET D 179 8.48 6.90 -28.17
CA MET D 179 8.64 7.01 -26.73
C MET D 179 7.35 7.21 -25.96
N VAL D 180 7.26 6.54 -24.82
CA VAL D 180 6.10 6.63 -23.95
C VAL D 180 6.25 7.79 -22.98
N ASP D 181 5.14 8.38 -22.58
CA ASP D 181 5.17 9.46 -21.64
C ASP D 181 5.90 8.87 -20.44
N THR D 182 6.90 9.58 -19.91
CA THR D 182 7.66 9.06 -18.77
C THR D 182 7.49 9.86 -17.48
N GLY D 183 6.71 10.93 -17.52
CA GLY D 183 6.51 11.71 -16.33
C GLY D 183 6.72 13.18 -16.57
N PHE D 184 7.28 13.51 -17.73
CA PHE D 184 7.52 14.90 -18.10
C PHE D 184 6.51 15.27 -19.16
N GLY D 185 5.45 14.47 -19.24
CA GLY D 185 4.39 14.72 -20.19
C GLY D 185 4.64 14.21 -21.60
N ALA D 186 3.60 14.31 -22.44
CA ALA D 186 3.68 13.88 -23.82
C ALA D 186 3.92 15.08 -24.69
N MET D 187 5.18 15.33 -25.03
CA MET D 187 5.51 16.48 -25.86
C MET D 187 6.74 16.21 -26.67
N ASN D 188 7.02 17.09 -27.64
CA ASN D 188 8.19 16.95 -28.49
C ASN D 188 9.33 17.77 -27.94
N PHE D 189 10.04 17.18 -26.98
CA PHE D 189 11.15 17.82 -26.32
C PHE D 189 12.18 18.38 -27.27
N ALA D 190 12.43 17.66 -28.37
CA ALA D 190 13.40 18.12 -29.35
C ALA D 190 13.07 19.54 -29.81
N ASP D 191 11.78 19.83 -30.01
CA ASP D 191 11.37 21.15 -30.47
C ASP D 191 11.01 22.17 -29.38
N LEU D 192 10.50 21.70 -28.25
CA LEU D 192 10.11 22.64 -27.19
C LEU D 192 11.23 22.91 -26.18
N GLN D 193 12.28 22.11 -26.20
CA GLN D 193 13.35 22.33 -25.24
C GLN D 193 14.68 22.43 -25.97
N THR D 194 14.95 23.66 -26.39
CA THR D 194 16.14 24.05 -27.14
C THR D 194 17.48 23.66 -26.51
N ASN D 195 17.59 23.79 -25.19
CA ASN D 195 18.84 23.47 -24.52
C ASN D 195 19.25 22.00 -24.53
N LYS D 196 18.40 21.13 -25.07
CA LYS D 196 18.75 19.72 -25.14
C LYS D 196 19.20 19.13 -23.80
N SER D 197 18.88 19.79 -22.70
CA SER D 197 19.32 19.28 -21.42
C SER D 197 18.30 19.38 -20.30
N ASP D 198 17.01 19.40 -20.64
CA ASP D 198 15.95 19.50 -19.65
C ASP D 198 15.38 18.17 -19.19
N VAL D 199 15.64 17.09 -19.95
CA VAL D 199 15.14 15.76 -19.60
C VAL D 199 16.13 14.71 -20.09
N PRO D 200 16.11 13.51 -19.47
CA PRO D 200 17.00 12.41 -19.83
C PRO D 200 17.28 12.19 -21.32
N LEU D 201 18.45 11.62 -21.60
CA LEU D 201 18.87 11.36 -22.96
C LEU D 201 17.89 10.57 -23.81
N ASP D 202 17.29 9.54 -23.24
CA ASP D 202 16.36 8.72 -24.01
C ASP D 202 15.11 9.44 -24.52
N ILE D 203 14.90 10.69 -24.13
CA ILE D 203 13.74 11.42 -24.63
C ILE D 203 14.01 12.89 -24.97
N CYS D 204 15.16 13.41 -24.57
CA CYS D 204 15.44 14.80 -24.84
C CYS D 204 15.61 15.14 -26.32
N GLY D 205 15.63 14.11 -27.17
CA GLY D 205 15.80 14.34 -28.58
C GLY D 205 14.71 13.78 -29.47
N THR D 206 13.56 13.43 -28.88
CA THR D 206 12.43 12.86 -29.62
C THR D 206 11.13 13.31 -29.04
N VAL D 207 10.08 12.56 -29.37
CA VAL D 207 8.75 12.88 -28.90
C VAL D 207 8.22 11.78 -28.00
N CYS D 208 7.43 12.19 -27.00
CA CYS D 208 6.80 11.23 -26.10
C CYS D 208 5.34 11.35 -26.44
N LYS D 209 4.75 10.26 -26.90
CA LYS D 209 3.34 10.25 -27.28
C LYS D 209 2.45 9.53 -26.26
N TYR D 210 1.16 9.87 -26.26
CA TYR D 210 0.20 9.24 -25.37
C TYR D 210 -0.98 8.78 -26.19
N PRO D 211 -1.45 7.56 -25.95
CA PRO D 211 -2.58 7.08 -26.74
C PRO D 211 -3.73 8.08 -26.77
N ASP D 212 -4.25 8.34 -27.97
CA ASP D 212 -5.37 9.26 -28.08
C ASP D 212 -6.68 8.47 -27.93
N TYR D 213 -6.87 7.85 -26.78
CA TYR D 213 -8.05 7.07 -26.53
C TYR D 213 -9.34 7.73 -26.96
N LEU D 214 -9.60 8.91 -26.42
CA LEU D 214 -10.84 9.62 -26.75
C LEU D 214 -11.09 9.74 -28.23
N GLN D 215 -10.04 9.98 -29.00
CA GLN D 215 -10.24 10.11 -30.43
C GLN D 215 -10.54 8.77 -31.07
N MET D 216 -9.78 7.75 -30.69
CA MET D 216 -9.99 6.42 -31.25
C MET D 216 -11.36 5.88 -30.85
N ALA D 217 -11.74 6.11 -29.59
CA ALA D 217 -13.03 5.65 -29.08
C ALA D 217 -14.20 6.20 -29.89
N ALA D 218 -14.02 7.39 -30.45
CA ALA D 218 -15.07 8.03 -31.25
C ALA D 218 -14.96 7.66 -32.73
N ASP D 219 -14.04 6.76 -33.05
CA ASP D 219 -13.85 6.29 -34.42
C ASP D 219 -15.22 5.80 -34.89
N PRO D 220 -15.76 6.38 -35.98
CA PRO D 220 -17.07 5.97 -36.50
C PRO D 220 -17.24 4.47 -36.68
N TYR D 221 -16.20 3.80 -37.18
CA TYR D 221 -16.27 2.35 -37.39
C TYR D 221 -15.62 1.57 -36.26
N GLY D 222 -14.48 2.06 -35.79
CA GLY D 222 -13.79 1.40 -34.70
C GLY D 222 -12.78 0.34 -35.08
N ASP D 223 -11.92 0.66 -36.05
CA ASP D 223 -10.89 -0.27 -36.49
C ASP D 223 -9.60 0.01 -35.76
N ARG D 224 -9.51 1.20 -35.15
CA ARG D 224 -8.32 1.63 -34.42
C ARG D 224 -8.04 0.75 -33.23
N LEU D 225 -9.06 0.53 -32.42
CA LEU D 225 -8.88 -0.32 -31.27
C LEU D 225 -10.19 -0.87 -30.74
N PHE D 226 -10.29 -2.19 -30.74
CA PHE D 226 -11.49 -2.81 -30.23
C PHE D 226 -11.24 -3.50 -28.89
N PHE D 227 -10.15 -3.13 -28.24
CA PHE D 227 -9.76 -3.71 -26.97
C PHE D 227 -8.56 -2.89 -26.47
N TYR D 228 -8.41 -2.76 -25.15
CA TYR D 228 -7.26 -2.04 -24.59
C TYR D 228 -7.21 -2.15 -23.09
N LEU D 229 -6.01 -2.32 -22.56
CA LEU D 229 -5.81 -2.43 -21.12
C LEU D 229 -4.69 -1.46 -20.75
N ARG D 230 -4.99 -0.52 -19.88
CA ARG D 230 -4.00 0.45 -19.48
C ARG D 230 -3.80 0.43 -17.99
N LYS D 231 -2.56 0.61 -17.58
CA LYS D 231 -2.21 0.60 -16.16
C LYS D 231 -0.95 1.45 -15.95
N GLU D 232 -1.11 2.67 -15.48
CA GLU D 232 0.02 3.55 -15.24
C GLU D 232 -0.01 4.11 -13.83
N GLN D 233 1.16 4.26 -13.24
CA GLN D 233 1.25 4.78 -11.88
C GLN D 233 2.55 5.59 -11.72
N MET D 234 2.57 6.51 -10.77
CA MET D 234 3.75 7.34 -10.58
C MET D 234 3.63 8.32 -9.40
N PHE D 235 4.76 8.69 -8.82
CA PHE D 235 4.75 9.66 -7.73
C PHE D 235 5.93 10.60 -7.88
N ALA D 236 5.89 11.70 -7.14
CA ALA D 236 6.95 12.71 -7.19
C ALA D 236 8.10 12.45 -6.22
N ARG D 237 9.25 12.07 -6.77
CA ARG D 237 10.43 11.75 -5.98
C ARG D 237 11.12 13.02 -5.49
N HIS D 238 11.62 13.85 -6.40
CA HIS D 238 12.30 15.08 -5.99
C HIS D 238 11.75 16.36 -6.65
N PHE D 239 12.04 17.52 -6.04
CA PHE D 239 11.58 18.78 -6.61
C PHE D 239 12.75 19.66 -7.00
N PHE D 240 12.79 20.01 -8.28
CA PHE D 240 13.86 20.79 -8.86
C PHE D 240 13.47 22.16 -9.32
N ASN D 241 14.50 22.92 -9.67
CA ASN D 241 14.37 24.27 -10.16
C ASN D 241 15.26 24.36 -11.38
N ARG D 242 14.75 24.88 -12.49
CA ARG D 242 15.55 25.00 -13.70
C ARG D 242 16.44 26.23 -13.68
N ALA D 243 17.46 26.21 -14.55
CA ALA D 243 18.40 27.30 -14.72
C ALA D 243 18.12 27.94 -16.09
N GLY D 244 18.27 29.27 -16.16
CA GLY D 244 17.99 30.00 -17.38
C GLY D 244 17.00 31.13 -17.06
N THR D 245 16.98 32.18 -17.87
CA THR D 245 16.11 33.31 -17.59
C THR D 245 14.64 32.93 -17.57
N VAL D 246 13.90 33.54 -16.64
CA VAL D 246 12.46 33.27 -16.50
C VAL D 246 11.62 34.06 -17.48
N GLY D 247 11.33 33.44 -18.62
CA GLY D 247 10.53 34.08 -19.65
C GLY D 247 9.36 34.91 -19.18
N GLU D 248 8.67 34.43 -18.15
CA GLU D 248 7.50 35.15 -17.61
C GLU D 248 7.61 35.28 -16.11
N PRO D 249 8.30 36.32 -15.63
CA PRO D 249 8.50 36.59 -14.21
C PRO D 249 7.20 36.60 -13.37
N VAL D 250 7.38 36.43 -12.07
CA VAL D 250 6.25 36.44 -11.15
C VAL D 250 5.70 37.85 -11.06
N PRO D 251 4.38 38.00 -11.25
CA PRO D 251 3.70 39.29 -11.19
C PRO D 251 3.91 39.99 -9.87
N ASP D 252 3.96 41.31 -9.90
CA ASP D 252 4.17 42.05 -8.68
C ASP D 252 3.07 41.83 -7.65
N ASP D 253 1.82 41.86 -8.10
CA ASP D 253 0.68 41.69 -7.19
C ASP D 253 0.71 40.40 -6.39
N LEU D 254 1.52 39.45 -6.82
CA LEU D 254 1.61 38.17 -6.11
C LEU D 254 2.69 38.06 -5.04
N LEU D 255 3.58 39.04 -4.95
CA LEU D 255 4.63 38.92 -3.94
C LEU D 255 5.07 40.23 -3.33
N VAL D 256 5.70 40.12 -2.17
CA VAL D 256 6.23 41.26 -1.43
C VAL D 256 7.74 41.29 -1.63
N LYS D 257 8.21 42.14 -2.54
CA LYS D 257 9.64 42.26 -2.85
C LYS D 257 10.50 42.20 -1.59
N GLY D 258 11.63 41.50 -1.71
CA GLY D 258 12.60 41.34 -0.61
C GLY D 258 13.74 42.33 -0.75
N GLY D 259 14.63 42.51 0.22
CA GLY D 259 15.61 43.56 0.03
C GLY D 259 17.09 43.54 0.05
N ASN D 260 17.64 42.35 0.20
CA ASN D 260 19.11 42.23 0.20
C ASN D 260 19.21 41.11 -0.79
N ASN D 261 19.87 40.00 -0.38
CA ASN D 261 19.97 38.89 -1.33
C ASN D 261 18.60 38.58 -1.96
N ARG D 262 17.55 38.54 -1.15
CA ARG D 262 16.21 38.23 -1.62
C ARG D 262 15.72 39.14 -2.73
N SER D 263 16.32 40.32 -2.87
CA SER D 263 15.88 41.25 -3.90
C SER D 263 15.81 40.63 -5.30
N SER D 264 16.50 39.52 -5.50
CA SER D 264 16.48 38.87 -6.79
C SER D 264 15.70 37.57 -6.69
N VAL D 265 14.44 37.62 -7.07
CA VAL D 265 13.58 36.44 -7.01
C VAL D 265 14.19 35.26 -7.76
N ALA D 266 14.19 34.09 -7.14
CA ALA D 266 14.76 32.89 -7.76
C ALA D 266 13.88 32.29 -8.84
N SER D 267 14.41 31.32 -9.56
CA SER D 267 13.64 30.71 -10.63
C SER D 267 12.41 30.00 -10.05
N SER D 268 11.24 30.42 -10.49
CA SER D 268 10.00 29.82 -10.05
C SER D 268 9.53 28.81 -11.08
N ILE D 269 10.48 28.27 -11.85
CA ILE D 269 10.16 27.28 -12.87
C ILE D 269 10.49 25.90 -12.33
N TYR D 270 9.55 25.36 -11.55
CA TYR D 270 9.70 24.08 -10.90
C TYR D 270 9.47 22.84 -11.73
N VAL D 271 10.07 21.75 -11.27
CA VAL D 271 9.96 20.47 -11.94
C VAL D 271 10.14 19.41 -10.86
N HIS D 272 9.79 18.17 -11.18
CA HIS D 272 9.91 17.08 -10.23
C HIS D 272 10.42 15.80 -10.89
N THR D 273 11.21 15.04 -10.16
CA THR D 273 11.75 13.78 -10.63
C THR D 273 10.62 12.76 -10.46
N PRO D 274 10.20 12.12 -11.55
CA PRO D 274 9.12 11.15 -11.45
C PRO D 274 9.65 9.83 -10.92
N SER D 275 8.76 8.91 -10.60
CA SER D 275 9.14 7.57 -10.14
C SER D 275 7.96 6.64 -10.05
N GLY D 276 8.13 5.40 -10.50
CA GLY D 276 7.04 4.44 -10.39
C GLY D 276 7.31 3.68 -9.11
N SER D 277 6.30 3.34 -8.32
CA SER D 277 6.55 2.60 -7.08
C SER D 277 7.13 1.25 -7.44
N LEU D 278 6.84 0.24 -6.65
CA LEU D 278 7.40 -1.07 -6.97
C LEU D 278 6.59 -1.72 -8.07
N VAL D 279 7.22 -2.69 -8.72
CA VAL D 279 6.56 -3.43 -9.77
C VAL D 279 6.39 -4.79 -9.16
N SER D 280 5.27 -5.44 -9.43
CA SER D 280 5.05 -6.74 -8.86
C SER D 280 4.25 -7.58 -9.82
N SER D 281 4.35 -8.90 -9.63
CA SER D 281 3.63 -9.82 -10.48
C SER D 281 2.14 -9.56 -10.37
N GLU D 282 1.67 -9.30 -9.16
CA GLU D 282 0.26 -9.08 -8.94
C GLU D 282 -0.38 -8.10 -9.90
N ALA D 283 0.37 -7.09 -10.32
CA ALA D 283 -0.19 -6.11 -11.24
C ALA D 283 0.12 -6.41 -12.70
N GLN D 284 0.80 -7.52 -12.96
CA GLN D 284 1.15 -7.88 -14.32
C GLN D 284 -0.06 -7.96 -15.21
N LEU D 285 0.06 -7.29 -16.35
CA LEU D 285 -0.98 -7.22 -17.35
C LEU D 285 -0.87 -8.36 -18.37
N PHE D 286 0.33 -8.54 -18.90
CA PHE D 286 0.58 -9.58 -19.90
C PHE D 286 0.72 -11.00 -19.36
N ASN D 287 1.02 -11.91 -20.28
CA ASN D 287 1.16 -13.34 -19.95
C ASN D 287 -0.14 -13.89 -19.41
N LYS D 288 -1.23 -13.30 -19.89
CA LYS D 288 -2.57 -13.69 -19.52
C LYS D 288 -3.39 -13.60 -20.81
N PRO D 289 -4.15 -14.65 -21.13
CA PRO D 289 -4.95 -14.63 -22.36
C PRO D 289 -6.11 -13.64 -22.29
N TYR D 290 -6.38 -12.94 -23.39
CA TYR D 290 -7.49 -12.00 -23.43
C TYR D 290 -8.45 -12.48 -24.51
N TRP D 291 -9.67 -12.78 -24.11
CA TRP D 291 -10.69 -13.26 -25.03
C TRP D 291 -11.62 -12.12 -25.41
N LEU D 292 -11.54 -11.64 -26.65
CA LEU D 292 -12.43 -10.57 -27.08
C LEU D 292 -13.69 -11.22 -27.59
N GLN D 293 -14.78 -11.00 -26.89
CA GLN D 293 -16.02 -11.60 -27.33
C GLN D 293 -17.02 -10.59 -27.84
N LYS D 294 -16.92 -9.34 -27.35
CA LYS D 294 -17.82 -8.29 -27.79
C LYS D 294 -17.15 -6.94 -27.74
N ALA D 295 -16.55 -6.55 -28.86
CA ALA D 295 -15.87 -5.28 -28.93
C ALA D 295 -16.83 -4.16 -28.56
N GLN D 296 -16.27 -3.06 -28.04
CA GLN D 296 -17.08 -1.91 -27.65
C GLN D 296 -17.43 -1.09 -28.89
N GLY D 297 -16.69 -1.30 -29.97
CA GLY D 297 -16.96 -0.59 -31.22
C GLY D 297 -17.81 -1.45 -32.15
N HIS D 298 -17.98 -1.05 -33.41
CA HIS D 298 -18.77 -1.84 -34.32
C HIS D 298 -18.01 -2.98 -34.96
N ASN D 299 -16.70 -2.82 -35.08
CA ASN D 299 -15.87 -3.87 -35.66
C ASN D 299 -15.50 -4.82 -34.53
N ASN D 300 -16.15 -5.96 -34.52
CA ASN D 300 -15.92 -6.95 -33.47
C ASN D 300 -14.75 -7.86 -33.77
N GLY D 301 -13.57 -7.28 -33.90
CA GLY D 301 -12.37 -8.06 -34.14
C GLY D 301 -12.19 -8.61 -35.54
N ILE D 302 -12.77 -7.93 -36.53
CA ILE D 302 -12.63 -8.36 -37.93
C ILE D 302 -11.33 -7.82 -38.50
N CYS D 303 -10.40 -8.70 -38.80
CA CYS D 303 -9.12 -8.27 -39.32
C CYS D 303 -9.15 -7.91 -40.78
N TRP D 304 -9.83 -6.83 -41.12
CA TRP D 304 -9.92 -6.39 -42.52
C TRP D 304 -8.55 -6.34 -43.18
N GLY D 305 -8.47 -6.82 -44.42
CA GLY D 305 -7.22 -6.80 -45.14
C GLY D 305 -6.21 -7.82 -44.66
N ASN D 306 -6.65 -8.71 -43.79
CA ASN D 306 -5.79 -9.74 -43.24
C ASN D 306 -4.65 -9.15 -42.42
N HIS D 307 -4.88 -7.96 -41.87
CA HIS D 307 -3.92 -7.23 -41.05
C HIS D 307 -4.36 -7.25 -39.62
N LEU D 308 -3.43 -6.93 -38.72
CA LEU D 308 -3.74 -6.89 -37.31
C LEU D 308 -2.64 -6.14 -36.59
N SER D 309 -2.96 -4.99 -36.00
CA SER D 309 -1.95 -4.22 -35.29
C SER D 309 -2.07 -4.41 -33.78
N VAL D 310 -0.96 -4.80 -33.15
CA VAL D 310 -0.93 -5.00 -31.70
C VAL D 310 0.06 -4.06 -31.06
N THR D 311 -0.44 -3.11 -30.29
CA THR D 311 0.43 -2.18 -29.63
C THR D 311 0.67 -2.65 -28.21
N VAL D 312 1.91 -2.50 -27.77
CA VAL D 312 2.29 -2.92 -26.43
C VAL D 312 3.29 -1.97 -25.79
N VAL D 313 3.12 -1.73 -24.50
CA VAL D 313 4.03 -0.92 -23.71
C VAL D 313 4.18 -1.62 -22.38
N ASP D 314 5.41 -1.95 -22.01
CA ASP D 314 5.62 -2.64 -20.75
C ASP D 314 6.96 -2.22 -20.16
N THR D 315 6.88 -1.48 -19.08
CA THR D 315 8.08 -1.00 -18.43
C THR D 315 8.40 -1.85 -17.23
N THR D 316 7.58 -2.86 -16.96
CA THR D 316 7.80 -3.72 -15.81
C THR D 316 8.99 -4.63 -15.99
N ARG D 317 9.63 -4.54 -17.14
CA ARG D 317 10.79 -5.36 -17.43
C ARG D 317 11.84 -4.48 -18.08
N SER D 318 12.04 -3.29 -17.52
CA SER D 318 12.99 -2.36 -18.07
C SER D 318 14.38 -2.33 -17.45
N THR D 319 14.84 -3.43 -16.86
CA THR D 319 16.16 -3.42 -16.25
C THR D 319 17.20 -3.18 -17.34
N ASN D 320 18.05 -2.17 -17.10
CA ASN D 320 19.11 -1.81 -18.02
C ASN D 320 20.40 -2.39 -17.52
N MET D 321 20.73 -3.59 -17.98
CA MET D 321 21.95 -4.19 -17.54
C MET D 321 23.18 -3.44 -18.00
N THR D 322 24.25 -3.66 -17.24
CA THR D 322 25.51 -3.01 -17.46
C THR D 322 26.52 -4.10 -17.62
N LEU D 323 27.50 -3.87 -18.49
CA LEU D 323 28.56 -4.85 -18.68
C LEU D 323 29.83 -4.11 -19.07
N CYS D 324 30.96 -4.65 -18.63
CA CYS D 324 32.28 -4.05 -18.89
C CYS D 324 33.31 -5.07 -19.39
N ALA D 325 34.20 -4.62 -20.29
CA ALA D 325 35.25 -5.51 -20.79
C ALA D 325 36.55 -4.83 -20.45
N SER D 326 37.53 -5.63 -20.10
CA SER D 326 38.76 -5.07 -19.72
C SER D 326 39.61 -4.74 -20.89
N VAL D 327 40.55 -3.87 -20.63
CA VAL D 327 41.43 -3.48 -21.64
C VAL D 327 42.87 -3.56 -21.22
N SER D 328 43.13 -3.91 -19.94
CA SER D 328 44.54 -3.99 -19.43
C SER D 328 44.67 -4.99 -18.22
N LYS D 329 44.00 -6.13 -18.40
CA LYS D 329 43.96 -7.20 -17.41
C LYS D 329 45.27 -7.56 -16.70
N SER D 330 45.78 -6.66 -15.86
CA SER D 330 47.00 -6.95 -15.10
C SER D 330 47.33 -5.86 -14.08
N ALA D 331 47.31 -4.61 -14.51
CA ALA D 331 47.63 -3.50 -13.61
C ALA D 331 46.83 -3.66 -12.32
N THR D 332 47.31 -3.04 -11.23
CA THR D 332 46.58 -3.09 -9.95
C THR D 332 45.37 -2.16 -10.07
N TYR D 333 44.16 -2.73 -9.97
CA TYR D 333 42.89 -2.01 -10.17
C TYR D 333 43.01 -0.56 -10.64
N THR D 334 42.68 -0.36 -11.92
CA THR D 334 42.75 0.96 -12.53
C THR D 334 41.51 1.16 -13.40
N ASN D 335 40.68 2.13 -13.03
CA ASN D 335 39.48 2.38 -13.80
C ASN D 335 39.72 2.41 -15.31
N SER D 336 40.78 3.07 -15.75
CA SER D 336 41.06 3.15 -17.19
C SER D 336 41.23 1.78 -17.85
N ASP D 337 41.38 0.73 -17.05
CA ASP D 337 41.54 -0.62 -17.59
C ASP D 337 40.25 -1.20 -18.11
N TYR D 338 39.13 -0.50 -17.93
CA TYR D 338 37.85 -1.01 -18.36
C TYR D 338 36.93 -0.07 -19.11
N LYS D 339 36.05 -0.65 -19.92
CA LYS D 339 35.06 0.11 -20.69
C LYS D 339 33.68 -0.39 -20.31
N GLU D 340 32.89 0.49 -19.72
CA GLU D 340 31.54 0.14 -19.28
C GLU D 340 30.52 0.41 -20.40
N TYR D 341 29.49 -0.44 -20.50
CA TYR D 341 28.47 -0.25 -21.53
C TYR D 341 27.04 -0.37 -20.99
N MET D 342 26.07 -0.09 -21.85
CA MET D 342 24.66 -0.15 -21.49
C MET D 342 23.90 -0.98 -22.54
N ARG D 343 23.14 -1.96 -22.07
CA ARG D 343 22.36 -2.80 -22.98
C ARG D 343 21.02 -3.17 -22.39
N HIS D 344 19.96 -2.99 -23.17
CA HIS D 344 18.65 -3.39 -22.72
C HIS D 344 18.10 -4.50 -23.58
N VAL D 345 17.11 -5.20 -23.06
CA VAL D 345 16.56 -6.34 -23.76
C VAL D 345 15.06 -6.47 -23.64
N GLU D 346 14.45 -7.01 -24.70
CA GLU D 346 13.01 -7.19 -24.74
C GLU D 346 12.76 -8.59 -25.30
N GLU D 347 11.84 -9.32 -24.66
CA GLU D 347 11.52 -10.67 -25.08
C GLU D 347 10.01 -10.86 -25.24
N PHE D 348 9.55 -11.08 -26.46
CA PHE D 348 8.13 -11.26 -26.71
C PHE D 348 7.82 -12.61 -27.32
N ASP D 349 6.53 -12.92 -27.38
CA ASP D 349 5.99 -14.16 -27.98
C ASP D 349 4.48 -13.99 -28.15
N LEU D 350 4.10 -13.31 -29.24
CA LEU D 350 2.69 -13.04 -29.52
C LEU D 350 1.97 -14.24 -30.05
N GLN D 351 0.95 -14.70 -29.34
CA GLN D 351 0.18 -15.85 -29.78
C GLN D 351 -1.27 -15.48 -29.87
N PHE D 352 -1.92 -15.91 -30.93
CA PHE D 352 -3.32 -15.57 -31.14
C PHE D 352 -4.23 -16.77 -31.44
N ILE D 353 -5.50 -16.49 -31.67
CA ILE D 353 -6.48 -17.50 -32.02
C ILE D 353 -7.51 -16.81 -32.91
N PHE D 354 -7.53 -17.16 -34.21
CA PHE D 354 -8.46 -16.55 -35.15
C PHE D 354 -9.60 -17.44 -35.59
N GLN D 355 -10.69 -16.82 -36.03
CA GLN D 355 -11.88 -17.54 -36.46
C GLN D 355 -12.31 -17.16 -37.88
N LEU D 356 -12.41 -18.15 -38.75
CA LEU D 356 -12.80 -17.91 -40.13
C LEU D 356 -14.24 -17.37 -40.24
N CYS D 357 -14.43 -16.36 -41.08
CA CYS D 357 -15.74 -15.74 -41.28
C CYS D 357 -15.99 -15.58 -42.77
N SER D 358 -17.24 -15.34 -43.15
CA SER D 358 -17.61 -15.15 -44.55
C SER D 358 -18.49 -13.94 -44.70
N ILE D 359 -18.62 -13.46 -45.93
CA ILE D 359 -19.42 -12.29 -46.25
C ILE D 359 -20.05 -12.39 -47.63
N THR D 360 -21.36 -12.62 -47.70
CA THR D 360 -22.00 -12.69 -49.01
C THR D 360 -22.05 -11.28 -49.54
N LEU D 361 -21.43 -11.06 -50.70
CA LEU D 361 -21.37 -9.75 -51.30
C LEU D 361 -22.64 -9.29 -52.01
N SER D 362 -23.67 -8.99 -51.24
CA SER D 362 -24.93 -8.52 -51.82
C SER D 362 -24.71 -7.06 -52.23
N ALA D 363 -25.63 -6.53 -53.03
CA ALA D 363 -25.52 -5.16 -53.50
C ALA D 363 -25.29 -4.20 -52.36
N GLU D 364 -26.14 -4.29 -51.36
CA GLU D 364 -26.03 -3.39 -50.23
C GLU D 364 -24.74 -3.58 -49.43
N VAL D 365 -24.32 -4.84 -49.23
CA VAL D 365 -23.09 -5.06 -48.48
C VAL D 365 -21.90 -4.43 -49.21
N MET D 366 -21.88 -4.61 -50.52
CA MET D 366 -20.82 -4.08 -51.34
C MET D 366 -20.72 -2.58 -51.13
N ALA D 367 -21.89 -1.94 -51.05
CA ALA D 367 -21.95 -0.49 -50.86
C ALA D 367 -21.36 -0.05 -49.52
N TYR D 368 -21.96 -0.52 -48.44
CA TYR D 368 -21.51 -0.20 -47.10
C TYR D 368 -19.99 -0.31 -46.97
N ILE D 369 -19.45 -1.44 -47.42
CA ILE D 369 -18.02 -1.68 -47.36
C ILE D 369 -17.22 -0.69 -48.19
N HIS D 370 -17.67 -0.44 -49.41
CA HIS D 370 -16.97 0.50 -50.28
C HIS D 370 -16.80 1.89 -49.63
N THR D 371 -17.80 2.29 -48.85
CA THR D 371 -17.78 3.56 -48.16
C THR D 371 -16.90 3.45 -46.93
N MET D 372 -16.96 2.30 -46.26
CA MET D 372 -16.15 2.05 -45.07
C MET D 372 -14.65 1.93 -45.39
N ASN D 373 -14.29 0.91 -46.16
CA ASN D 373 -12.90 0.72 -46.54
C ASN D 373 -12.83 0.20 -47.96
N PRO D 374 -12.84 1.12 -48.94
CA PRO D 374 -12.79 0.71 -50.36
C PRO D 374 -11.65 -0.27 -50.64
N SER D 375 -10.57 -0.15 -49.88
CA SER D 375 -9.44 -1.04 -50.07
C SER D 375 -9.91 -2.48 -50.01
N VAL D 376 -10.60 -2.79 -48.93
CA VAL D 376 -11.09 -4.13 -48.68
C VAL D 376 -11.66 -4.80 -49.91
N LEU D 377 -12.46 -4.07 -50.68
CA LEU D 377 -13.06 -4.63 -51.90
C LEU D 377 -12.06 -4.75 -53.03
N GLU D 378 -11.33 -3.67 -53.29
CA GLU D 378 -10.36 -3.66 -54.35
C GLU D 378 -9.37 -4.82 -54.24
N ASP D 379 -9.21 -5.38 -53.03
CA ASP D 379 -8.29 -6.49 -52.85
C ASP D 379 -8.95 -7.81 -53.15
N TRP D 380 -10.20 -7.96 -52.73
CA TRP D 380 -10.92 -9.20 -52.99
C TRP D 380 -11.13 -9.41 -54.49
N ASN D 381 -10.09 -9.86 -55.17
CA ASN D 381 -10.18 -10.11 -56.61
C ASN D 381 -9.28 -11.28 -57.11
N LYS D 387 0.24 -3.13 -55.95
CA LYS D 387 -0.34 -2.10 -55.08
C LYS D 387 0.67 -1.49 -54.11
N GLN D 388 0.32 -0.34 -53.53
CA GLN D 388 1.21 0.35 -52.57
C GLN D 388 0.77 0.21 -51.10
N ASP D 389 1.71 0.42 -50.19
CA ASP D 389 1.42 0.33 -48.76
C ASP D 389 0.90 1.68 -48.19
N PRO D 390 -0.32 1.68 -47.62
CA PRO D 390 -0.94 2.89 -47.03
C PRO D 390 -0.16 3.43 -45.83
N TYR D 391 0.83 2.64 -45.43
CA TYR D 391 1.67 3.00 -44.29
C TYR D 391 3.10 2.56 -44.59
N LYS D 392 3.55 2.81 -45.82
CA LYS D 392 4.90 2.42 -46.25
C LYS D 392 5.98 3.21 -45.51
N ASP D 393 5.71 4.50 -45.29
CA ASP D 393 6.66 5.37 -44.60
C ASP D 393 6.80 5.03 -43.10
N MET D 394 5.70 4.66 -42.47
CA MET D 394 5.70 4.32 -41.05
C MET D 394 6.50 3.05 -40.76
N SER D 395 6.96 2.92 -39.52
CA SER D 395 7.74 1.74 -39.12
C SER D 395 7.09 0.90 -38.02
N PHE D 396 6.83 -0.36 -38.32
CA PHE D 396 6.22 -1.28 -37.37
C PHE D 396 7.07 -2.55 -37.32
N TRP D 397 6.93 -3.31 -36.25
CA TRP D 397 7.65 -4.56 -36.12
C TRP D 397 6.85 -5.57 -36.93
N GLU D 398 7.29 -5.85 -38.14
CA GLU D 398 6.62 -6.80 -39.02
C GLU D 398 6.63 -8.20 -38.41
N VAL D 399 5.44 -8.76 -38.22
CA VAL D 399 5.30 -10.11 -37.68
C VAL D 399 4.49 -10.89 -38.71
N ASN D 400 5.19 -11.74 -39.46
CA ASN D 400 4.54 -12.54 -40.47
C ASN D 400 4.02 -13.87 -39.92
N LEU D 401 2.71 -14.06 -40.02
CA LEU D 401 2.11 -15.28 -39.50
C LEU D 401 1.51 -16.15 -40.58
N LYS D 402 1.85 -15.89 -41.85
CA LYS D 402 1.31 -16.67 -42.95
C LYS D 402 1.51 -18.18 -42.83
N GLU D 403 2.74 -18.62 -42.64
CA GLU D 403 3.00 -20.05 -42.52
C GLU D 403 2.88 -20.48 -41.07
N LYS D 404 2.20 -19.69 -40.25
CA LYS D 404 2.09 -20.01 -38.83
C LYS D 404 0.74 -20.48 -38.30
N PHE D 405 -0.27 -20.52 -39.16
CA PHE D 405 -1.59 -20.96 -38.73
C PHE D 405 -1.69 -22.48 -38.58
N SER D 406 -2.61 -22.91 -37.73
CA SER D 406 -2.84 -24.33 -37.49
C SER D 406 -4.19 -24.56 -36.81
N SER D 407 -4.92 -25.57 -37.27
CA SER D 407 -6.24 -25.88 -36.71
C SER D 407 -6.18 -26.96 -35.62
N GLU D 408 -4.97 -27.31 -35.20
CA GLU D 408 -4.76 -28.31 -34.15
C GLU D 408 -4.64 -27.59 -32.81
N LEU D 409 -5.68 -26.87 -32.43
CA LEU D 409 -5.71 -26.09 -31.20
C LEU D 409 -5.07 -26.73 -29.98
N ASP D 410 -5.45 -27.96 -29.67
CA ASP D 410 -4.93 -28.63 -28.48
C ASP D 410 -3.44 -28.87 -28.49
N GLN D 411 -2.76 -28.40 -29.53
CA GLN D 411 -1.30 -28.57 -29.63
C GLN D 411 -0.55 -27.32 -29.15
N PHE D 412 -1.29 -26.30 -28.75
CA PHE D 412 -0.68 -25.05 -28.31
C PHE D 412 -1.26 -24.52 -27.01
N PRO D 413 -0.42 -23.92 -26.15
CA PRO D 413 -0.89 -23.39 -24.88
C PRO D 413 -2.16 -22.55 -24.98
N LEU D 414 -2.15 -21.53 -25.83
CA LEU D 414 -3.33 -20.67 -25.95
C LEU D 414 -4.49 -21.48 -26.50
N GLY D 415 -4.18 -22.41 -27.40
CA GLY D 415 -5.21 -23.26 -27.97
C GLY D 415 -5.86 -24.07 -26.87
N ARG D 416 -5.04 -24.69 -26.04
CA ARG D 416 -5.57 -25.47 -24.95
C ARG D 416 -6.42 -24.58 -24.08
N LYS D 417 -5.90 -23.41 -23.75
CA LYS D 417 -6.62 -22.46 -22.90
C LYS D 417 -7.95 -22.10 -23.54
N PHE D 418 -7.94 -21.98 -24.85
CA PHE D 418 -9.15 -21.63 -25.60
C PHE D 418 -10.22 -22.71 -25.43
N LEU D 419 -9.94 -23.91 -25.92
CA LEU D 419 -10.88 -25.01 -25.79
C LEU D 419 -11.43 -25.00 -24.37
N LEU D 420 -10.54 -24.99 -23.39
CA LEU D 420 -10.97 -24.98 -22.00
C LEU D 420 -12.00 -23.87 -21.80
N GLN D 421 -11.55 -22.63 -21.93
CA GLN D 421 -12.42 -21.46 -21.76
C GLN D 421 -13.72 -21.55 -22.54
N SER D 422 -13.65 -21.96 -23.80
CA SER D 422 -14.85 -22.05 -24.63
C SER D 422 -15.71 -23.25 -24.23
N GLY D 423 -15.41 -23.82 -23.08
CA GLY D 423 -16.18 -24.94 -22.58
C GLY D 423 -16.17 -26.17 -23.49
N TYR D 424 -16.39 -25.98 -24.80
CA TYR D 424 -16.42 -27.14 -25.70
C TYR D 424 -15.20 -27.22 -26.61
N ALA E 1 0.53 -36.03 -33.68
CA ALA E 1 -0.18 -35.15 -32.69
C ALA E 1 0.01 -35.63 -31.24
N VAL E 2 0.28 -34.73 -30.31
CA VAL E 2 0.45 -35.11 -28.90
C VAL E 2 -0.92 -35.28 -28.26
N VAL E 3 -1.09 -36.34 -27.48
CA VAL E 3 -2.38 -36.55 -26.82
C VAL E 3 -2.29 -36.37 -25.32
N ALA E 4 -3.41 -36.02 -24.70
CA ALA E 4 -3.49 -35.81 -23.27
C ALA E 4 -3.31 -37.12 -22.54
N THR E 5 -2.47 -37.11 -21.52
CA THR E 5 -2.22 -38.31 -20.75
C THR E 5 -3.54 -38.93 -20.27
N ASP E 6 -4.54 -38.09 -20.04
CA ASP E 6 -5.84 -38.58 -19.58
C ASP E 6 -6.47 -39.60 -20.51
N ALA E 7 -5.89 -39.75 -21.69
CA ALA E 7 -6.40 -40.68 -22.69
C ALA E 7 -5.77 -42.09 -22.70
N TYR E 8 -4.58 -42.23 -22.13
CA TYR E 8 -3.94 -43.54 -22.14
C TYR E 8 -3.38 -43.98 -20.80
N VAL E 9 -3.75 -43.25 -19.74
CA VAL E 9 -3.29 -43.57 -18.39
C VAL E 9 -4.48 -43.75 -17.47
N LYS E 10 -4.81 -44.99 -17.12
CA LYS E 10 -5.97 -45.24 -16.26
C LYS E 10 -5.64 -44.93 -14.81
N ARG E 11 -6.57 -44.25 -14.15
CA ARG E 11 -6.43 -43.85 -12.76
C ARG E 11 -7.13 -44.83 -11.82
N THR E 12 -6.78 -44.79 -10.54
CA THR E 12 -7.37 -45.68 -9.55
C THR E 12 -7.76 -44.88 -8.32
N ASN E 13 -8.06 -45.58 -7.22
CA ASN E 13 -8.43 -44.91 -5.98
C ASN E 13 -7.30 -45.04 -5.00
N ILE E 14 -6.21 -45.64 -5.45
CA ILE E 14 -5.08 -45.83 -4.55
C ILE E 14 -4.27 -44.55 -4.38
N PHE E 15 -4.30 -43.98 -3.18
CA PHE E 15 -3.54 -42.77 -2.91
C PHE E 15 -2.54 -43.04 -1.80
N TYR E 16 -1.40 -42.39 -1.86
CA TYR E 16 -0.38 -42.57 -0.84
C TYR E 16 0.13 -41.21 -0.41
N HIS E 17 0.70 -41.15 0.78
CA HIS E 17 1.28 -39.91 1.28
C HIS E 17 2.78 -40.07 1.38
N ALA E 18 3.50 -38.98 1.19
CA ALA E 18 4.96 -39.01 1.29
C ALA E 18 5.49 -37.65 1.67
N SER E 19 6.51 -37.66 2.53
CA SER E 19 7.14 -36.43 2.99
C SER E 19 8.62 -36.68 3.22
N SER E 20 9.41 -35.67 2.89
CA SER E 20 10.86 -35.72 3.04
C SER E 20 11.25 -35.38 4.46
N SER E 21 10.28 -34.88 5.21
CA SER E 21 10.49 -34.44 6.59
C SER E 21 11.49 -33.27 6.56
N ARG E 22 11.99 -32.89 7.73
CA ARG E 22 12.91 -31.77 7.84
C ARG E 22 14.18 -31.82 7.00
N LEU E 23 14.44 -30.71 6.30
CA LEU E 23 15.60 -30.56 5.45
C LEU E 23 16.26 -29.26 5.80
N LEU E 24 17.53 -29.32 6.15
CA LEU E 24 18.28 -28.13 6.50
C LEU E 24 19.48 -27.86 5.62
N ALA E 25 19.73 -26.58 5.36
CA ALA E 25 20.86 -26.12 4.58
C ALA E 25 21.46 -25.02 5.44
N VAL E 26 22.75 -25.10 5.72
CA VAL E 26 23.40 -24.09 6.57
C VAL E 26 24.76 -23.71 6.07
N GLY E 27 24.92 -22.47 5.66
CA GLY E 27 26.23 -22.06 5.18
C GLY E 27 26.45 -20.57 5.19
N HIS E 28 27.30 -20.14 4.27
CA HIS E 28 27.65 -18.74 4.15
C HIS E 28 26.77 -18.18 3.02
N PRO E 29 26.17 -17.02 3.26
CA PRO E 29 25.31 -16.39 2.27
C PRO E 29 25.94 -15.93 0.96
N TYR E 30 27.20 -15.52 1.00
CA TYR E 30 27.85 -14.97 -0.17
C TYR E 30 28.80 -15.88 -0.94
N TYR E 31 29.59 -16.66 -0.23
CA TYR E 31 30.53 -17.53 -0.90
C TYR E 31 30.82 -18.73 -0.04
N SER E 32 31.33 -19.79 -0.65
CA SER E 32 31.64 -21.01 0.08
C SER E 32 32.95 -20.81 0.78
N ILE E 33 33.12 -21.48 1.91
CA ILE E 33 34.33 -21.36 2.68
C ILE E 33 35.09 -22.67 2.65
N LYS E 34 36.06 -22.74 1.79
CA LYS E 34 36.95 -23.89 1.66
C LYS E 34 38.26 -23.57 2.37
N LYS E 35 38.77 -24.50 3.18
CA LYS E 35 40.00 -24.22 3.90
C LYS E 35 41.24 -24.25 2.99
N VAL E 36 41.16 -23.51 1.89
CA VAL E 36 42.22 -23.42 0.88
C VAL E 36 42.42 -24.80 0.24
N ASN E 37 41.41 -25.65 0.36
CA ASN E 37 41.53 -26.98 -0.19
C ASN E 37 40.20 -27.51 -0.68
N LYS E 38 39.46 -28.14 0.24
CA LYS E 38 38.15 -28.73 -0.01
C LYS E 38 37.05 -27.80 0.54
N THR E 39 35.84 -27.96 0.02
CA THR E 39 34.70 -27.14 0.45
C THR E 39 34.11 -27.66 1.77
N VAL E 40 34.12 -26.83 2.81
CA VAL E 40 33.58 -27.24 4.10
C VAL E 40 32.24 -26.56 4.31
N VAL E 41 32.28 -25.23 4.42
CA VAL E 41 31.09 -24.44 4.61
C VAL E 41 30.54 -24.10 3.23
N PRO E 42 29.40 -24.69 2.85
CA PRO E 42 28.85 -24.40 1.53
C PRO E 42 28.15 -23.06 1.43
N LYS E 43 27.94 -22.62 0.21
CA LYS E 43 27.24 -21.36 0.00
C LYS E 43 25.75 -21.63 0.08
N VAL E 44 25.07 -20.97 1.01
CA VAL E 44 23.63 -21.17 1.15
C VAL E 44 22.99 -19.80 1.22
N SER E 45 22.49 -19.31 0.10
CA SER E 45 21.88 -18.00 0.08
C SER E 45 20.39 -18.09 -0.05
N GLY E 46 19.69 -17.06 0.41
CA GLY E 46 18.25 -17.08 0.30
C GLY E 46 17.86 -16.85 -1.15
N TYR E 47 18.72 -16.14 -1.89
CA TYR E 47 18.43 -15.87 -3.27
C TYR E 47 18.94 -16.96 -4.20
N GLN E 48 18.99 -18.17 -3.67
CA GLN E 48 19.45 -19.35 -4.39
C GLN E 48 18.26 -20.19 -4.84
N TYR E 49 18.45 -20.97 -5.89
CA TYR E 49 17.39 -21.84 -6.38
C TYR E 49 17.46 -23.15 -5.61
N ARG E 50 16.32 -23.77 -5.41
CA ARG E 50 16.29 -25.07 -4.76
C ARG E 50 15.57 -26.04 -5.66
N VAL E 51 16.35 -26.86 -6.36
CA VAL E 51 15.78 -27.83 -7.27
C VAL E 51 15.87 -29.21 -6.66
N PHE E 52 14.76 -29.68 -6.10
CA PHE E 52 14.73 -30.99 -5.46
C PHE E 52 14.41 -32.09 -6.46
N LYS E 53 15.24 -33.13 -6.48
CA LYS E 53 15.00 -34.25 -7.36
C LYS E 53 14.34 -35.30 -6.47
N VAL E 54 13.02 -35.35 -6.49
CA VAL E 54 12.31 -36.30 -5.64
C VAL E 54 12.18 -37.67 -6.28
N VAL E 55 12.81 -38.66 -5.69
CA VAL E 55 12.77 -40.03 -6.19
C VAL E 55 11.67 -40.82 -5.52
N LEU E 56 10.83 -41.42 -6.34
CA LEU E 56 9.71 -42.21 -5.88
C LEU E 56 10.04 -43.68 -6.08
N PRO E 57 9.36 -44.57 -5.34
CA PRO E 57 9.60 -46.01 -5.48
C PRO E 57 8.88 -46.52 -6.75
N ASP E 58 9.52 -47.40 -7.51
CA ASP E 58 8.92 -47.95 -8.71
C ASP E 58 7.78 -48.88 -8.35
N PRO E 59 6.53 -48.47 -8.60
CA PRO E 59 5.36 -49.29 -8.27
C PRO E 59 5.34 -50.69 -8.90
N ASN E 60 6.09 -50.86 -9.99
CA ASN E 60 6.18 -52.15 -10.67
C ASN E 60 7.07 -53.17 -9.94
N LYS E 61 7.19 -53.00 -8.62
CA LYS E 61 7.99 -53.89 -7.78
C LYS E 61 7.29 -53.89 -6.43
N PHE E 62 6.94 -52.68 -5.99
CA PHE E 62 6.23 -52.38 -4.74
C PHE E 62 5.30 -53.55 -4.37
N ALA E 63 5.15 -53.79 -3.06
CA ALA E 63 4.30 -54.86 -2.51
C ALA E 63 2.98 -54.31 -1.91
N LEU E 64 1.89 -54.41 -2.67
CA LEU E 64 0.57 -53.93 -2.23
C LEU E 64 -0.17 -54.94 -1.32
N PRO E 65 -1.20 -54.47 -0.59
CA PRO E 65 -2.00 -55.32 0.30
C PRO E 65 -2.93 -56.18 -0.58
N ASP E 66 -3.06 -55.74 -1.83
CA ASP E 66 -3.85 -56.40 -2.87
C ASP E 66 -2.83 -56.68 -3.99
N SER E 67 -3.21 -57.50 -4.95
CA SER E 67 -2.33 -57.81 -6.08
C SER E 67 -3.11 -58.40 -7.27
N SER E 68 -4.44 -58.37 -7.15
CA SER E 68 -5.32 -58.88 -8.19
C SER E 68 -5.66 -57.68 -9.12
N LEU E 69 -5.28 -56.48 -8.67
CA LEU E 69 -5.49 -55.22 -9.38
C LEU E 69 -5.15 -55.16 -10.88
N PHE E 70 -4.36 -56.12 -11.41
CA PHE E 70 -4.03 -56.08 -12.85
C PHE E 70 -3.13 -57.19 -13.40
N ASP E 71 -3.01 -57.20 -14.72
CA ASP E 71 -2.19 -58.17 -15.45
C ASP E 71 -0.81 -57.59 -15.76
N PRO E 72 0.21 -57.98 -14.96
CA PRO E 72 1.57 -57.49 -15.17
C PRO E 72 2.13 -57.87 -16.55
N THR E 73 1.31 -58.50 -17.37
CA THR E 73 1.74 -58.91 -18.69
C THR E 73 1.39 -57.89 -19.77
N THR E 74 0.28 -57.18 -19.59
CA THR E 74 -0.14 -56.23 -20.58
C THR E 74 -0.14 -54.78 -20.12
N GLN E 75 -0.02 -54.54 -18.82
CA GLN E 75 -0.02 -53.18 -18.32
C GLN E 75 1.07 -52.85 -17.29
N ARG E 76 1.39 -51.57 -17.15
CA ARG E 76 2.41 -51.11 -16.23
C ARG E 76 1.88 -50.03 -15.30
N LEU E 77 2.58 -49.82 -14.19
CA LEU E 77 2.18 -48.83 -13.18
C LEU E 77 2.99 -47.53 -13.23
N VAL E 78 2.33 -46.43 -12.89
CA VAL E 78 2.95 -45.11 -12.88
C VAL E 78 2.38 -44.27 -11.75
N TRP E 79 3.24 -43.46 -11.14
CA TRP E 79 2.83 -42.58 -10.06
C TRP E 79 2.39 -41.23 -10.63
N ALA E 80 1.26 -40.72 -10.15
CA ALA E 80 0.78 -39.44 -10.62
C ALA E 80 0.69 -38.51 -9.42
N CYS E 81 1.24 -37.30 -9.58
CA CYS E 81 1.21 -36.31 -8.51
C CYS E 81 -0.19 -35.71 -8.36
N THR E 82 -0.75 -35.83 -7.17
CA THR E 82 -2.09 -35.31 -6.91
C THR E 82 -2.03 -33.95 -6.23
N GLY E 83 -1.07 -33.80 -5.34
CA GLY E 83 -0.92 -32.54 -4.64
C GLY E 83 0.31 -32.53 -3.77
N LEU E 84 0.80 -31.33 -3.43
CA LEU E 84 1.98 -31.17 -2.59
C LEU E 84 1.90 -29.91 -1.76
N GLU E 85 2.80 -29.83 -0.79
CA GLU E 85 2.91 -28.69 0.12
C GLU E 85 4.37 -28.55 0.50
N VAL E 86 4.93 -27.39 0.19
CA VAL E 86 6.33 -27.10 0.48
C VAL E 86 6.45 -26.45 1.85
N GLY E 87 6.71 -27.25 2.87
CA GLY E 87 6.83 -26.70 4.22
C GLY E 87 8.02 -25.79 4.36
N ARG E 88 7.88 -24.69 5.08
CA ARG E 88 8.97 -23.76 5.24
C ARG E 88 9.12 -23.27 6.67
N GLY E 89 10.24 -23.60 7.29
CA GLY E 89 10.47 -23.18 8.66
C GLY E 89 11.20 -21.86 8.71
N GLN E 90 11.69 -21.48 9.90
CA GLN E 90 12.41 -20.22 10.09
C GLN E 90 11.49 -19.04 9.85
N PRO E 91 11.70 -17.94 10.58
CA PRO E 91 10.89 -16.73 10.48
C PRO E 91 11.07 -15.93 9.19
N LEU E 92 10.18 -14.97 8.94
CA LEU E 92 10.25 -14.12 7.75
C LEU E 92 11.31 -13.08 7.93
N GLY E 93 11.91 -12.63 6.84
CA GLY E 93 12.94 -11.62 6.94
C GLY E 93 13.65 -11.39 5.61
N VAL E 94 14.48 -10.35 5.53
CA VAL E 94 15.19 -10.05 4.29
C VAL E 94 16.69 -10.25 4.45
N GLY E 95 17.35 -10.52 3.34
CA GLY E 95 18.78 -10.75 3.38
C GLY E 95 19.63 -9.67 2.73
N VAL E 96 20.59 -9.17 3.48
CA VAL E 96 21.47 -8.14 3.02
C VAL E 96 22.64 -8.69 2.23
N SER E 97 22.95 -8.02 1.14
CA SER E 97 24.07 -8.40 0.29
C SER E 97 24.86 -7.12 0.11
N GLY E 98 26.13 -7.24 -0.24
CA GLY E 98 26.94 -6.07 -0.43
C GLY E 98 28.21 -6.40 -1.15
N HIS E 99 29.15 -5.47 -1.15
CA HIS E 99 30.44 -5.66 -1.77
C HIS E 99 31.37 -4.63 -1.15
N PRO E 100 32.53 -5.05 -0.66
CA PRO E 100 33.45 -4.09 -0.04
C PRO E 100 33.96 -3.08 -1.06
N LEU E 101 34.11 -3.52 -2.31
CA LEU E 101 34.60 -2.67 -3.40
C LEU E 101 33.67 -2.60 -4.60
N LEU E 102 32.48 -2.06 -4.39
CA LEU E 102 31.51 -1.94 -5.46
C LEU E 102 31.87 -0.76 -6.34
N ASN E 103 31.70 -0.94 -7.64
CA ASN E 103 32.02 0.12 -8.57
C ASN E 103 30.89 1.13 -8.57
N LYS E 104 30.72 1.84 -7.46
CA LYS E 104 29.67 2.85 -7.34
C LYS E 104 30.31 4.23 -7.24
N TYR E 105 30.45 4.92 -8.36
CA TYR E 105 31.08 6.24 -8.34
C TYR E 105 30.27 7.36 -7.70
N ASP E 106 29.41 8.03 -8.48
CA ASP E 106 28.63 9.11 -7.90
C ASP E 106 27.14 8.85 -7.79
N ASP E 107 26.55 9.29 -6.69
CA ASP E 107 25.13 9.13 -6.47
C ASP E 107 24.46 10.17 -7.35
N VAL E 108 23.66 9.72 -8.31
CA VAL E 108 22.98 10.64 -9.24
C VAL E 108 21.55 11.06 -8.90
N GLU E 109 20.98 10.43 -7.87
CA GLU E 109 19.62 10.75 -7.44
C GLU E 109 19.44 12.22 -7.11
N ASN E 110 20.40 12.74 -6.35
CA ASN E 110 20.41 14.14 -5.95
C ASN E 110 21.86 14.48 -5.61
N SER E 111 22.57 15.08 -6.54
CA SER E 111 23.95 15.45 -6.24
C SER E 111 24.17 16.94 -6.51
N GLY E 112 24.90 17.57 -5.59
CA GLY E 112 25.20 18.97 -5.68
C GLY E 112 25.73 19.44 -7.01
N GLY E 113 27.03 19.72 -7.05
CA GLY E 113 27.64 20.22 -8.26
C GLY E 113 28.49 19.24 -9.02
N TYR E 114 28.95 19.69 -10.19
CA TYR E 114 29.78 18.87 -11.06
C TYR E 114 31.11 18.65 -10.38
N GLY E 115 31.17 17.62 -9.53
CA GLY E 115 32.40 17.31 -8.83
C GLY E 115 33.54 17.09 -9.81
N GLY E 116 34.71 16.76 -9.25
CA GLY E 116 35.86 16.49 -10.10
C GLY E 116 35.66 15.19 -10.89
N ASN E 117 36.76 14.68 -11.44
CA ASN E 117 36.69 13.46 -12.22
C ASN E 117 37.40 12.36 -11.46
N PRO E 118 36.84 11.14 -11.50
CA PRO E 118 37.43 9.98 -10.81
C PRO E 118 38.83 9.69 -11.32
N GLY E 119 39.66 9.21 -10.41
CA GLY E 119 41.03 8.88 -10.77
C GLY E 119 41.08 7.39 -11.02
N GLN E 120 41.77 6.67 -10.16
CA GLN E 120 41.86 5.24 -10.33
C GLN E 120 41.32 4.57 -9.08
N ASP E 121 40.38 3.66 -9.26
CA ASP E 121 39.78 2.97 -8.11
C ASP E 121 39.07 3.88 -7.10
N ASN E 122 37.74 3.93 -7.26
CA ASN E 122 36.85 4.73 -6.40
C ASN E 122 35.81 3.83 -5.75
N ARG E 123 36.02 2.53 -5.88
CA ARG E 123 35.09 1.55 -5.33
C ARG E 123 34.80 1.82 -3.85
N VAL E 124 33.58 1.54 -3.43
CA VAL E 124 33.19 1.82 -2.07
C VAL E 124 32.35 0.71 -1.50
N ASN E 125 32.31 0.61 -0.18
CA ASN E 125 31.54 -0.42 0.50
C ASN E 125 30.08 -0.13 0.38
N VAL E 126 29.34 -0.99 -0.31
CA VAL E 126 27.92 -0.79 -0.48
C VAL E 126 27.11 -2.00 -0.04
N GLY E 127 25.90 -1.75 0.44
CA GLY E 127 25.07 -2.86 0.87
C GLY E 127 23.60 -2.59 0.60
N MET E 128 22.87 -3.61 0.17
CA MET E 128 21.45 -3.42 -0.11
C MET E 128 20.68 -4.70 0.02
N ASP E 129 19.37 -4.61 -0.22
CA ASP E 129 18.52 -5.79 -0.17
C ASP E 129 17.99 -6.05 -1.57
N TYR E 130 18.01 -7.30 -1.96
CA TYR E 130 17.58 -7.70 -3.27
C TYR E 130 16.07 -7.68 -3.51
N LYS E 131 15.71 -7.98 -4.73
CA LYS E 131 14.34 -8.05 -5.18
C LYS E 131 13.71 -9.28 -4.56
N GLN E 132 12.52 -9.13 -4.00
CA GLN E 132 11.82 -10.23 -3.36
C GLN E 132 11.25 -11.14 -4.43
N THR E 133 11.35 -12.44 -4.22
CA THR E 133 10.86 -13.42 -5.19
C THR E 133 10.40 -14.71 -4.53
N GLN E 134 9.19 -15.14 -4.91
CA GLN E 134 8.63 -16.40 -4.44
C GLN E 134 8.17 -17.14 -5.67
N LEU E 135 8.60 -18.38 -5.84
CA LEU E 135 8.16 -19.12 -6.98
C LEU E 135 8.25 -20.60 -6.68
N CYS E 136 7.50 -21.38 -7.43
CA CYS E 136 7.50 -22.82 -7.21
C CYS E 136 6.91 -23.50 -8.42
N MET E 137 7.58 -24.53 -8.91
CA MET E 137 7.06 -25.24 -10.06
C MET E 137 7.43 -26.73 -10.08
N VAL E 138 6.42 -27.56 -10.29
CA VAL E 138 6.60 -29.01 -10.31
C VAL E 138 6.64 -29.54 -11.73
N GLY E 139 7.34 -30.66 -11.91
CA GLY E 139 7.44 -31.27 -13.21
C GLY E 139 8.12 -32.62 -13.10
N CYS E 140 8.12 -33.39 -14.18
CA CYS E 140 8.77 -34.68 -14.13
C CYS E 140 10.07 -34.54 -14.89
N ALA E 141 10.47 -33.30 -15.11
CA ALA E 141 11.72 -32.97 -15.79
C ALA E 141 12.25 -31.67 -15.17
N PRO E 142 13.59 -31.50 -15.15
CA PRO E 142 14.16 -30.28 -14.58
C PRO E 142 13.68 -29.04 -15.30
N PRO E 143 13.55 -27.93 -14.58
CA PRO E 143 13.10 -26.64 -15.09
C PRO E 143 14.09 -25.99 -16.04
N LEU E 144 13.60 -25.09 -16.89
CA LEU E 144 14.49 -24.42 -17.82
C LEU E 144 14.61 -22.97 -17.45
N GLY E 145 15.82 -22.44 -17.58
CA GLY E 145 16.03 -21.05 -17.25
C GLY E 145 16.69 -20.33 -18.40
N GLU E 146 16.76 -19.01 -18.28
CA GLU E 146 17.38 -18.16 -19.28
C GLU E 146 18.21 -17.07 -18.62
N HIS E 147 19.31 -16.72 -19.28
CA HIS E 147 20.19 -15.66 -18.79
C HIS E 147 21.00 -15.20 -19.98
N TRP E 148 21.66 -14.06 -19.85
CA TRP E 148 22.43 -13.55 -20.94
C TRP E 148 23.90 -13.83 -20.73
N GLY E 149 24.52 -14.44 -21.73
CA GLY E 149 25.94 -14.76 -21.61
C GLY E 149 26.72 -14.17 -22.76
N LYS E 150 28.05 -14.27 -22.71
CA LYS E 150 28.88 -13.72 -23.79
C LYS E 150 28.71 -14.52 -25.07
N GLY E 151 28.33 -13.83 -26.13
CA GLY E 151 28.12 -14.51 -27.40
C GLY E 151 29.40 -14.83 -28.16
N THR E 152 29.22 -15.25 -29.42
CA THR E 152 30.34 -15.56 -30.28
C THR E 152 30.33 -14.64 -31.51
N GLN E 153 31.37 -13.83 -31.60
CA GLN E 153 31.54 -12.87 -32.70
C GLN E 153 31.75 -13.62 -34.04
N SER E 154 31.14 -13.13 -35.11
CA SER E 154 31.33 -13.79 -36.40
C SER E 154 32.66 -13.32 -37.02
N SER E 155 32.87 -13.61 -38.30
CA SER E 155 34.13 -13.26 -38.98
C SER E 155 34.17 -11.76 -39.27
N ASN E 156 34.07 -11.00 -38.18
CA ASN E 156 34.06 -9.55 -38.25
C ASN E 156 35.30 -8.88 -37.71
N THR E 157 35.33 -7.56 -37.88
CA THR E 157 36.43 -6.71 -37.42
C THR E 157 36.95 -7.25 -36.10
N SER E 158 38.26 -7.43 -36.04
CA SER E 158 38.93 -7.92 -34.84
C SER E 158 38.43 -7.14 -33.59
N VAL E 159 37.78 -7.83 -32.66
CA VAL E 159 37.26 -7.17 -31.47
C VAL E 159 38.34 -6.53 -30.59
N GLN E 160 38.66 -5.28 -30.88
CA GLN E 160 39.65 -4.56 -30.09
C GLN E 160 39.38 -4.78 -28.61
N ASN E 161 40.44 -5.06 -27.85
CA ASN E 161 40.28 -5.29 -26.43
C ASN E 161 39.43 -4.18 -25.83
N GLY E 162 38.38 -4.55 -25.10
CA GLY E 162 37.52 -3.58 -24.47
C GLY E 162 36.19 -3.30 -25.16
N ASP E 163 35.99 -3.83 -26.37
CA ASP E 163 34.73 -3.62 -27.08
C ASP E 163 33.63 -4.32 -26.32
N CYS E 164 32.41 -3.79 -26.44
CA CYS E 164 31.26 -4.38 -25.77
C CYS E 164 31.00 -5.81 -26.22
N PRO E 165 31.01 -6.75 -25.28
CA PRO E 165 30.79 -8.14 -25.67
C PRO E 165 29.42 -8.33 -26.33
N PRO E 166 29.28 -9.41 -27.12
CA PRO E 166 28.02 -9.74 -27.81
C PRO E 166 27.08 -10.56 -26.92
N LEU E 167 25.85 -10.09 -26.76
CA LEU E 167 24.87 -10.75 -25.92
C LEU E 167 24.16 -11.92 -26.61
N GLU E 168 23.99 -13.01 -25.87
CA GLU E 168 23.32 -14.21 -26.37
C GLU E 168 22.40 -14.75 -25.29
N LEU E 169 21.19 -15.12 -25.69
CA LEU E 169 20.23 -15.65 -24.75
C LEU E 169 20.49 -17.13 -24.59
N ILE E 170 21.11 -17.50 -23.46
CA ILE E 170 21.43 -18.90 -23.21
C ILE E 170 20.36 -19.62 -22.40
N THR E 171 19.95 -20.79 -22.89
CA THR E 171 18.94 -21.59 -22.22
C THR E 171 19.65 -22.73 -21.51
N SER E 172 19.25 -23.02 -20.28
CA SER E 172 19.90 -24.08 -19.54
C SER E 172 18.98 -24.69 -18.51
N VAL E 173 19.47 -25.75 -17.88
CA VAL E 173 18.71 -26.44 -16.85
C VAL E 173 19.02 -25.83 -15.50
N ILE E 174 18.02 -25.20 -14.89
CA ILE E 174 18.20 -24.57 -13.59
C ILE E 174 18.58 -25.61 -12.53
N GLN E 175 19.80 -25.51 -12.02
CA GLN E 175 20.24 -26.48 -11.03
C GLN E 175 20.18 -25.93 -9.63
N ASP E 176 20.19 -26.83 -8.67
CA ASP E 176 20.14 -26.46 -7.27
C ASP E 176 21.36 -25.60 -6.93
N GLY E 177 21.13 -24.52 -6.20
CA GLY E 177 22.24 -23.67 -5.83
C GLY E 177 22.55 -22.60 -6.87
N ASP E 178 21.68 -22.46 -7.86
CA ASP E 178 21.85 -21.45 -8.89
C ASP E 178 21.35 -20.13 -8.33
N MET E 179 21.72 -19.02 -8.95
CA MET E 179 21.28 -17.73 -8.45
C MET E 179 20.05 -17.16 -9.12
N VAL E 180 19.18 -16.55 -8.34
CA VAL E 180 17.96 -15.96 -8.84
C VAL E 180 18.23 -14.53 -9.26
N ASP E 181 17.45 -14.03 -10.22
CA ASP E 181 17.60 -12.67 -10.65
C ASP E 181 17.38 -11.85 -9.39
N THR E 182 18.25 -10.88 -9.10
CA THR E 182 18.12 -10.08 -7.88
C THR E 182 17.82 -8.62 -8.11
N GLY E 183 17.75 -8.20 -9.38
CA GLY E 183 17.47 -6.82 -9.68
C GLY E 183 18.44 -6.22 -10.69
N PHE E 184 19.53 -6.93 -10.93
CA PHE E 184 20.52 -6.50 -11.90
C PHE E 184 20.36 -7.36 -13.14
N GLY E 185 19.19 -7.98 -13.26
CA GLY E 185 18.91 -8.82 -14.41
C GLY E 185 19.46 -10.23 -14.33
N ALA E 186 19.07 -11.04 -15.31
CA ALA E 186 19.50 -12.42 -15.41
C ALA E 186 20.64 -12.49 -16.42
N MET E 187 21.88 -12.48 -15.94
CA MET E 187 23.02 -12.53 -16.83
C MET E 187 24.18 -13.19 -16.15
N ASN E 188 25.22 -13.50 -16.92
CA ASN E 188 26.41 -14.13 -16.36
C ASN E 188 27.43 -13.06 -16.04
N PHE E 189 27.28 -12.46 -14.86
CA PHE E 189 28.17 -11.40 -14.43
C PHE E 189 29.65 -11.79 -14.50
N ALA E 190 29.95 -13.05 -14.23
CA ALA E 190 31.33 -13.49 -14.28
C ALA E 190 31.97 -13.16 -15.62
N ASP E 191 31.21 -13.37 -16.69
CA ASP E 191 31.72 -13.13 -18.03
C ASP E 191 31.45 -11.75 -18.61
N LEU E 192 30.35 -11.10 -18.22
CA LEU E 192 30.05 -9.78 -18.76
C LEU E 192 30.60 -8.63 -17.92
N GLN E 193 31.03 -8.92 -16.72
CA GLN E 193 31.55 -7.86 -15.89
C GLN E 193 32.94 -8.20 -15.38
N THR E 194 33.91 -7.89 -16.23
CA THR E 194 35.33 -8.13 -16.00
C THR E 194 35.91 -7.62 -14.68
N ASN E 195 35.50 -6.41 -14.28
CA ASN E 195 36.03 -5.83 -13.06
C ASN E 195 35.64 -6.54 -11.76
N LYS E 196 34.81 -7.58 -11.85
CA LYS E 196 34.45 -8.31 -10.64
C LYS E 196 33.95 -7.43 -9.51
N SER E 197 33.53 -6.21 -9.83
CA SER E 197 33.08 -5.32 -8.77
C SER E 197 31.84 -4.49 -9.09
N ASP E 198 31.03 -4.96 -10.03
CA ASP E 198 29.82 -4.24 -10.44
C ASP E 198 28.55 -4.64 -9.70
N VAL E 199 28.58 -5.77 -9.00
CA VAL E 199 27.40 -6.25 -8.26
C VAL E 199 27.86 -7.07 -7.06
N PRO E 200 27.02 -7.16 -6.02
CA PRO E 200 27.34 -7.91 -4.81
C PRO E 200 28.10 -9.24 -4.97
N LEU E 201 28.84 -9.60 -3.93
CA LEU E 201 29.63 -10.82 -3.93
C LEU E 201 28.87 -12.08 -4.25
N ASP E 202 27.64 -12.21 -3.73
CA ASP E 202 26.87 -13.42 -3.97
C ASP E 202 26.46 -13.65 -5.41
N ILE E 203 26.73 -12.70 -6.30
CA ILE E 203 26.41 -12.92 -7.71
C ILE E 203 27.46 -12.39 -8.70
N CYS E 204 28.42 -11.61 -8.21
CA CYS E 204 29.43 -11.08 -9.13
C CYS E 204 30.33 -12.14 -9.75
N GLY E 205 30.21 -13.38 -9.29
CA GLY E 205 31.06 -14.44 -9.83
C GLY E 205 30.32 -15.65 -10.38
N THR E 206 29.04 -15.49 -10.67
CA THR E 206 28.22 -16.58 -11.21
C THR E 206 27.19 -16.05 -12.17
N VAL E 207 26.15 -16.85 -12.37
CA VAL E 207 25.10 -16.48 -13.27
C VAL E 207 23.77 -16.36 -12.53
N CYS E 208 22.95 -15.43 -12.97
CA CYS E 208 21.62 -15.25 -12.40
C CYS E 208 20.69 -15.70 -13.52
N LYS E 209 19.90 -16.73 -13.26
CA LYS E 209 18.98 -17.26 -14.24
C LYS E 209 17.51 -16.92 -13.94
N TYR E 210 16.69 -16.91 -14.98
CA TYR E 210 15.26 -16.63 -14.85
C TYR E 210 14.48 -17.73 -15.53
N PRO E 211 13.43 -18.25 -14.87
CA PRO E 211 12.66 -19.32 -15.48
C PRO E 211 12.28 -19.01 -16.91
N ASP E 212 12.48 -19.95 -17.80
CA ASP E 212 12.13 -19.72 -19.19
C ASP E 212 10.70 -20.21 -19.42
N TYR E 213 9.76 -19.57 -18.72
CA TYR E 213 8.35 -19.93 -18.80
C TYR E 213 7.86 -20.14 -20.21
N LEU E 214 7.97 -19.11 -21.04
CA LEU E 214 7.51 -19.18 -22.42
C LEU E 214 8.01 -20.41 -23.15
N GLN E 215 9.27 -20.78 -22.92
CA GLN E 215 9.80 -21.95 -23.60
C GLN E 215 9.22 -23.22 -23.04
N MET E 216 9.11 -23.30 -21.72
CA MET E 216 8.58 -24.52 -21.12
C MET E 216 7.11 -24.66 -21.46
N ALA E 217 6.39 -23.55 -21.44
CA ALA E 217 4.97 -23.55 -21.73
C ALA E 217 4.67 -24.12 -23.11
N ALA E 218 5.62 -23.95 -24.03
CA ALA E 218 5.46 -24.43 -25.40
C ALA E 218 5.96 -25.86 -25.56
N ASP E 219 6.41 -26.46 -24.47
CA ASP E 219 6.89 -27.84 -24.47
C ASP E 219 5.81 -28.69 -25.14
N PRO E 220 6.14 -29.39 -26.22
CA PRO E 220 5.16 -30.22 -26.92
C PRO E 220 4.39 -31.18 -26.04
N TYR E 221 5.07 -31.81 -25.07
CA TYR E 221 4.41 -32.74 -24.16
C TYR E 221 4.06 -32.09 -22.82
N GLY E 222 4.96 -31.25 -22.31
CA GLY E 222 4.73 -30.57 -21.04
C GLY E 222 5.18 -31.29 -19.79
N ASP E 223 6.40 -31.83 -19.79
CA ASP E 223 6.94 -32.54 -18.64
C ASP E 223 7.75 -31.59 -17.79
N ARG E 224 8.12 -30.46 -18.39
CA ARG E 224 8.94 -29.46 -17.71
C ARG E 224 8.23 -28.89 -16.53
N LEU E 225 7.00 -28.46 -16.73
CA LEU E 225 6.25 -27.89 -15.65
C LEU E 225 4.75 -27.91 -15.88
N PHE E 226 4.04 -28.61 -15.01
CA PHE E 226 2.62 -28.67 -15.16
C PHE E 226 1.91 -27.85 -14.08
N PHE E 227 2.67 -26.98 -13.43
CA PHE E 227 2.14 -26.15 -12.34
C PHE E 227 3.23 -25.14 -11.99
N TYR E 228 2.85 -23.93 -11.61
CA TYR E 228 3.84 -22.93 -11.20
C TYR E 228 3.19 -21.70 -10.59
N LEU E 229 3.80 -21.17 -9.54
CA LEU E 229 3.29 -20.00 -8.86
C LEU E 229 4.44 -19.03 -8.74
N ARG E 230 4.29 -17.84 -9.29
CA ARG E 230 5.34 -16.86 -9.23
C ARG E 230 4.84 -15.58 -8.59
N LYS E 231 5.71 -14.95 -7.82
CA LYS E 231 5.38 -13.71 -7.13
C LYS E 231 6.65 -12.93 -6.86
N GLU E 232 6.92 -11.91 -7.69
CA GLU E 232 8.10 -11.09 -7.53
C GLU E 232 7.73 -9.60 -7.50
N GLN E 233 8.43 -8.84 -6.66
CA GLN E 233 8.20 -7.41 -6.52
C GLN E 233 9.51 -6.68 -6.22
N MET E 234 9.58 -5.40 -6.57
CA MET E 234 10.81 -4.64 -6.35
C MET E 234 10.69 -3.17 -6.76
N PHE E 235 11.49 -2.31 -6.11
CA PHE E 235 11.48 -0.90 -6.45
C PHE E 235 12.89 -0.36 -6.45
N ALA E 236 13.07 0.85 -6.98
CA ALA E 236 14.38 1.47 -7.07
C ALA E 236 14.73 2.31 -5.84
N ARG E 237 15.66 1.81 -5.04
CA ARG E 237 16.08 2.49 -3.81
C ARG E 237 17.01 3.67 -4.10
N HIS E 238 18.17 3.41 -4.70
CA HIS E 238 19.12 4.48 -5.04
C HIS E 238 19.58 4.50 -6.50
N PHE E 239 20.11 5.63 -6.95
CA PHE E 239 20.58 5.75 -8.32
C PHE E 239 22.08 6.04 -8.34
N PHE E 240 22.82 5.14 -8.99
CA PHE E 240 24.26 5.24 -9.06
C PHE E 240 24.81 5.50 -10.44
N ASN E 241 26.11 5.75 -10.46
CA ASN E 241 26.86 6.04 -11.66
C ASN E 241 28.11 5.18 -11.57
N ARG E 242 28.43 4.44 -12.62
CA ARG E 242 29.62 3.59 -12.61
C ARG E 242 30.89 4.39 -12.94
N ALA E 243 32.03 3.78 -12.59
CA ALA E 243 33.34 4.36 -12.84
C ALA E 243 34.02 3.50 -13.91
N GLY E 244 34.78 4.13 -14.79
CA GLY E 244 35.45 3.41 -15.87
C GLY E 244 35.11 4.15 -17.15
N THR E 245 35.91 3.98 -18.20
CA THR E 245 35.66 4.70 -19.45
C THR E 245 34.35 4.30 -20.10
N VAL E 246 33.67 5.29 -20.68
CA VAL E 246 32.37 5.09 -21.33
C VAL E 246 32.50 4.55 -22.74
N GLY E 247 32.47 3.23 -22.86
CA GLY E 247 32.60 2.57 -24.14
C GLY E 247 31.89 3.24 -25.29
N GLU E 248 30.69 3.76 -25.05
CA GLU E 248 29.91 4.41 -26.10
C GLU E 248 29.40 5.76 -25.64
N PRO E 249 30.21 6.81 -25.80
CA PRO E 249 29.90 8.18 -25.41
C PRO E 249 28.58 8.70 -25.92
N VAL E 250 28.07 9.73 -25.26
CA VAL E 250 26.82 10.34 -25.66
C VAL E 250 27.03 11.07 -26.97
N PRO E 251 26.19 10.78 -27.98
CA PRO E 251 26.25 11.39 -29.29
C PRO E 251 26.15 12.91 -29.21
N ASP E 252 26.83 13.60 -30.12
CA ASP E 252 26.83 15.05 -30.12
C ASP E 252 25.43 15.63 -30.31
N ASP E 253 24.67 15.09 -31.26
CA ASP E 253 23.33 15.59 -31.53
C ASP E 253 22.40 15.60 -30.32
N LEU E 254 22.76 14.87 -29.29
CA LEU E 254 21.90 14.83 -28.12
C LEU E 254 22.23 15.83 -27.01
N LEU E 255 23.36 16.51 -27.11
CA LEU E 255 23.67 17.46 -26.05
C LEU E 255 24.39 18.73 -26.51
N VAL E 256 24.32 19.74 -25.65
CA VAL E 256 24.96 21.03 -25.88
C VAL E 256 26.21 21.10 -25.02
N LYS E 257 27.36 20.85 -25.64
CA LYS E 257 28.65 20.86 -24.94
C LYS E 257 28.76 22.02 -23.97
N GLY E 258 29.35 21.76 -22.81
CA GLY E 258 29.50 22.83 -21.83
C GLY E 258 30.94 23.27 -21.75
N GLY E 259 31.22 24.39 -21.06
CA GLY E 259 32.60 24.89 -21.17
C GLY E 259 33.81 25.02 -20.22
N ASN E 260 33.67 24.67 -18.96
CA ASN E 260 34.69 24.83 -17.98
C ASN E 260 34.69 23.41 -17.54
N ASN E 261 34.54 23.22 -16.25
CA ASN E 261 34.42 21.87 -15.68
C ASN E 261 33.44 20.97 -16.50
N ARG E 262 32.28 21.52 -16.83
CA ARG E 262 31.27 20.77 -17.59
C ARG E 262 31.79 20.23 -18.91
N SER E 263 32.87 20.79 -19.43
CA SER E 263 33.42 20.35 -20.70
C SER E 263 33.69 18.84 -20.78
N SER E 264 33.79 18.18 -19.64
CA SER E 264 34.00 16.73 -19.62
C SER E 264 32.74 16.04 -19.13
N VAL E 265 31.95 15.55 -20.08
CA VAL E 265 30.69 14.88 -19.76
C VAL E 265 30.92 13.72 -18.79
N ALA E 266 30.11 13.65 -17.73
CA ALA E 266 30.23 12.59 -16.74
C ALA E 266 29.73 11.23 -17.23
N SER E 267 29.97 10.19 -16.44
CA SER E 267 29.55 8.87 -16.85
C SER E 267 28.04 8.80 -16.91
N SER E 268 27.52 8.48 -18.07
CA SER E 268 26.08 8.37 -18.25
C SER E 268 25.67 6.92 -18.17
N ILE E 269 26.47 6.12 -17.46
CA ILE E 269 26.19 4.71 -17.31
C ILE E 269 25.57 4.48 -15.95
N TYR E 270 24.27 4.74 -15.88
CA TYR E 270 23.50 4.64 -14.66
C TYR E 270 23.09 3.26 -14.20
N VAL E 271 22.82 3.17 -12.90
CA VAL E 271 22.41 1.92 -12.27
C VAL E 271 21.57 2.29 -11.06
N HIS E 272 20.85 1.32 -10.50
CA HIS E 272 20.01 1.59 -9.34
C HIS E 272 20.08 0.45 -8.33
N THR E 273 20.04 0.80 -7.06
CA THR E 273 20.06 -0.19 -5.99
C THR E 273 18.64 -0.74 -5.91
N PRO E 274 18.46 -2.05 -6.07
CA PRO E 274 17.13 -2.65 -6.01
C PRO E 274 16.70 -2.83 -4.57
N SER E 275 15.44 -3.18 -4.36
CA SER E 275 14.89 -3.42 -3.02
C SER E 275 13.48 -3.99 -3.08
N GLY E 276 13.21 -4.97 -2.23
CA GLY E 276 11.88 -5.54 -2.18
C GLY E 276 11.19 -4.81 -1.05
N SER E 277 9.91 -4.46 -1.19
CA SER E 277 9.25 -3.76 -0.10
C SER E 277 9.20 -4.69 1.09
N LEU E 278 8.14 -4.61 1.88
CA LEU E 278 8.09 -5.47 3.04
C LEU E 278 7.64 -6.84 2.64
N VAL E 279 7.93 -7.81 3.51
CA VAL E 279 7.52 -9.17 3.28
C VAL E 279 6.46 -9.37 4.34
N SER E 280 5.42 -10.11 4.03
CA SER E 280 4.37 -10.34 4.99
C SER E 280 3.77 -11.70 4.80
N SER E 281 3.13 -12.20 5.84
CA SER E 281 2.51 -13.49 5.78
C SER E 281 1.42 -13.47 4.71
N GLU E 282 0.67 -12.39 4.65
CA GLU E 282 -0.40 -12.31 3.68
C GLU E 282 0.00 -12.72 2.28
N ALA E 283 1.23 -12.44 1.88
CA ALA E 283 1.65 -12.78 0.52
C ALA E 283 2.36 -14.12 0.44
N GLN E 284 2.47 -14.81 1.56
CA GLN E 284 3.14 -16.09 1.58
C GLN E 284 2.57 -17.05 0.58
N LEU E 285 3.48 -17.66 -0.17
CA LEU E 285 3.15 -18.61 -1.22
C LEU E 285 3.13 -20.03 -0.69
N PHE E 286 4.18 -20.42 0.02
CA PHE E 286 4.30 -21.76 0.58
C PHE E 286 3.50 -22.02 1.84
N ASN E 287 3.70 -23.21 2.40
CA ASN E 287 2.99 -23.68 3.60
C ASN E 287 1.48 -23.72 3.35
N LYS E 288 1.12 -23.96 2.10
CA LYS E 288 -0.26 -24.04 1.67
C LYS E 288 -0.30 -25.19 0.68
N PRO E 289 -1.24 -26.11 0.84
CA PRO E 289 -1.32 -27.24 -0.09
C PRO E 289 -1.76 -26.83 -1.48
N TYR E 290 -1.19 -27.45 -2.51
CA TYR E 290 -1.58 -27.15 -3.89
C TYR E 290 -2.09 -28.44 -4.51
N TRP E 291 -3.35 -28.43 -4.91
CA TRP E 291 -3.96 -29.60 -5.51
C TRP E 291 -3.97 -29.47 -7.03
N LEU E 292 -3.15 -30.26 -7.71
CA LEU E 292 -3.13 -30.20 -9.16
C LEU E 292 -4.16 -31.15 -9.66
N GLN E 293 -5.21 -30.62 -10.27
CA GLN E 293 -6.27 -31.48 -10.77
C GLN E 293 -6.34 -31.52 -12.29
N LYS E 294 -5.89 -30.45 -12.93
CA LYS E 294 -5.90 -30.41 -14.39
C LYS E 294 -4.76 -29.57 -14.91
N ALA E 295 -3.64 -30.23 -15.20
CA ALA E 295 -2.47 -29.52 -15.70
C ALA E 295 -2.82 -28.76 -16.96
N GLN E 296 -2.10 -27.66 -17.21
CA GLN E 296 -2.35 -26.86 -18.39
C GLN E 296 -1.71 -27.52 -19.62
N GLY E 297 -0.79 -28.45 -19.36
CA GLY E 297 -0.13 -29.17 -20.43
C GLY E 297 -0.77 -30.53 -20.65
N HIS E 298 -0.18 -31.38 -21.49
CA HIS E 298 -0.77 -32.70 -21.72
C HIS E 298 -0.44 -33.71 -20.65
N ASN E 299 0.69 -33.51 -19.97
CA ASN E 299 1.06 -34.42 -18.90
C ASN E 299 0.42 -33.92 -17.64
N ASN E 300 -0.63 -34.60 -17.21
CA ASN E 300 -1.38 -34.20 -16.03
C ASN E 300 -0.81 -34.75 -14.75
N GLY E 301 0.43 -34.38 -14.46
CA GLY E 301 1.09 -34.82 -13.25
C GLY E 301 1.58 -36.26 -13.22
N ILE E 302 1.89 -36.81 -14.39
CA ILE E 302 2.37 -38.18 -14.46
C ILE E 302 3.87 -38.21 -14.22
N CYS E 303 4.30 -38.79 -13.11
CA CYS E 303 5.72 -38.83 -12.81
C CYS E 303 6.48 -39.90 -13.54
N TRP E 304 6.63 -39.72 -14.86
CA TRP E 304 7.34 -40.69 -15.68
C TRP E 304 8.71 -41.01 -15.09
N GLY E 305 9.05 -42.29 -15.13
CA GLY E 305 10.34 -42.72 -14.61
C GLY E 305 10.44 -42.67 -13.11
N ASN E 306 9.30 -42.48 -12.45
CA ASN E 306 9.23 -42.42 -10.99
C ASN E 306 10.05 -41.26 -10.44
N HIS E 307 10.21 -40.22 -11.26
CA HIS E 307 10.94 -39.01 -10.90
C HIS E 307 9.97 -37.86 -10.66
N LEU E 308 10.48 -36.80 -10.05
CA LEU E 308 9.66 -35.64 -9.78
C LEU E 308 10.58 -34.48 -9.39
N SER E 309 10.60 -33.42 -10.20
CA SER E 309 11.45 -32.29 -9.89
C SER E 309 10.62 -31.14 -9.32
N VAL E 310 11.00 -30.67 -8.14
CA VAL E 310 10.31 -29.55 -7.51
C VAL E 310 11.26 -28.37 -7.35
N THR E 311 11.01 -27.30 -8.08
CA THR E 311 11.84 -26.12 -7.98
C THR E 311 11.18 -25.12 -7.03
N VAL E 312 12.02 -24.49 -6.21
CA VAL E 312 11.55 -23.53 -5.24
C VAL E 312 12.51 -22.36 -5.10
N VAL E 313 11.93 -21.19 -4.90
CA VAL E 313 12.70 -19.97 -4.67
C VAL E 313 11.90 -19.21 -3.63
N ASP E 314 12.53 -18.87 -2.53
CA ASP E 314 11.84 -18.12 -1.49
C ASP E 314 12.81 -17.23 -0.75
N THR E 315 12.66 -15.93 -0.97
CA THR E 315 13.53 -14.96 -0.35
C THR E 315 12.86 -14.33 0.85
N THR E 316 11.64 -14.75 1.14
CA THR E 316 10.88 -14.20 2.26
C THR E 316 11.45 -14.64 3.61
N ARG E 317 12.47 -15.49 3.57
CA ARG E 317 13.11 -16.00 4.78
C ARG E 317 14.61 -15.94 4.61
N SER E 318 15.09 -14.83 4.06
CA SER E 318 16.50 -14.65 3.79
C SER E 318 17.34 -13.91 4.82
N THR E 319 16.90 -13.91 6.08
CA THR E 319 17.67 -13.21 7.11
C THR E 319 19.05 -13.83 7.24
N ASN E 320 20.07 -12.99 7.11
CA ASN E 320 21.44 -13.43 7.19
C ASN E 320 21.96 -13.14 8.57
N MET E 321 21.84 -14.10 9.48
CA MET E 321 22.31 -13.85 10.82
C MET E 321 23.82 -13.67 10.90
N THR E 322 24.21 -12.97 11.96
CA THR E 322 25.61 -12.65 12.25
C THR E 322 25.97 -13.23 13.60
N LEU E 323 27.21 -13.67 13.75
CA LEU E 323 27.63 -14.21 15.03
C LEU E 323 29.12 -13.98 15.20
N CYS E 324 29.53 -13.70 16.43
CA CYS E 324 30.93 -13.44 16.71
C CYS E 324 31.41 -14.16 17.96
N ALA E 325 32.64 -14.66 17.88
CA ALA E 325 33.28 -15.37 18.96
C ALA E 325 34.47 -14.53 19.39
N SER E 326 34.72 -14.48 20.69
CA SER E 326 35.85 -13.68 21.17
C SER E 326 37.18 -14.44 21.12
N VAL E 327 38.26 -13.67 21.18
CA VAL E 327 39.59 -14.24 21.14
C VAL E 327 40.44 -13.63 22.25
N SER E 328 39.87 -12.68 23.01
CA SER E 328 40.60 -12.02 24.08
C SER E 328 39.72 -11.56 25.23
N LYS E 329 38.76 -12.41 25.59
CA LYS E 329 37.81 -12.12 26.66
C LYS E 329 38.36 -11.49 27.94
N SER E 330 38.81 -10.27 27.86
CA SER E 330 39.29 -9.56 29.04
C SER E 330 39.61 -8.08 28.79
N ALA E 331 40.42 -7.81 27.76
CA ALA E 331 40.76 -6.43 27.51
C ALA E 331 39.48 -5.56 27.61
N THR E 332 39.65 -4.26 27.84
CA THR E 332 38.53 -3.30 27.84
C THR E 332 38.11 -3.09 26.39
N TYR E 333 36.88 -3.50 26.08
CA TYR E 333 36.32 -3.51 24.73
C TYR E 333 37.29 -3.15 23.63
N THR E 334 37.68 -4.16 22.87
CA THR E 334 38.62 -3.99 21.77
C THR E 334 38.13 -4.79 20.57
N ASN E 335 37.81 -4.10 19.48
CA ASN E 335 37.34 -4.77 18.28
C ASN E 335 38.17 -6.00 17.92
N SER E 336 39.48 -5.87 17.95
CA SER E 336 40.35 -6.99 17.59
C SER E 336 40.09 -8.24 18.45
N ASP E 337 39.40 -8.08 19.57
CA ASP E 337 39.11 -9.22 20.45
C ASP E 337 38.06 -10.17 19.87
N TYR E 338 37.44 -9.78 18.77
CA TYR E 338 36.38 -10.60 18.17
C TYR E 338 36.43 -10.88 16.68
N LYS E 339 35.85 -12.01 16.30
CA LYS E 339 35.78 -12.41 14.90
C LYS E 339 34.31 -12.54 14.51
N GLU E 340 33.87 -11.70 13.59
CA GLU E 340 32.49 -11.71 13.13
C GLU E 340 32.32 -12.66 11.93
N TYR E 341 31.17 -13.34 11.87
CA TYR E 341 30.89 -14.26 10.76
C TYR E 341 29.51 -14.07 10.16
N MET E 342 29.26 -14.74 9.03
CA MET E 342 27.98 -14.68 8.32
C MET E 342 27.44 -16.07 8.12
N ARG E 343 26.19 -16.31 8.50
CA ARG E 343 25.59 -17.63 8.30
C ARG E 343 24.13 -17.53 7.90
N HIS E 344 23.73 -18.28 6.88
CA HIS E 344 22.34 -18.28 6.49
C HIS E 344 21.76 -19.67 6.67
N VAL E 345 20.45 -19.74 6.74
CA VAL E 345 19.79 -21.01 6.95
C VAL E 345 18.51 -21.20 6.15
N GLU E 346 18.24 -22.46 5.78
CA GLU E 346 17.07 -22.80 5.02
C GLU E 346 16.44 -24.02 5.68
N GLU E 347 15.13 -24.00 5.82
CA GLU E 347 14.40 -25.10 6.44
C GLU E 347 13.23 -25.55 5.58
N PHE E 348 13.30 -26.76 5.04
CA PHE E 348 12.21 -27.27 4.22
C PHE E 348 11.57 -28.51 4.80
N ASP E 349 10.47 -28.93 4.17
CA ASP E 349 9.71 -30.14 4.53
C ASP E 349 8.71 -30.41 3.40
N LEU E 350 9.19 -31.03 2.33
CA LEU E 350 8.40 -31.36 1.16
C LEU E 350 7.47 -32.54 1.39
N GLN E 351 6.17 -32.32 1.31
CA GLN E 351 5.21 -33.40 1.52
C GLN E 351 4.31 -33.50 0.31
N PHE E 352 4.04 -34.71 -0.15
CA PHE E 352 3.21 -34.89 -1.32
C PHE E 352 2.09 -35.89 -1.11
N ILE E 353 1.32 -36.13 -2.17
CA ILE E 353 0.24 -37.11 -2.18
C ILE E 353 0.16 -37.66 -3.61
N PHE E 354 0.52 -38.94 -3.79
CA PHE E 354 0.50 -39.56 -5.12
C PHE E 354 -0.62 -40.55 -5.34
N GLN E 355 -0.95 -40.73 -6.61
CA GLN E 355 -2.03 -41.63 -7.02
C GLN E 355 -1.59 -42.69 -8.02
N LEU E 356 -1.74 -43.97 -7.66
CA LEU E 356 -1.36 -45.07 -8.53
C LEU E 356 -2.15 -45.09 -9.82
N CYS E 357 -1.46 -45.27 -10.95
CA CYS E 357 -2.11 -45.31 -12.26
C CYS E 357 -1.62 -46.52 -13.04
N SER E 358 -2.29 -46.88 -14.12
CA SER E 358 -1.86 -48.02 -14.93
C SER E 358 -1.92 -47.65 -16.39
N ILE E 359 -1.25 -48.45 -17.21
CA ILE E 359 -1.19 -48.23 -18.65
C ILE E 359 -1.14 -49.54 -19.42
N THR E 360 -2.22 -49.91 -20.11
CA THR E 360 -2.20 -51.15 -20.89
C THR E 360 -1.35 -50.87 -22.11
N LEU E 361 -0.27 -51.64 -22.25
CA LEU E 361 0.66 -51.45 -23.33
C LEU E 361 0.20 -51.99 -24.66
N SER E 362 -0.78 -51.32 -25.27
CA SER E 362 -1.26 -51.75 -26.58
C SER E 362 -0.22 -51.33 -27.62
N ALA E 363 -0.36 -51.86 -28.82
CA ALA E 363 0.57 -51.55 -29.90
C ALA E 363 0.74 -50.04 -30.08
N GLU E 364 -0.38 -49.35 -30.21
CA GLU E 364 -0.35 -47.91 -30.40
C GLU E 364 0.22 -47.16 -29.19
N VAL E 365 -0.15 -47.54 -27.97
CA VAL E 365 0.37 -46.85 -26.81
C VAL E 365 1.88 -46.99 -26.77
N MET E 366 2.36 -48.18 -27.06
CA MET E 366 3.79 -48.46 -27.06
C MET E 366 4.50 -47.48 -27.98
N ALA E 367 3.89 -47.25 -29.13
CA ALA E 367 4.45 -46.36 -30.13
C ALA E 367 4.54 -44.94 -29.61
N TYR E 368 3.40 -44.34 -29.32
CA TYR E 368 3.33 -42.97 -28.82
C TYR E 368 4.37 -42.70 -27.75
N ILE E 369 4.47 -43.60 -26.78
CA ILE E 369 5.41 -43.45 -25.70
C ILE E 369 6.85 -43.52 -26.18
N HIS E 370 7.14 -44.47 -27.04
CA HIS E 370 8.49 -44.63 -27.54
C HIS E 370 8.98 -43.36 -28.22
N THR E 371 8.07 -42.62 -28.82
CA THR E 371 8.42 -41.38 -29.50
C THR E 371 8.54 -40.27 -28.46
N MET E 372 7.67 -40.30 -27.46
CA MET E 372 7.67 -39.31 -26.40
C MET E 372 8.88 -39.44 -25.49
N ASN E 373 9.02 -40.56 -24.81
CA ASN E 373 10.16 -40.77 -23.94
C ASN E 373 10.59 -42.23 -23.99
N PRO E 374 11.41 -42.59 -24.99
CA PRO E 374 11.87 -43.97 -25.11
C PRO E 374 12.39 -44.57 -23.82
N SER E 375 12.92 -43.71 -22.94
CA SER E 375 13.47 -44.16 -21.68
C SER E 375 12.40 -44.91 -20.92
N VAL E 376 11.25 -44.26 -20.80
CA VAL E 376 10.14 -44.85 -20.06
C VAL E 376 9.89 -46.32 -20.36
N LEU E 377 9.96 -46.72 -21.62
CA LEU E 377 9.75 -48.11 -21.99
C LEU E 377 10.96 -48.98 -21.66
N GLU E 378 12.13 -48.53 -22.07
CA GLU E 378 13.36 -49.27 -21.84
C GLU E 378 13.50 -49.63 -20.36
N ASP E 379 12.83 -48.89 -19.48
CA ASP E 379 12.94 -49.18 -18.04
C ASP E 379 11.93 -50.24 -17.61
N TRP E 380 10.71 -50.14 -18.14
CA TRP E 380 9.67 -51.09 -17.79
C TRP E 380 10.04 -52.47 -18.28
N ASN E 381 10.93 -53.15 -17.54
CA ASN E 381 11.38 -54.51 -17.89
C ASN E 381 11.72 -55.40 -16.69
N LYS E 387 22.39 -48.78 -16.14
CA LYS E 387 22.08 -47.59 -16.95
C LYS E 387 22.76 -46.33 -16.42
N GLN E 388 22.80 -45.29 -17.26
CA GLN E 388 23.42 -44.02 -16.88
C GLN E 388 22.38 -42.93 -16.56
N ASP E 389 22.81 -41.89 -15.85
CA ASP E 389 21.93 -40.76 -15.48
C ASP E 389 21.94 -39.68 -16.58
N PRO E 390 20.76 -39.37 -17.15
CA PRO E 390 20.62 -38.35 -18.20
C PRO E 390 20.96 -36.95 -17.70
N TYR E 391 21.16 -36.85 -16.39
CA TYR E 391 21.50 -35.60 -15.73
C TYR E 391 22.51 -35.89 -14.62
N LYS E 392 23.49 -36.73 -14.92
CA LYS E 392 24.52 -37.09 -13.95
C LYS E 392 25.42 -35.89 -13.61
N ASP E 393 25.72 -35.09 -14.63
CA ASP E 393 26.58 -33.93 -14.43
C ASP E 393 25.90 -32.84 -13.59
N MET E 394 24.60 -32.64 -13.83
CA MET E 394 23.84 -31.62 -13.12
C MET E 394 23.72 -31.89 -11.61
N SER E 395 23.46 -30.86 -10.83
CA SER E 395 23.34 -31.02 -9.38
C SER E 395 21.99 -30.60 -8.82
N PHE E 396 21.31 -31.55 -8.19
CA PHE E 396 20.02 -31.32 -7.58
C PHE E 396 20.04 -31.83 -6.15
N TRP E 397 19.13 -31.34 -5.33
CA TRP E 397 19.05 -31.78 -3.96
C TRP E 397 18.29 -33.10 -3.99
N GLU E 398 19.02 -34.21 -3.94
CA GLU E 398 18.39 -35.54 -3.96
C GLU E 398 17.45 -35.74 -2.78
N VAL E 399 16.19 -36.06 -3.07
CA VAL E 399 15.24 -36.32 -2.00
C VAL E 399 14.70 -37.71 -2.26
N ASN E 400 15.16 -38.67 -1.48
CA ASN E 400 14.70 -40.04 -1.66
C ASN E 400 13.45 -40.33 -0.87
N LEU E 401 12.38 -40.70 -1.57
CA LEU E 401 11.12 -41.00 -0.92
C LEU E 401 10.70 -42.46 -1.04
N LYS E 402 11.63 -43.32 -1.41
CA LYS E 402 11.30 -44.74 -1.56
C LYS E 402 10.68 -45.37 -0.31
N GLU E 403 11.37 -45.30 0.82
CA GLU E 403 10.82 -45.88 2.05
C GLU E 403 9.92 -44.90 2.76
N LYS E 404 9.40 -43.90 2.04
CA LYS E 404 8.56 -42.87 2.67
C LYS E 404 7.07 -42.88 2.35
N PHE E 405 6.63 -43.76 1.47
CA PHE E 405 5.23 -43.82 1.10
C PHE E 405 4.37 -44.48 2.18
N SER E 406 3.08 -44.15 2.20
CA SER E 406 2.13 -44.74 3.12
C SER E 406 0.72 -44.49 2.68
N SER E 407 -0.14 -45.50 2.78
CA SER E 407 -1.54 -45.39 2.37
C SER E 407 -2.46 -45.02 3.52
N GLU E 408 -1.87 -44.68 4.66
CA GLU E 408 -2.61 -44.27 5.84
C GLU E 408 -2.75 -42.74 5.86
N LEU E 409 -3.39 -42.21 4.83
CA LEU E 409 -3.58 -40.77 4.66
C LEU E 409 -3.90 -39.95 5.90
N ASP E 410 -4.92 -40.39 6.65
CA ASP E 410 -5.36 -39.67 7.85
C ASP E 410 -4.30 -39.60 8.95
N GLN E 411 -3.12 -40.14 8.68
CA GLN E 411 -2.04 -40.11 9.66
C GLN E 411 -1.07 -38.95 9.39
N PHE E 412 -1.32 -38.18 8.34
CA PHE E 412 -0.45 -37.07 8.00
C PHE E 412 -1.20 -35.78 7.70
N PRO E 413 -0.63 -34.62 8.07
CA PRO E 413 -1.29 -33.35 7.82
C PRO E 413 -1.81 -33.15 6.40
N LEU E 414 -0.97 -33.37 5.39
CA LEU E 414 -1.42 -33.22 4.01
C LEU E 414 -2.48 -34.26 3.68
N GLY E 415 -2.30 -35.46 4.24
CA GLY E 415 -3.24 -36.53 4.02
C GLY E 415 -4.59 -36.10 4.55
N ARG E 416 -4.61 -35.61 5.78
CA ARG E 416 -5.84 -35.14 6.37
C ARG E 416 -6.45 -34.06 5.49
N LYS E 417 -5.64 -33.10 5.10
CA LYS E 417 -6.09 -32.01 4.25
C LYS E 417 -6.68 -32.56 2.97
N PHE E 418 -6.04 -33.61 2.45
CA PHE E 418 -6.49 -34.23 1.22
C PHE E 418 -7.90 -34.79 1.38
N LEU E 419 -8.05 -35.79 2.24
CA LEU E 419 -9.36 -36.40 2.48
C LEU E 419 -10.39 -35.29 2.60
N LEU E 420 -10.11 -34.33 3.46
CA LEU E 420 -11.01 -33.20 3.65
C LEU E 420 -11.37 -32.59 2.29
N GLN E 421 -10.38 -32.00 1.63
CA GLN E 421 -10.57 -31.38 0.33
C GLN E 421 -11.28 -32.27 -0.67
N SER E 422 -10.89 -33.53 -0.74
CA SER E 422 -11.51 -34.45 -1.69
C SER E 422 -12.91 -34.85 -1.27
N GLY E 423 -13.45 -34.13 -0.29
CA GLY E 423 -14.78 -34.42 0.20
C GLY E 423 -14.97 -35.82 0.78
N TYR E 424 -14.50 -36.86 0.09
CA TYR E 424 -14.69 -38.22 0.58
C TYR E 424 -13.38 -38.83 1.13
#